data_8BBF
#
_entry.id   8BBF
#
loop_
_entity.id
_entity.type
_entity.pdbx_description
1 polymer 'WD repeat-containing protein 19'
2 polymer 'Intraflagellar transport protein 140 homolog'
3 polymer 'Intraflagellar transport protein 122 homolog'
#
loop_
_entity_poly.entity_id
_entity_poly.type
_entity_poly.pdbx_seq_one_letter_code
_entity_poly.pdbx_strand_id
1 'polypeptide(L)'
;MKRIFSLLEKTWLGAPIQFAWQKTSGNYLAVTGADYIVKIFDRHGQKRSEINLPGNCVAMDWDKDGDVLAVIAEKSSCIY
LWDANTNKTSQLDNGMRDQMSFLLWSKVGSFLAVGTVKGNLLIYNHQTSRKIPVLGKHTKRITCGCWNAENLLALGGEDK
MITVSNQEGDTIRQTQVRSEPSNMQFFLMKMDDRTSAAESMISVVLGKKTLFFLNLNEPDNPADLEFQQDFGNIVCYNWY
GDGRIMIGFSCGHFVVISTHTGELGQEIFQARNHKDNLTSIAVSQTLNKVATCGDNCIKIQDLVDLKDMYVILNLDEENK
GLGTLSWTDDGQLLALSTQRGSLHVFLTKLPILGDACSTRIAYLTSLLEVTVANPVEGELPITVSVDVEPNFVAVGLYHL
AVGMNNRAWFYVLGENAVKKLKDMEYLGTVASICLHSDYAAALFEGKVQLHLIESEILDAQEERETRLFPAVDDKCRILC
HALTSDFLIYGTDTGVVQYFYIEDWQFVNDYRHPVSVKKIFPDPNGTRLVFIDEKSDGFVYCPVNDATYEIPDFSPTIKG
VLWENWPMDKGVFIAYDDDKVYTYVFHKDTIQGAKVILAGSTKVPFAHKPLLLYNGELTCQTQSGKVNNIYLSTHGFLSN
LKDTGPDELRPMLAQNLMLKRFSDAWEMCRILNDEAAWNELARACLHHMEVEFAIRVYRRIGNVGIVMSLEQIKGIEDYN
LLAGHLAMFTNDYNLAQDLYLASSCPIAALEMRRDLQHWDSALQLAKHLAPDQIPFISKEYAIQLEFAGDYVNALAHYEK
GITGDNKEHDEACLAGVAQMSIRMGDIRRGVNQALKHPSRVLKRDCGAILENMKQFSEAAQLYEKGLYYDKAASVYIRSK
NWAKVGDLLPHVSSPKIHLQYAKAKEADGRYKEAVVAYENAKQWQSVIRIYLDHLNNPEKAVNIVRETQSLDGAKMVARF
FLQLGDYGSAIQFLVMSKCNNEAFTLAQQHNKMEIYADIIGSEDTTNEDYQSIALYFEGEKRYLQAGKFFLLCGQYSRAL
KHFLKCPSSEDNVAIEMAIETVGQAKDELLTNQLIDHLLGENDGMPKDAKYLFRLYMALKQYREAAQTAIIIAREEQSAG
NYRNAHDVLFSMYAELKSQKIKIPSEMATNLMILHSYILVKIHVKNGDHMKGARMLIRVANNISKFPSHIVPILTSTVIE
CHRAGLKNSAFSFAAMLMRPEYRSKIDAKYKKKIEGMVRRPDISEIEEATTPCPFCKFLLPECELLCPGCKNSIPYCIAT
GRHMLKDDWTVCPHCDFPALYSELKIMLNTESTCPMCSERLNAAQLKKISDCTQYLRTEEELENLYFQSDYKDDDDK
;
A
2 'polypeptide(L)'
;MALYYDHQIEAPDAAGSPSFISWHPVHPFLAVAYISTTSTGSVDIYLEQGECVPDTHVERPFRVASLCWHPTRLVLAVGW
ETGEVTVFNKQDKEQHTMPLTHTADITVLRWSPSGNCLLSGDRLGVLLLWRLDQRGRVQGTPLLKHEYGKHLTHCIFRLP
PPGEDLVQLAKAAVSGDEKALDMFNWKKSSSGSLLKMGSHEGLLFFVSLMDGTVHYVDEKGKTTQVVSADSTIQMLFYME
KREALVVVTENLRLSLYTVPPEGKAEEVMKVKLSGKTGRRADIALIEGSLLVMAVGEAALRFWDIERGENYILSPDEKFG
FEKGENMNCVCYCKVKGLLAAGTDRGRVAMWRKVPDFLGSPGAEGKDRWALQTPTELQGNITQIQWGSRKNLLAVNSVIS
VAILSERAMSSHFHQQVAAMQVSPSLLNVCFLSTGVAHSLRTDMHISGVFATKDAVAVWNGRQVAIFELSGAAIRSAGTF
LCETPVLAMHEENVYTVESNRVQVRTWQGTVKQLLLFSETEGNPCFLDICGNFLVVGTDLAHFKSFDLSRREAKAHCSCR
SLAELVPGVGGIASLRCSSSGSTISILPSKADNSPDSKICFYDVEMDTVTVFDFKTGQIDRRETLSFNEQETNKSHLFVD
EGLKNYVPVNHFWDQSEPRLFVCEAVQETPRSQPQSANGQPQDGRAGPAADVLILSFFISEEHGFLLHESFPRPATSHSL
LGMEVPYYYFTRKPEEADREDEVEPGCHHIPQMVSRRPLRDFVGLEDCDKATRDAMLHFSFFVTIGDMDEAFKSIKLIKS
EAVWENMARMCVKTQRLDVAKVCLGNMGHARGARALREAEQEPELEARVAVLATQLGMLEDAEQLYRKCKRHDLLNKFYQ
AAGRWQEALQVAEHHDRVHLRSTYHRYAGHLEASADCSRALSYYEKSDTHRFEVPRMLSEDLPSLELYVNKMKDKTLWRW
WAQYLESQGEMDAALHYYELARDHFSLVRIHCFQGNVQKAAQIANETGNLAASYHLARQYESQEEVGQAVHFYTRAQAFK
NAIRLCKENGLDDQLMNLALLSSPEDMIEAARYYEEKGVQMDRAVMLYHKAGHFSKALELAFATQQFVALQLIAEDLDET
SDPALLARCSDFFIEHSQYERAVELLLAARKYQEALQLCLGQNMSITEEMAEKMTVAKDSSDLPEESRRELLEQIADCCM
RQGSYHLATKKYTQAGNKLKAMRALLKSGDTEKITFFASVSRQKEIYIMAANYLQSLDWRKEPEIMKNIIGFYTKGRALD
LLAGFYDACAQVEIDEYQNYDKAHGALTEAYKCLAKAKAKSPLDQETRLAQLQSRMALVKRFIQARRTYTEDPKESIKQC
ELLLEEPDLDSTIRIGDVYGFLVEHYVRKEEYQTAYRFLEEMRRRLPLANMSYYVSPQAVDAVHRGLGLPLPRTVPEQVR
HNSMEDARELDEEVVEEADDDPENLYFQSWSHPQFEK
;
B
3 'polypeptide(L)'
;MRAVLTWRDKAEHCINDIAFKPDGTQLILAAGSRLLVYDTSDGTLLQPLKGHKDTVYCVAYAKDGKRFASGSADKSVIIW
TSKLEGILKYTHNDAIQCVSYNPITHQLASCSSSDFGLWSPEQKSVSKHKSSSKIICCSWTNDGQYLALGMFNGIISIRN
KNGEEKVKIERPGGSLSPIWSICWNPSSRWESFWMNRENEDAEDVIVNRYIQEIPSTLKSAVYSSQGSEAEEEEPEEEDD
SPRDDNLEERNDILAVADWGQKVSFYQLSGKQIGKDRALNFDPCCISYFTKGEYILLGGSDKQVSLFTKDGVRLGTVGEQ
NSWVWTCQAKPDSNYVVVGCQDGTISFYQLIFSTVHGLYKDRYAYRDSMTDVIVQHLITEQKVRIKCKELVKKIAIYRNR
LAIQLPEKILIYELYSEDLSDMHYRVKEKIIKKFECNLLVVCANHIILCQEKRLQCLSFSGVKEREWQMESLIRYIKVIG
GPPGREGLLVGLKNGQILKIFVDNLFAIVLLKQATAVRCLDMSASRKKLAVVDENDTCLVYDIDTKELLFQEPNANSVAW
NTQCEDMLCFSGGGYLNIKASTFPVHRQKLQGFVVGYNGSKIFCLHVFSISAVEVPQSAPMYQYLDRKLFKEAYQIACLG
VTDTDWRELAMEALEGLDFETAKKAFIRVQDLRYLELISSIEERKKRGETNNDLFLADVFSYQGKFHEAAKLYKRSGHEN
LALEMYTDLCMFEYAKDFLGSGDPKETKMLITKQADWARNIKEPKAAVEMYISAGEHVKAIEICGDHGWVDMLIDIARKL
DKAEREPLLLCATYLKKLDSPGYAAETYLKMGDLKSLVQLHVETQRWDEAFALGEKHPEFKDDIYMPYAQWLAENDRFEE
AQKAFHKAGRQREAVQVLEQLTNNAVAESRFNDAAYYYWMLSMQCLDIAQDPAQKDTMLGKFYHFQRLAELYHGYHAIHR
HTEDPFSVHRPETLFNISRFLLHSLPKDTPSGISKVKILFTLAKQSKALGAYRLARHAYDKLRGLYIPARFQKSIELGTL
TIRAKPFHDSEELVPLCYRCSTNNPLLNNLGNVCINCRQPFIFSASSYDVLHLVEFYLEEGITDEEAISLIDLEVLRPKR
DDRQLEIANNSSQILRLVETKDSIGDEDPFTAKLSFEQGGSEFVPVVVSRLVLRSMSRRDVLIKRWPPPLRWQYFRSLLP
DASITMCPSCFQMFHSEDYELLVLQHGCCPYCRRCKDDPGP
;
C
#
# COMPACT_ATOMS: atom_id res chain seq x y z
N MET A 1 -8.53 -2.77 53.46
CA MET A 1 -9.08 -2.92 54.83
C MET A 1 -9.37 -1.55 55.43
N LYS A 2 -10.57 -1.36 56.02
CA LYS A 2 -11.04 -0.07 56.59
C LYS A 2 -11.68 -0.29 57.96
N ARG A 3 -11.40 0.58 58.94
CA ARG A 3 -12.01 0.52 60.28
C ARG A 3 -13.47 0.97 60.21
N ILE A 4 -14.42 0.10 60.56
CA ILE A 4 -15.85 0.41 60.54
C ILE A 4 -16.24 1.17 61.81
N PHE A 5 -15.87 0.62 62.97
CA PHE A 5 -16.19 1.19 64.29
C PHE A 5 -15.18 0.78 65.36
N SER A 6 -15.19 1.51 66.46
CA SER A 6 -14.37 1.28 67.65
C SER A 6 -15.20 1.46 68.91
N LEU A 7 -15.02 0.57 69.89
CA LEU A 7 -15.68 0.63 71.20
C LEU A 7 -14.66 1.08 72.24
N LEU A 8 -14.94 2.20 72.91
CA LEU A 8 -14.09 2.83 73.93
C LEU A 8 -14.94 3.27 75.12
N GLU A 9 -15.52 2.28 75.82
CA GLU A 9 -16.28 2.47 77.06
C GLU A 9 -15.38 2.93 78.22
N LYS A 10 -15.75 4.02 78.91
CA LYS A 10 -15.02 4.52 80.10
C LYS A 10 -14.88 3.46 81.20
N THR A 11 -15.84 2.55 81.30
CA THR A 11 -15.86 1.44 82.26
C THR A 11 -14.81 0.35 82.00
N TRP A 12 -14.24 0.28 80.79
CA TRP A 12 -13.23 -0.74 80.41
C TRP A 12 -11.79 -0.21 80.39
N LEU A 13 -11.58 1.12 80.44
CA LEU A 13 -10.24 1.72 80.36
C LEU A 13 -9.30 1.19 81.45
N GLY A 14 -8.11 0.75 81.03
CA GLY A 14 -7.07 0.19 81.91
C GLY A 14 -7.20 -1.30 82.25
N ALA A 15 -8.16 -2.03 81.67
CA ALA A 15 -8.30 -3.49 81.84
C ALA A 15 -8.49 -4.21 80.49
N PRO A 16 -8.04 -5.47 80.34
CA PRO A 16 -8.32 -6.27 79.15
C PRO A 16 -9.82 -6.61 79.03
N ILE A 17 -10.24 -6.99 77.82
CA ILE A 17 -11.63 -7.34 77.47
C ILE A 17 -11.70 -8.68 76.73
N GLN A 18 -12.86 -9.35 76.77
CA GLN A 18 -13.15 -10.56 76.01
C GLN A 18 -14.34 -10.33 75.06
N PHE A 19 -14.36 -11.01 73.91
CA PHE A 19 -15.41 -10.85 72.90
C PHE A 19 -15.67 -12.12 72.06
N ALA A 20 -16.87 -12.24 71.46
CA ALA A 20 -17.25 -13.39 70.62
C ALA A 20 -18.29 -13.05 69.51
N TRP A 21 -18.18 -13.66 68.32
CA TRP A 21 -18.72 -13.17 67.03
C TRP A 21 -20.07 -13.72 66.48
N GLN A 22 -20.88 -14.46 67.24
CA GLN A 22 -22.09 -15.17 66.72
C GLN A 22 -21.78 -16.29 65.69
N LYS A 23 -20.52 -16.73 65.56
CA LYS A 23 -20.08 -17.91 64.79
C LYS A 23 -20.72 -18.00 63.39
N THR A 24 -21.56 -19.01 63.16
CA THR A 24 -22.20 -19.38 61.89
C THR A 24 -23.06 -18.28 61.26
N SER A 25 -23.53 -17.32 62.05
CA SER A 25 -24.32 -16.17 61.57
C SER A 25 -23.80 -14.88 62.21
N GLY A 26 -22.73 -14.30 61.67
CA GLY A 26 -21.93 -13.26 62.33
C GLY A 26 -22.56 -11.87 62.48
N ASN A 27 -23.87 -11.75 62.74
CA ASN A 27 -24.58 -10.47 62.81
C ASN A 27 -24.34 -9.72 64.13
N TYR A 28 -24.02 -10.44 65.22
CA TYR A 28 -23.83 -9.89 66.55
C TYR A 28 -22.43 -10.13 67.10
N LEU A 29 -21.98 -9.21 67.96
CA LEU A 29 -20.67 -9.21 68.59
C LEU A 29 -20.84 -8.97 70.10
N ALA A 30 -20.67 -10.02 70.90
CA ALA A 30 -20.67 -9.96 72.36
C ALA A 30 -19.31 -9.48 72.88
N VAL A 31 -19.28 -8.60 73.89
CA VAL A 31 -18.06 -8.01 74.48
C VAL A 31 -18.21 -7.84 75.99
N THR A 32 -17.15 -7.99 76.78
CA THR A 32 -17.17 -7.84 78.25
C THR A 32 -15.85 -7.32 78.82
N GLY A 33 -15.92 -6.62 79.96
CA GLY A 33 -14.78 -6.10 80.73
C GLY A 33 -15.03 -6.09 82.24
N ALA A 34 -14.26 -5.29 83.00
CA ALA A 34 -14.29 -5.27 84.46
C ALA A 34 -15.59 -4.67 85.09
N ASP A 35 -16.59 -4.30 84.29
CA ASP A 35 -17.86 -3.72 84.76
C ASP A 35 -18.97 -4.77 85.02
N TYR A 36 -18.64 -6.06 84.97
CA TYR A 36 -19.55 -7.19 85.25
C TYR A 36 -20.76 -7.24 84.28
N ILE A 37 -20.58 -6.82 83.03
CA ILE A 37 -21.62 -6.79 82.00
C ILE A 37 -21.08 -7.46 80.72
N VAL A 38 -21.95 -8.18 80.00
CA VAL A 38 -21.71 -8.54 78.58
C VAL A 38 -22.60 -7.66 77.71
N LYS A 39 -22.03 -6.95 76.74
CA LYS A 39 -22.71 -6.01 75.84
C LYS A 39 -22.70 -6.59 74.42
N ILE A 40 -23.84 -6.57 73.74
CA ILE A 40 -24.02 -7.21 72.43
C ILE A 40 -24.25 -6.12 71.36
N PHE A 41 -23.37 -6.05 70.36
CA PHE A 41 -23.37 -5.09 69.26
C PHE A 41 -23.64 -5.78 67.91
N ASP A 42 -23.60 -5.07 66.77
CA ASP A 42 -24.37 -5.41 65.56
C ASP A 42 -23.69 -5.25 64.19
N ARG A 43 -22.36 -5.38 64.10
CA ARG A 43 -21.50 -4.98 62.94
C ARG A 43 -21.38 -3.47 62.69
N HIS A 44 -22.17 -2.61 63.35
CA HIS A 44 -22.12 -1.15 63.20
C HIS A 44 -21.79 -0.42 64.51
N GLY A 45 -21.41 -1.15 65.56
CA GLY A 45 -21.07 -0.59 66.86
C GLY A 45 -22.26 -0.08 67.67
N GLN A 46 -23.50 -0.48 67.35
CA GLN A 46 -24.69 -0.06 68.11
C GLN A 46 -25.16 -1.19 69.04
N LYS A 47 -25.31 -0.88 70.33
CA LYS A 47 -25.63 -1.86 71.37
C LYS A 47 -27.10 -2.31 71.24
N ARG A 48 -27.32 -3.60 71.00
CA ARG A 48 -28.63 -4.24 70.87
C ARG A 48 -29.15 -4.84 72.18
N SER A 49 -28.26 -5.32 73.05
CA SER A 49 -28.63 -5.92 74.34
C SER A 49 -27.46 -5.95 75.33
N GLU A 50 -27.75 -6.18 76.60
CA GLU A 50 -26.76 -6.36 77.66
C GLU A 50 -27.20 -7.40 78.70
N ILE A 51 -26.23 -8.15 79.23
CA ILE A 51 -26.39 -9.17 80.27
C ILE A 51 -25.65 -8.71 81.52
N ASN A 52 -26.34 -8.61 82.65
CA ASN A 52 -25.74 -8.19 83.92
C ASN A 52 -25.30 -9.42 84.72
N LEU A 53 -24.08 -9.37 85.27
CA LEU A 53 -23.46 -10.47 86.01
C LEU A 53 -23.19 -10.05 87.47
N PRO A 54 -23.22 -10.98 88.45
CA PRO A 54 -22.88 -10.70 89.85
C PRO A 54 -21.37 -10.55 90.11
N GLY A 55 -20.52 -10.75 89.09
CA GLY A 55 -19.07 -10.68 89.14
C GLY A 55 -18.47 -10.68 87.72
N ASN A 56 -17.15 -10.79 87.60
CA ASN A 56 -16.47 -10.84 86.30
C ASN A 56 -16.99 -11.98 85.41
N CYS A 57 -17.11 -11.74 84.10
CA CYS A 57 -17.32 -12.82 83.13
C CYS A 57 -16.08 -13.73 83.10
N VAL A 58 -16.27 -15.01 83.43
CA VAL A 58 -15.21 -16.02 83.40
C VAL A 58 -15.02 -16.55 81.98
N ALA A 59 -16.12 -16.76 81.24
CA ALA A 59 -16.12 -17.17 79.84
C ALA A 59 -17.50 -16.89 79.18
N MET A 60 -17.50 -16.82 77.86
CA MET A 60 -18.71 -16.77 77.03
C MET A 60 -18.53 -17.62 75.77
N ASP A 61 -19.61 -18.19 75.24
CA ASP A 61 -19.59 -18.89 73.95
C ASP A 61 -20.97 -18.91 73.26
N TRP A 62 -21.01 -18.93 71.92
CA TRP A 62 -22.24 -19.06 71.13
C TRP A 62 -22.53 -20.50 70.69
N ASP A 63 -23.80 -20.88 70.56
CA ASP A 63 -24.19 -22.19 70.04
C ASP A 63 -23.86 -22.37 68.55
N LYS A 64 -23.99 -23.62 68.05
CA LYS A 64 -23.61 -24.02 66.68
C LYS A 64 -24.25 -23.19 65.56
N ASP A 65 -25.46 -22.66 65.80
CA ASP A 65 -26.22 -21.86 64.85
C ASP A 65 -26.13 -20.35 65.10
N GLY A 66 -25.48 -19.91 66.18
CA GLY A 66 -25.47 -18.52 66.60
C GLY A 66 -26.82 -18.00 67.10
N ASP A 67 -27.75 -18.88 67.47
CA ASP A 67 -29.05 -18.54 68.04
C ASP A 67 -28.97 -18.20 69.52
N VAL A 68 -28.01 -18.78 70.26
CA VAL A 68 -27.87 -18.59 71.71
C VAL A 68 -26.44 -18.25 72.09
N LEU A 69 -26.28 -17.27 72.97
CA LEU A 69 -25.04 -16.94 73.66
C LEU A 69 -25.12 -17.46 75.10
N ALA A 70 -24.13 -18.21 75.54
CA ALA A 70 -23.95 -18.61 76.93
C ALA A 70 -22.83 -17.81 77.59
N VAL A 71 -23.00 -17.49 78.87
CA VAL A 71 -22.05 -16.73 79.70
C VAL A 71 -21.95 -17.34 81.09
N ILE A 72 -20.76 -17.37 81.69
CA ILE A 72 -20.53 -17.71 83.11
C ILE A 72 -19.77 -16.60 83.84
N ALA A 73 -20.00 -16.47 85.14
CA ALA A 73 -19.50 -15.37 85.97
C ALA A 73 -18.89 -15.85 87.29
N GLU A 74 -17.96 -15.06 87.84
CA GLU A 74 -17.46 -15.24 89.20
C GLU A 74 -18.57 -15.13 90.26
N LYS A 75 -18.42 -15.85 91.37
CA LYS A 75 -19.35 -15.88 92.52
C LYS A 75 -20.81 -16.17 92.13
N SER A 76 -21.02 -17.02 91.12
CA SER A 76 -22.34 -17.44 90.62
C SER A 76 -22.38 -18.94 90.32
N SER A 77 -23.52 -19.59 90.59
CA SER A 77 -23.82 -20.95 90.11
C SER A 77 -24.66 -20.95 88.82
N CYS A 78 -25.10 -19.78 88.32
CA CYS A 78 -25.96 -19.68 87.14
C CYS A 78 -25.15 -19.42 85.87
N ILE A 79 -25.37 -20.25 84.85
CA ILE A 79 -25.09 -19.91 83.46
C ILE A 79 -26.17 -18.94 82.98
N TYR A 80 -25.80 -17.93 82.19
CA TYR A 80 -26.74 -16.98 81.58
C TYR A 80 -26.82 -17.26 80.08
N LEU A 81 -28.04 -17.49 79.58
CA LEU A 81 -28.32 -17.83 78.18
C LEU A 81 -29.15 -16.73 77.52
N TRP A 82 -28.61 -16.12 76.46
CA TRP A 82 -29.24 -15.03 75.69
C TRP A 82 -29.59 -15.49 74.27
N ASP A 83 -30.82 -15.19 73.82
CA ASP A 83 -31.37 -15.70 72.55
C ASP A 83 -31.46 -14.60 71.49
N ALA A 84 -30.74 -14.78 70.39
CA ALA A 84 -30.66 -13.86 69.25
C ALA A 84 -31.99 -13.64 68.50
N ASN A 85 -32.93 -14.57 68.59
CA ASN A 85 -34.21 -14.48 67.87
C ASN A 85 -35.24 -13.65 68.65
N THR A 86 -35.07 -13.53 69.96
CA THR A 86 -35.97 -12.80 70.87
C THR A 86 -35.31 -11.61 71.58
N ASN A 87 -33.97 -11.55 71.57
CA ASN A 87 -33.12 -10.64 72.33
C ASN A 87 -33.25 -10.77 73.86
N LYS A 88 -33.87 -11.85 74.37
CA LYS A 88 -34.10 -12.09 75.81
C LYS A 88 -32.95 -12.83 76.49
N THR A 89 -32.78 -12.59 77.79
CA THR A 89 -31.86 -13.31 78.69
C THR A 89 -32.63 -14.28 79.60
N SER A 90 -32.04 -15.43 79.89
CA SER A 90 -32.54 -16.45 80.81
C SER A 90 -31.41 -17.04 81.65
N GLN A 91 -31.72 -17.70 82.77
CA GLN A 91 -30.74 -18.25 83.70
C GLN A 91 -30.88 -19.77 83.85
N LEU A 92 -29.75 -20.45 84.08
CA LEU A 92 -29.65 -21.90 84.22
C LEU A 92 -28.69 -22.22 85.40
N ASP A 93 -29.25 -22.58 86.55
CA ASP A 93 -28.47 -22.98 87.73
C ASP A 93 -27.74 -24.32 87.51
N ASN A 94 -26.44 -24.37 87.76
CA ASN A 94 -25.59 -25.52 87.39
C ASN A 94 -25.83 -26.78 88.25
N GLY A 95 -26.58 -26.69 89.37
CA GLY A 95 -26.99 -27.81 90.25
C GLY A 95 -25.88 -28.41 91.12
N MET A 96 -24.64 -28.26 90.69
CA MET A 96 -23.48 -28.18 91.59
C MET A 96 -23.67 -26.82 92.31
N ARG A 97 -22.77 -26.37 93.18
CA ARG A 97 -22.84 -24.99 93.73
C ARG A 97 -21.47 -24.28 93.73
N ASP A 98 -20.54 -24.85 92.97
CA ASP A 98 -19.18 -24.38 92.82
C ASP A 98 -19.06 -23.19 91.85
N GLN A 99 -17.96 -22.44 91.97
CA GLN A 99 -17.57 -21.46 90.96
C GLN A 99 -17.18 -22.16 89.64
N MET A 100 -17.75 -21.68 88.52
CA MET A 100 -17.45 -22.20 87.19
C MET A 100 -16.13 -21.63 86.65
N SER A 101 -15.41 -22.40 85.83
CA SER A 101 -14.06 -22.10 85.33
C SER A 101 -13.86 -22.33 83.83
N PHE A 102 -14.82 -22.98 83.16
CA PHE A 102 -14.76 -23.32 81.73
C PHE A 102 -16.18 -23.37 81.15
N LEU A 103 -16.34 -23.02 79.87
CA LEU A 103 -17.62 -22.96 79.16
C LEU A 103 -17.43 -23.18 77.66
N LEU A 104 -18.16 -24.13 77.05
CA LEU A 104 -18.02 -24.42 75.62
C LEU A 104 -19.22 -25.16 75.00
N TRP A 105 -19.82 -24.61 73.93
CA TRP A 105 -20.83 -25.31 73.12
C TRP A 105 -20.23 -26.37 72.20
N SER A 106 -20.94 -27.48 71.98
CA SER A 106 -20.64 -28.45 70.92
C SER A 106 -20.81 -27.85 69.52
N LYS A 107 -19.95 -28.28 68.59
CA LYS A 107 -19.98 -27.91 67.16
C LYS A 107 -21.20 -28.47 66.41
N VAL A 108 -21.82 -29.54 66.91
CA VAL A 108 -22.81 -30.35 66.16
C VAL A 108 -24.16 -30.53 66.89
N GLY A 109 -24.20 -30.52 68.23
CA GLY A 109 -25.28 -31.20 68.98
C GLY A 109 -26.22 -30.42 69.94
N SER A 110 -26.19 -29.09 70.00
CA SER A 110 -26.91 -28.26 71.02
C SER A 110 -26.52 -28.53 72.48
N PHE A 111 -25.37 -29.19 72.71
CA PHE A 111 -24.79 -29.38 74.03
C PHE A 111 -23.90 -28.20 74.46
N LEU A 112 -23.91 -27.89 75.76
CA LEU A 112 -23.06 -26.91 76.42
C LEU A 112 -22.30 -27.57 77.58
N ALA A 113 -20.96 -27.56 77.54
CA ALA A 113 -20.12 -28.00 78.63
C ALA A 113 -19.80 -26.86 79.60
N VAL A 114 -19.72 -27.16 80.90
CA VAL A 114 -19.39 -26.21 81.97
C VAL A 114 -18.49 -26.88 83.00
N GLY A 115 -17.24 -26.43 83.15
CA GLY A 115 -16.30 -26.94 84.14
C GLY A 115 -16.23 -26.07 85.40
N THR A 116 -15.74 -26.61 86.52
CA THR A 116 -15.66 -25.88 87.81
C THR A 116 -14.25 -25.83 88.41
N VAL A 117 -14.05 -24.90 89.34
CA VAL A 117 -12.80 -24.72 90.10
C VAL A 117 -12.41 -25.95 90.92
N LYS A 118 -13.39 -26.72 91.42
CA LYS A 118 -13.15 -28.02 92.08
C LYS A 118 -12.92 -29.19 91.09
N GLY A 119 -13.01 -28.95 89.79
CA GLY A 119 -12.84 -29.97 88.75
C GLY A 119 -14.09 -30.80 88.44
N ASN A 120 -15.27 -30.37 88.89
CA ASN A 120 -16.54 -30.97 88.48
C ASN A 120 -16.95 -30.49 87.07
N LEU A 121 -17.79 -31.26 86.40
CA LEU A 121 -18.32 -30.98 85.06
C LEU A 121 -19.85 -31.00 85.07
N LEU A 122 -20.46 -30.11 84.29
CA LEU A 122 -21.84 -30.22 83.83
C LEU A 122 -21.83 -30.27 82.29
N ILE A 123 -22.62 -31.17 81.71
CA ILE A 123 -23.05 -31.08 80.33
C ILE A 123 -24.56 -30.77 80.32
N TYR A 124 -24.95 -29.71 79.62
CA TYR A 124 -26.33 -29.29 79.42
C TYR A 124 -26.74 -29.50 77.96
N ASN A 125 -27.97 -29.95 77.68
CA ASN A 125 -28.53 -30.00 76.34
C ASN A 125 -29.61 -28.92 76.22
N HIS A 126 -29.43 -27.93 75.34
CA HIS A 126 -30.36 -26.81 75.18
C HIS A 126 -31.70 -27.20 74.51
N GLN A 127 -31.69 -28.22 73.64
CA GLN A 127 -32.87 -28.65 72.90
C GLN A 127 -33.84 -29.49 73.77
N THR A 128 -33.30 -30.34 74.65
CA THR A 128 -34.08 -31.18 75.57
C THR A 128 -34.16 -30.63 77.00
N SER A 129 -33.39 -29.58 77.32
CA SER A 129 -33.20 -29.03 78.68
C SER A 129 -32.62 -30.01 79.70
N ARG A 130 -32.01 -31.13 79.26
CA ARG A 130 -31.36 -32.15 80.12
C ARG A 130 -30.08 -31.59 80.74
N LYS A 131 -29.89 -31.81 82.05
CA LYS A 131 -28.64 -31.54 82.78
C LYS A 131 -27.93 -32.85 83.15
N ILE A 132 -26.62 -32.90 82.97
CA ILE A 132 -25.78 -34.08 83.22
C ILE A 132 -24.58 -33.67 84.10
N PRO A 133 -24.73 -33.65 85.43
CA PRO A 133 -23.61 -33.38 86.34
C PRO A 133 -22.67 -34.59 86.44
N VAL A 134 -21.37 -34.34 86.47
CA VAL A 134 -20.31 -35.36 86.64
C VAL A 134 -19.30 -34.85 87.66
N LEU A 135 -19.43 -35.30 88.90
CA LEU A 135 -18.56 -34.92 90.00
C LEU A 135 -17.20 -35.65 89.93
N GLY A 136 -16.14 -34.96 90.31
CA GLY A 136 -14.78 -35.50 90.40
C GLY A 136 -14.08 -35.78 89.05
N LYS A 137 -14.57 -35.18 87.95
CA LYS A 137 -14.01 -35.35 86.60
C LYS A 137 -12.51 -34.99 86.54
N HIS A 138 -12.14 -33.94 87.27
CA HIS A 138 -10.78 -33.53 87.64
C HIS A 138 -10.71 -33.34 89.15
N THR A 139 -9.51 -33.46 89.72
CA THR A 139 -9.22 -33.19 91.14
C THR A 139 -8.95 -31.71 91.44
N LYS A 140 -8.71 -30.89 90.39
CA LYS A 140 -8.46 -29.44 90.45
C LYS A 140 -9.18 -28.74 89.28
N ARG A 141 -9.13 -27.40 89.24
CA ARG A 141 -9.78 -26.53 88.22
C ARG A 141 -9.63 -27.08 86.80
N ILE A 142 -10.76 -27.22 86.08
CA ILE A 142 -10.76 -27.46 84.63
C ILE A 142 -10.35 -26.15 83.94
N THR A 143 -9.25 -26.20 83.19
CA THR A 143 -8.61 -25.03 82.55
C THR A 143 -9.00 -24.85 81.09
N CYS A 144 -9.28 -25.94 80.38
CA CYS A 144 -9.50 -25.94 78.93
C CYS A 144 -10.26 -27.20 78.49
N GLY A 145 -10.70 -27.21 77.24
CA GLY A 145 -11.32 -28.37 76.61
C GLY A 145 -11.79 -28.09 75.18
N CYS A 146 -12.25 -29.14 74.49
CA CYS A 146 -12.77 -29.07 73.13
C CYS A 146 -13.81 -30.16 72.85
N TRP A 147 -14.76 -29.88 71.96
CA TRP A 147 -15.72 -30.84 71.41
C TRP A 147 -15.32 -31.27 70.00
N ASN A 148 -15.40 -32.56 69.73
CA ASN A 148 -15.18 -33.14 68.40
C ASN A 148 -16.49 -33.32 67.61
N ALA A 149 -16.42 -33.63 66.31
CA ALA A 149 -17.60 -33.79 65.45
C ALA A 149 -18.54 -34.95 65.87
N GLU A 150 -18.03 -35.97 66.57
CA GLU A 150 -18.84 -37.07 67.14
C GLU A 150 -19.42 -36.76 68.53
N ASN A 151 -19.44 -35.48 68.97
CA ASN A 151 -19.81 -35.04 70.32
C ASN A 151 -18.96 -35.68 71.44
N LEU A 152 -17.71 -36.07 71.16
CA LEU A 152 -16.75 -36.36 72.23
C LEU A 152 -16.20 -35.06 72.82
N LEU A 153 -16.05 -35.00 74.15
CA LEU A 153 -15.55 -33.84 74.89
C LEU A 153 -14.21 -34.17 75.56
N ALA A 154 -13.17 -33.41 75.25
CA ALA A 154 -11.86 -33.49 75.91
C ALA A 154 -11.70 -32.30 76.86
N LEU A 155 -11.14 -32.52 78.05
CA LEU A 155 -10.96 -31.51 79.10
C LEU A 155 -9.56 -31.63 79.73
N GLY A 156 -8.91 -30.49 79.96
CA GLY A 156 -7.66 -30.39 80.72
C GLY A 156 -7.88 -29.70 82.06
N GLY A 157 -7.03 -30.01 83.05
CA GLY A 157 -7.10 -29.37 84.38
C GLY A 157 -5.74 -29.13 85.03
N GLU A 158 -5.74 -28.28 86.06
CA GLU A 158 -4.52 -27.94 86.84
C GLU A 158 -3.89 -29.14 87.56
N ASP A 159 -4.61 -30.27 87.65
CA ASP A 159 -4.09 -31.54 88.15
C ASP A 159 -3.17 -32.27 87.15
N LYS A 160 -2.84 -31.63 86.02
CA LYS A 160 -1.96 -32.15 84.97
C LYS A 160 -2.52 -33.42 84.33
N MET A 161 -3.85 -33.50 84.25
CA MET A 161 -4.60 -34.59 83.62
C MET A 161 -5.35 -34.09 82.38
N ILE A 162 -5.52 -34.97 81.41
CA ILE A 162 -6.43 -34.83 80.27
C ILE A 162 -7.49 -35.95 80.38
N THR A 163 -8.76 -35.63 80.13
CA THR A 163 -9.86 -36.61 80.16
C THR A 163 -10.71 -36.46 78.90
N VAL A 164 -11.07 -37.57 78.25
CA VAL A 164 -11.92 -37.60 77.03
C VAL A 164 -13.22 -38.34 77.34
N SER A 165 -14.34 -37.86 76.81
CA SER A 165 -15.68 -38.23 77.28
C SER A 165 -16.70 -38.35 76.14
N ASN A 166 -17.77 -39.12 76.34
CA ASN A 166 -18.96 -39.03 75.50
C ASN A 166 -19.83 -37.81 75.89
N GLN A 167 -20.89 -37.53 75.10
CA GLN A 167 -21.87 -36.48 75.38
C GLN A 167 -22.67 -36.70 76.69
N GLU A 168 -22.67 -37.92 77.23
CA GLU A 168 -23.25 -38.24 78.54
C GLU A 168 -22.25 -38.13 79.71
N GLY A 169 -21.06 -37.58 79.46
CA GLY A 169 -20.05 -37.28 80.48
C GLY A 169 -19.22 -38.47 80.97
N ASP A 170 -19.45 -39.69 80.48
CA ASP A 170 -18.67 -40.88 80.83
C ASP A 170 -17.21 -40.76 80.33
N THR A 171 -16.23 -41.19 81.13
CA THR A 171 -14.80 -41.15 80.73
C THR A 171 -14.47 -42.30 79.77
N ILE A 172 -14.05 -41.95 78.55
CA ILE A 172 -13.52 -42.87 77.53
C ILE A 172 -12.03 -43.15 77.78
N ARG A 173 -11.26 -42.10 78.08
CA ARG A 173 -9.79 -42.13 78.28
C ARG A 173 -9.36 -41.07 79.30
N GLN A 174 -8.32 -41.35 80.08
CA GLN A 174 -7.65 -40.40 80.96
C GLN A 174 -6.11 -40.53 80.83
N THR A 175 -5.40 -39.41 80.76
CA THR A 175 -3.93 -39.34 80.52
C THR A 175 -3.28 -38.32 81.46
N GLN A 176 -2.07 -38.57 81.94
CA GLN A 176 -1.27 -37.61 82.70
C GLN A 176 -0.22 -36.92 81.81
N VAL A 177 -0.03 -35.61 81.97
CA VAL A 177 0.87 -34.76 81.16
C VAL A 177 1.94 -34.07 82.02
N ARG A 178 3.08 -33.71 81.40
CA ARG A 178 4.28 -33.20 82.10
C ARG A 178 4.14 -31.80 82.74
N SER A 179 3.15 -31.02 82.30
CA SER A 179 2.85 -29.67 82.79
C SER A 179 1.38 -29.32 82.50
N GLU A 180 0.85 -28.22 83.05
CA GLU A 180 -0.58 -27.90 82.98
C GLU A 180 -1.08 -27.74 81.52
N PRO A 181 -2.16 -28.44 81.11
CA PRO A 181 -2.72 -28.34 79.77
C PRO A 181 -3.49 -27.03 79.54
N SER A 182 -3.37 -26.52 78.32
CA SER A 182 -4.00 -25.28 77.84
C SER A 182 -4.20 -25.32 76.32
N ASN A 183 -5.15 -24.53 75.78
CA ASN A 183 -5.44 -24.44 74.33
C ASN A 183 -5.69 -25.81 73.65
N MET A 184 -6.47 -26.68 74.29
CA MET A 184 -6.82 -28.01 73.77
C MET A 184 -7.70 -27.92 72.51
N GLN A 185 -7.38 -28.68 71.45
CA GLN A 185 -8.11 -28.71 70.17
C GLN A 185 -8.18 -30.15 69.60
N PHE A 186 -9.31 -30.55 69.00
CA PHE A 186 -9.46 -31.79 68.22
C PHE A 186 -9.08 -31.59 66.73
N PHE A 187 -8.59 -32.65 66.07
CA PHE A 187 -8.27 -32.71 64.65
C PHE A 187 -8.28 -34.15 64.08
N LEU A 188 -8.20 -34.25 62.75
CA LEU A 188 -8.00 -35.47 61.98
C LEU A 188 -6.63 -35.47 61.30
N MET A 189 -5.79 -36.49 61.52
CA MET A 189 -4.61 -36.76 60.69
C MET A 189 -5.05 -37.28 59.30
N LYS A 190 -4.58 -36.66 58.21
CA LYS A 190 -4.85 -37.11 56.83
C LYS A 190 -3.91 -38.25 56.43
N MET A 191 -4.28 -39.49 56.75
CA MET A 191 -3.63 -40.69 56.22
C MET A 191 -3.88 -40.85 54.72
N ASP A 192 -3.09 -41.68 54.03
CA ASP A 192 -3.22 -41.92 52.59
C ASP A 192 -4.53 -42.65 52.20
N ASP A 193 -5.08 -43.49 53.09
CA ASP A 193 -6.40 -44.11 52.90
C ASP A 193 -7.53 -43.10 53.17
N ARG A 194 -8.50 -43.01 52.25
CA ARG A 194 -9.64 -42.06 52.31
C ARG A 194 -10.79 -42.50 53.26
N THR A 195 -10.66 -43.67 53.90
CA THR A 195 -11.77 -44.37 54.58
C THR A 195 -12.10 -43.88 56.01
N SER A 196 -11.26 -43.06 56.64
CA SER A 196 -11.47 -42.53 58.01
C SER A 196 -11.91 -41.06 58.02
N ALA A 197 -12.99 -40.76 58.73
CA ALA A 197 -13.56 -39.41 58.85
C ALA A 197 -13.63 -38.90 60.31
N ALA A 198 -13.41 -39.79 61.29
CA ALA A 198 -13.38 -39.44 62.71
C ALA A 198 -12.07 -38.73 63.07
N GLU A 199 -12.18 -37.52 63.62
CA GLU A 199 -11.08 -36.67 64.09
C GLU A 199 -10.40 -37.26 65.34
N SER A 200 -9.61 -38.31 65.15
CA SER A 200 -9.13 -39.20 66.22
C SER A 200 -8.05 -38.61 67.14
N MET A 201 -7.71 -37.32 67.06
CA MET A 201 -6.47 -36.82 67.66
C MET A 201 -6.66 -35.44 68.32
N ILE A 202 -5.98 -35.24 69.45
CA ILE A 202 -6.02 -34.03 70.28
C ILE A 202 -4.65 -33.35 70.24
N SER A 203 -4.62 -32.03 70.05
CA SER A 203 -3.45 -31.19 70.27
C SER A 203 -3.69 -30.28 71.48
N VAL A 204 -2.64 -29.99 72.26
CA VAL A 204 -2.71 -29.16 73.47
C VAL A 204 -1.35 -28.49 73.75
N VAL A 205 -1.33 -27.30 74.36
CA VAL A 205 -0.09 -26.66 74.82
C VAL A 205 0.11 -26.91 76.30
N LEU A 206 1.29 -27.43 76.66
CA LEU A 206 1.67 -27.69 78.06
C LEU A 206 2.65 -26.61 78.52
N GLY A 207 2.41 -26.03 79.71
CA GLY A 207 3.31 -25.09 80.39
C GLY A 207 3.70 -23.85 79.58
N LYS A 208 2.89 -23.47 78.57
CA LYS A 208 3.17 -22.44 77.55
C LYS A 208 4.45 -22.65 76.71
N LYS A 209 5.07 -23.84 76.74
CA LYS A 209 6.40 -24.11 76.14
C LYS A 209 6.47 -25.27 75.15
N THR A 210 5.56 -26.24 75.22
CA THR A 210 5.55 -27.43 74.32
C THR A 210 4.17 -27.71 73.76
N LEU A 211 4.10 -28.14 72.51
CA LEU A 211 2.86 -28.64 71.90
C LEU A 211 2.84 -30.17 72.02
N PHE A 212 1.79 -30.71 72.61
CA PHE A 212 1.61 -32.13 72.93
C PHE A 212 0.45 -32.72 72.14
N PHE A 213 0.58 -33.98 71.74
CA PHE A 213 -0.40 -34.68 70.93
C PHE A 213 -0.81 -36.00 71.58
N LEU A 214 -2.12 -36.27 71.61
CA LEU A 214 -2.71 -37.53 72.07
C LEU A 214 -3.62 -38.12 70.98
N ASN A 215 -3.34 -39.36 70.54
CA ASN A 215 -4.13 -40.08 69.54
C ASN A 215 -5.03 -41.11 70.23
N LEU A 216 -6.34 -41.04 70.00
CA LEU A 216 -7.31 -41.92 70.66
C LEU A 216 -7.23 -43.40 70.19
N ASN A 217 -6.66 -43.65 69.01
CA ASN A 217 -6.39 -44.99 68.49
C ASN A 217 -4.99 -45.52 68.87
N GLU A 218 -4.03 -44.63 69.18
CA GLU A 218 -2.67 -44.99 69.61
C GLU A 218 -2.26 -44.22 70.90
N PRO A 219 -3.00 -44.37 72.02
CA PRO A 219 -2.79 -43.57 73.23
C PRO A 219 -1.48 -43.87 73.96
N ASP A 220 -0.84 -45.00 73.65
CA ASP A 220 0.46 -45.43 74.19
C ASP A 220 1.66 -44.69 73.57
N ASN A 221 1.46 -43.91 72.49
CA ASN A 221 2.52 -43.19 71.79
C ASN A 221 2.15 -41.72 71.52
N PRO A 222 1.96 -40.90 72.58
CA PRO A 222 1.81 -39.45 72.43
C PRO A 222 3.11 -38.81 71.91
N ALA A 223 3.03 -37.57 71.42
CA ALA A 223 4.20 -36.82 70.94
C ALA A 223 4.34 -35.47 71.65
N ASP A 224 5.57 -35.09 72.01
CA ASP A 224 5.93 -33.74 72.48
C ASP A 224 6.78 -33.03 71.43
N LEU A 225 6.39 -31.81 71.06
CA LEU A 225 7.20 -30.88 70.28
C LEU A 225 7.71 -29.74 71.19
N GLU A 226 9.02 -29.53 71.14
CA GLU A 226 9.74 -28.45 71.82
C GLU A 226 10.28 -27.45 70.79
N PHE A 227 10.27 -26.16 71.12
CA PHE A 227 10.62 -25.06 70.20
C PHE A 227 11.76 -24.20 70.77
N GLN A 228 12.49 -23.50 69.89
CA GLN A 228 13.65 -22.69 70.28
C GLN A 228 13.28 -21.63 71.33
N GLN A 229 14.10 -21.50 72.37
CA GLN A 229 13.85 -20.56 73.47
C GLN A 229 13.86 -19.09 73.00
N ASP A 230 14.56 -18.78 71.90
CA ASP A 230 14.63 -17.44 71.29
C ASP A 230 13.28 -16.96 70.74
N PHE A 231 12.32 -17.86 70.49
CA PHE A 231 10.96 -17.48 70.10
C PHE A 231 10.14 -16.95 71.29
N GLY A 232 10.54 -17.26 72.53
CA GLY A 232 9.73 -17.05 73.74
C GLY A 232 8.62 -18.09 73.92
N ASN A 233 7.71 -17.84 74.85
CA ASN A 233 6.56 -18.71 75.14
C ASN A 233 5.60 -18.83 73.96
N ILE A 234 4.91 -19.97 73.83
CA ILE A 234 3.78 -20.14 72.90
C ILE A 234 2.61 -19.26 73.36
N VAL A 235 2.15 -18.37 72.49
CA VAL A 235 1.03 -17.44 72.75
C VAL A 235 -0.30 -18.00 72.22
N CYS A 236 -0.26 -18.65 71.04
CA CYS A 236 -1.43 -19.23 70.37
C CYS A 236 -0.99 -20.25 69.31
N TYR A 237 -1.92 -21.13 68.88
CA TYR A 237 -1.76 -21.93 67.67
C TYR A 237 -3.10 -22.24 66.99
N ASN A 238 -3.07 -22.46 65.67
CA ASN A 238 -4.24 -22.79 64.85
C ASN A 238 -3.93 -23.88 63.83
N TRP A 239 -4.89 -24.77 63.61
CA TRP A 239 -4.93 -25.69 62.46
C TRP A 239 -5.33 -24.95 61.18
N TYR A 240 -4.67 -25.25 60.05
CA TYR A 240 -5.07 -24.75 58.72
C TYR A 240 -4.76 -25.74 57.60
N GLY A 241 -5.45 -25.60 56.46
CA GLY A 241 -5.24 -26.42 55.26
C GLY A 241 -5.40 -27.93 55.52
N ASP A 242 -4.73 -28.73 54.69
CA ASP A 242 -4.61 -30.18 54.91
C ASP A 242 -3.40 -30.50 55.80
N GLY A 243 -3.62 -30.67 57.12
CA GLY A 243 -2.64 -31.25 58.04
C GLY A 243 -1.49 -30.33 58.48
N ARG A 244 -1.71 -29.01 58.57
CA ARG A 244 -0.72 -28.03 59.05
C ARG A 244 -1.17 -27.31 60.32
N ILE A 245 -0.21 -26.96 61.18
CA ILE A 245 -0.42 -26.09 62.34
C ILE A 245 0.44 -24.83 62.19
N MET A 246 -0.11 -23.66 62.49
CA MET A 246 0.63 -22.42 62.67
C MET A 246 0.69 -22.05 64.17
N ILE A 247 1.88 -21.79 64.70
CA ILE A 247 2.15 -21.49 66.12
C ILE A 247 2.77 -20.09 66.24
N GLY A 248 2.22 -19.25 67.10
CA GLY A 248 2.74 -17.91 67.42
C GLY A 248 3.43 -17.87 68.79
N PHE A 249 4.57 -17.16 68.86
CA PHE A 249 5.43 -17.09 70.04
C PHE A 249 5.70 -15.65 70.47
N SER A 250 5.90 -15.44 71.77
CA SER A 250 5.90 -14.12 72.42
C SER A 250 6.93 -13.14 71.84
N CYS A 251 8.15 -13.59 71.50
CA CYS A 251 9.20 -12.74 70.93
C CYS A 251 9.02 -12.50 69.42
N GLY A 252 7.79 -12.23 68.97
CA GLY A 252 7.48 -11.75 67.62
C GLY A 252 7.55 -12.77 66.48
N HIS A 253 7.91 -14.02 66.78
CA HIS A 253 8.05 -15.12 65.81
C HIS A 253 6.75 -15.92 65.64
N PHE A 254 6.55 -16.47 64.44
CA PHE A 254 5.62 -17.57 64.21
C PHE A 254 6.25 -18.68 63.35
N VAL A 255 5.76 -19.90 63.50
CA VAL A 255 6.25 -21.12 62.83
C VAL A 255 5.08 -21.92 62.27
N VAL A 256 5.26 -22.60 61.14
CA VAL A 256 4.32 -23.59 60.61
C VAL A 256 4.95 -24.97 60.61
N ILE A 257 4.24 -25.98 61.11
CA ILE A 257 4.68 -27.37 61.17
C ILE A 257 3.76 -28.31 60.38
N SER A 258 4.36 -29.33 59.78
CA SER A 258 3.65 -30.47 59.20
C SER A 258 3.13 -31.42 60.29
N THR A 259 1.99 -32.07 60.02
CA THR A 259 1.47 -33.18 60.83
C THR A 259 1.14 -34.41 59.96
N HIS A 260 1.64 -34.44 58.73
CA HIS A 260 1.56 -35.61 57.85
C HIS A 260 2.33 -36.81 58.42
N THR A 261 1.88 -38.02 58.08
CA THR A 261 2.49 -39.29 58.52
C THR A 261 3.97 -39.35 58.12
N GLY A 262 4.86 -39.47 59.10
CA GLY A 262 6.32 -39.46 58.92
C GLY A 262 7.00 -38.07 58.97
N GLU A 263 6.25 -36.97 59.15
CA GLU A 263 6.78 -35.60 59.22
C GLU A 263 6.21 -34.79 60.41
N LEU A 264 5.60 -35.43 61.40
CA LEU A 264 4.96 -34.75 62.53
C LEU A 264 5.96 -33.83 63.27
N GLY A 265 5.69 -32.52 63.26
CA GLY A 265 6.53 -31.49 63.85
C GLY A 265 7.66 -30.95 62.95
N GLN A 266 7.76 -31.42 61.70
CA GLN A 266 8.71 -30.83 60.73
C GLN A 266 8.30 -29.39 60.39
N GLU A 267 9.21 -28.43 60.57
CA GLU A 267 8.96 -27.02 60.25
C GLU A 267 8.88 -26.83 58.73
N ILE A 268 7.71 -26.40 58.24
CA ILE A 268 7.48 -26.02 56.84
C ILE A 268 7.97 -24.59 56.60
N PHE A 269 7.73 -23.67 57.55
CA PHE A 269 8.00 -22.24 57.42
C PHE A 269 8.24 -21.57 58.79
N GLN A 270 8.96 -20.46 58.82
CA GLN A 270 9.09 -19.57 59.98
C GLN A 270 9.22 -18.11 59.55
N ALA A 271 8.73 -17.18 60.38
CA ALA A 271 8.95 -15.73 60.19
C ALA A 271 8.94 -14.95 61.51
N ARG A 272 9.73 -13.88 61.57
CA ARG A 272 9.67 -12.86 62.62
C ARG A 272 8.87 -11.65 62.11
N ASN A 273 7.54 -11.76 62.11
CA ASN A 273 6.66 -10.67 61.67
C ASN A 273 6.78 -9.42 62.56
N HIS A 274 7.05 -9.59 63.86
CA HIS A 274 7.11 -8.52 64.85
C HIS A 274 8.48 -8.51 65.54
N LYS A 275 8.99 -7.33 65.90
CA LYS A 275 10.31 -7.15 66.48
C LYS A 275 10.33 -7.53 67.96
N ASP A 276 9.44 -6.94 68.77
CA ASP A 276 9.48 -7.09 70.23
C ASP A 276 8.43 -8.08 70.76
N ASN A 277 7.18 -7.96 70.33
CA ASN A 277 6.06 -8.71 70.89
C ASN A 277 5.07 -9.17 69.81
N LEU A 278 4.68 -10.45 69.80
CA LEU A 278 3.50 -10.96 69.07
C LEU A 278 2.44 -11.39 70.09
N THR A 279 1.26 -10.78 69.98
CA THR A 279 0.19 -10.86 70.99
C THR A 279 -0.95 -11.79 70.58
N SER A 280 -1.24 -11.94 69.28
CA SER A 280 -2.24 -12.90 68.78
C SER A 280 -2.06 -13.22 67.29
N ILE A 281 -2.58 -14.37 66.86
CA ILE A 281 -2.76 -14.81 65.48
C ILE A 281 -4.23 -15.22 65.29
N ALA A 282 -4.83 -14.88 64.15
CA ALA A 282 -6.14 -15.39 63.74
C ALA A 282 -6.14 -15.81 62.26
N VAL A 283 -6.56 -17.06 61.99
CA VAL A 283 -6.55 -17.67 60.65
C VAL A 283 -7.99 -17.72 60.09
N SER A 284 -8.20 -17.27 58.84
CA SER A 284 -9.44 -17.50 58.10
C SER A 284 -9.20 -18.43 56.91
N GLN A 285 -9.80 -19.62 56.95
CA GLN A 285 -9.86 -20.52 55.80
C GLN A 285 -10.82 -19.98 54.72
N THR A 286 -11.78 -19.14 55.10
CA THR A 286 -12.78 -18.53 54.20
C THR A 286 -12.15 -17.58 53.19
N LEU A 287 -11.25 -16.68 53.62
CA LEU A 287 -10.41 -15.87 52.70
C LEU A 287 -9.08 -16.52 52.32
N ASN A 288 -8.70 -17.63 52.97
CA ASN A 288 -7.39 -18.28 52.86
C ASN A 288 -6.22 -17.34 53.29
N LYS A 289 -6.39 -16.64 54.43
CA LYS A 289 -5.46 -15.62 54.95
C LYS A 289 -5.25 -15.75 56.47
N VAL A 290 -4.18 -15.14 56.97
CA VAL A 290 -3.88 -15.03 58.40
C VAL A 290 -3.62 -13.58 58.80
N ALA A 291 -4.15 -13.16 59.96
CA ALA A 291 -3.85 -11.89 60.62
C ALA A 291 -2.98 -12.15 61.87
N THR A 292 -2.01 -11.27 62.13
CA THR A 292 -1.12 -11.30 63.29
C THR A 292 -1.02 -9.90 63.90
N CYS A 293 -0.97 -9.76 65.22
CA CYS A 293 -0.88 -8.44 65.85
C CYS A 293 0.20 -8.36 66.94
N GLY A 294 0.97 -7.27 66.91
CA GLY A 294 2.18 -7.10 67.70
C GLY A 294 2.80 -5.72 67.44
N ASP A 295 3.63 -5.21 68.35
CA ASP A 295 4.32 -3.91 68.22
C ASP A 295 3.39 -2.74 67.79
N ASN A 296 2.15 -2.74 68.26
CA ASN A 296 1.08 -1.79 67.89
C ASN A 296 0.72 -1.77 66.38
N CYS A 297 0.84 -2.91 65.69
CA CYS A 297 0.44 -3.08 64.29
C CYS A 297 -0.26 -4.42 64.03
N ILE A 298 -1.03 -4.48 62.94
CA ILE A 298 -1.64 -5.70 62.40
C ILE A 298 -0.95 -6.03 61.07
N LYS A 299 -0.42 -7.25 60.91
CA LYS A 299 0.20 -7.75 59.68
C LYS A 299 -0.56 -8.97 59.16
N ILE A 300 -1.04 -8.89 57.91
CA ILE A 300 -1.91 -9.90 57.27
C ILE A 300 -1.20 -10.55 56.09
N GLN A 301 -1.22 -11.88 56.00
CA GLN A 301 -0.51 -12.67 54.99
C GLN A 301 -1.42 -13.73 54.34
N ASP A 302 -1.09 -14.12 53.11
CA ASP A 302 -1.82 -15.14 52.34
C ASP A 302 -1.35 -16.57 52.70
N LEU A 303 -2.26 -17.50 52.98
CA LEU A 303 -1.90 -18.88 53.30
C LEU A 303 -1.33 -19.65 52.10
N VAL A 304 -1.56 -19.19 50.86
CA VAL A 304 -0.91 -19.77 49.66
C VAL A 304 0.59 -19.46 49.65
N ASP A 305 1.00 -18.30 50.17
CA ASP A 305 2.40 -17.91 50.29
C ASP A 305 2.59 -16.92 51.45
N LEU A 306 3.04 -17.44 52.59
CA LEU A 306 3.20 -16.68 53.83
C LEU A 306 4.22 -15.53 53.72
N LYS A 307 5.09 -15.54 52.70
CA LYS A 307 5.99 -14.41 52.40
C LYS A 307 5.26 -13.19 51.84
N ASP A 308 4.10 -13.37 51.20
CA ASP A 308 3.35 -12.29 50.56
C ASP A 308 2.46 -11.53 51.56
N MET A 309 2.94 -10.35 51.99
CA MET A 309 2.21 -9.46 52.89
C MET A 309 1.03 -8.78 52.17
N TYR A 310 -0.20 -9.10 52.57
CA TYR A 310 -1.41 -8.50 52.02
C TYR A 310 -1.64 -7.08 52.54
N VAL A 311 -1.64 -6.88 53.86
CA VAL A 311 -1.87 -5.58 54.53
C VAL A 311 -0.99 -5.44 55.76
N ILE A 312 -0.47 -4.22 55.98
CA ILE A 312 0.06 -3.77 57.29
C ILE A 312 -0.77 -2.57 57.75
N LEU A 313 -1.36 -2.63 58.94
CA LEU A 313 -1.98 -1.50 59.62
C LEU A 313 -1.18 -1.09 60.86
N ASN A 314 -0.82 0.19 60.97
CA ASN A 314 -0.19 0.76 62.15
C ASN A 314 -1.25 1.50 63.00
N LEU A 315 -1.28 1.24 64.30
CA LEU A 315 -2.28 1.80 65.23
C LEU A 315 -1.66 2.92 66.08
N ASP A 316 -2.45 3.96 66.35
CA ASP A 316 -2.01 5.16 67.08
C ASP A 316 -1.54 4.83 68.52
N GLU A 317 -0.62 5.64 69.06
CA GLU A 317 0.05 5.40 70.36
C GLU A 317 -0.89 5.24 71.56
N GLU A 318 -2.13 5.73 71.48
CA GLU A 318 -3.16 5.50 72.50
C GLU A 318 -3.50 3.99 72.67
N ASN A 319 -3.34 3.19 71.61
CA ASN A 319 -3.68 1.76 71.55
C ASN A 319 -2.56 0.80 72.02
N LYS A 320 -1.53 1.31 72.73
CA LYS A 320 -0.40 0.50 73.22
C LYS A 320 -0.86 -0.75 74.00
N GLY A 321 -0.24 -1.88 73.69
CA GLY A 321 -0.61 -3.20 74.23
C GLY A 321 -1.79 -3.83 73.48
N LEU A 322 -1.53 -4.54 72.39
CA LEU A 322 -2.57 -5.29 71.66
C LEU A 322 -2.93 -6.59 72.40
N GLY A 323 -4.20 -7.02 72.25
CA GLY A 323 -4.79 -8.14 72.98
C GLY A 323 -5.00 -9.38 72.09
N THR A 324 -6.18 -9.48 71.48
CA THR A 324 -6.68 -10.68 70.77
C THR A 324 -7.35 -10.33 69.44
N LEU A 325 -7.16 -11.17 68.42
CA LEU A 325 -7.80 -11.10 67.10
C LEU A 325 -8.90 -12.16 66.94
N SER A 326 -10.01 -11.85 66.25
CA SER A 326 -10.96 -12.85 65.73
C SER A 326 -11.79 -12.34 64.55
N TRP A 327 -12.09 -13.18 63.54
CA TRP A 327 -12.89 -12.84 62.36
C TRP A 327 -14.33 -13.37 62.50
N THR A 328 -15.28 -12.80 61.75
CA THR A 328 -16.54 -13.50 61.43
C THR A 328 -16.27 -14.73 60.55
N ASP A 329 -17.12 -15.77 60.65
CA ASP A 329 -16.90 -17.03 59.90
C ASP A 329 -16.98 -16.84 58.37
N ASP A 330 -17.78 -15.88 57.90
CA ASP A 330 -17.84 -15.46 56.50
C ASP A 330 -16.59 -14.67 56.02
N GLY A 331 -15.66 -14.33 56.93
CA GLY A 331 -14.47 -13.54 56.64
C GLY A 331 -14.78 -12.10 56.19
N GLN A 332 -15.96 -11.56 56.49
CA GLN A 332 -16.34 -10.19 56.15
C GLN A 332 -15.75 -9.14 57.12
N LEU A 333 -15.60 -9.50 58.41
CA LEU A 333 -15.11 -8.63 59.48
C LEU A 333 -13.97 -9.25 60.29
N LEU A 334 -13.02 -8.41 60.72
CA LEU A 334 -11.97 -8.71 61.71
C LEU A 334 -12.17 -7.80 62.94
N ALA A 335 -12.07 -8.35 64.14
CA ALA A 335 -12.04 -7.59 65.40
C ALA A 335 -10.71 -7.76 66.13
N LEU A 336 -10.27 -6.69 66.79
CA LEU A 336 -9.06 -6.62 67.61
C LEU A 336 -9.38 -5.97 68.97
N SER A 337 -8.91 -6.56 70.06
CA SER A 337 -8.91 -5.93 71.40
C SER A 337 -7.55 -5.33 71.78
N THR A 338 -7.54 -4.42 72.76
CA THR A 338 -6.34 -3.90 73.42
C THR A 338 -6.34 -4.22 74.92
N GLN A 339 -5.15 -4.36 75.51
CA GLN A 339 -4.95 -4.57 76.95
C GLN A 339 -5.46 -3.40 77.80
N ARG A 340 -5.57 -2.20 77.20
CA ARG A 340 -6.16 -0.99 77.78
C ARG A 340 -7.70 -0.93 77.70
N GLY A 341 -8.36 -1.87 77.03
CA GLY A 341 -9.82 -2.04 77.08
C GLY A 341 -10.62 -1.51 75.88
N SER A 342 -9.96 -1.09 74.79
CA SER A 342 -10.64 -0.75 73.53
C SER A 342 -10.83 -1.97 72.63
N LEU A 343 -11.87 -1.92 71.79
CA LEU A 343 -12.11 -2.86 70.68
C LEU A 343 -12.16 -2.09 69.35
N HIS A 344 -11.59 -2.66 68.30
CA HIS A 344 -11.62 -2.10 66.94
C HIS A 344 -12.14 -3.15 65.95
N VAL A 345 -13.03 -2.78 65.04
CA VAL A 345 -13.59 -3.67 64.01
C VAL A 345 -13.29 -3.15 62.60
N PHE A 346 -12.73 -4.03 61.77
CA PHE A 346 -12.23 -3.73 60.43
C PHE A 346 -12.95 -4.57 59.37
N LEU A 347 -13.26 -3.97 58.23
CA LEU A 347 -13.79 -4.66 57.06
C LEU A 347 -12.66 -5.39 56.30
N THR A 348 -12.75 -6.72 56.22
CA THR A 348 -11.81 -7.59 55.49
C THR A 348 -12.27 -7.93 54.07
N LYS A 349 -13.57 -7.98 53.81
CA LYS A 349 -14.18 -8.20 52.48
C LYS A 349 -15.47 -7.39 52.34
N LEU A 350 -15.71 -6.80 51.18
CA LEU A 350 -16.97 -6.13 50.83
C LEU A 350 -17.82 -6.99 49.88
N PRO A 351 -19.16 -7.08 50.03
CA PRO A 351 -20.03 -7.73 49.06
C PRO A 351 -19.90 -7.09 47.66
N ILE A 352 -19.68 -7.90 46.63
CA ILE A 352 -19.40 -7.42 45.26
C ILE A 352 -20.71 -7.10 44.52
N LEU A 353 -21.39 -6.03 44.94
CA LEU A 353 -22.65 -5.57 44.33
C LEU A 353 -22.40 -4.36 43.41
N GLY A 354 -22.82 -4.47 42.15
CA GLY A 354 -22.65 -3.43 41.12
C GLY A 354 -23.54 -3.66 39.89
N ASP A 355 -23.73 -2.62 39.08
CA ASP A 355 -24.59 -2.60 37.88
C ASP A 355 -24.13 -1.54 36.84
N ALA A 356 -24.63 -1.63 35.61
CA ALA A 356 -24.36 -0.65 34.55
C ALA A 356 -25.58 -0.36 33.66
N CYS A 357 -25.64 0.87 33.15
CA CYS A 357 -26.59 1.35 32.14
C CYS A 357 -25.86 2.25 31.15
N SER A 358 -25.77 1.83 29.90
CA SER A 358 -24.86 2.45 28.91
C SER A 358 -23.44 2.56 29.49
N THR A 359 -22.80 3.73 29.39
CA THR A 359 -21.48 4.04 29.95
C THR A 359 -21.47 4.35 31.45
N ARG A 360 -22.62 4.40 32.13
CA ARG A 360 -22.72 4.75 33.56
C ARG A 360 -22.80 3.49 34.41
N ILE A 361 -22.01 3.42 35.47
CA ILE A 361 -21.85 2.27 36.36
C ILE A 361 -22.17 2.67 37.80
N ALA A 362 -22.70 1.73 38.60
CA ALA A 362 -22.86 1.86 40.04
C ALA A 362 -22.21 0.66 40.75
N TYR A 363 -21.58 0.88 41.90
CA TYR A 363 -20.97 -0.19 42.68
C TYR A 363 -20.93 0.14 44.18
N LEU A 364 -21.07 -0.88 45.02
CA LEU A 364 -20.94 -0.76 46.48
C LEU A 364 -19.49 -0.39 46.85
N THR A 365 -19.34 0.58 47.73
CA THR A 365 -18.04 1.14 48.18
C THR A 365 -17.87 1.13 49.69
N SER A 366 -18.96 1.03 50.44
CA SER A 366 -19.02 0.59 51.83
C SER A 366 -20.36 -0.09 52.06
N LEU A 367 -20.55 -0.77 53.20
CA LEU A 367 -21.79 -1.50 53.50
C LEU A 367 -23.07 -0.64 53.42
N LEU A 368 -22.93 0.69 53.54
CA LEU A 368 -24.01 1.67 53.44
C LEU A 368 -23.72 2.79 52.43
N GLU A 369 -22.79 2.59 51.46
CA GLU A 369 -22.51 3.58 50.41
C GLU A 369 -22.31 2.94 49.03
N VAL A 370 -23.08 3.42 48.04
CA VAL A 370 -22.94 3.06 46.62
C VAL A 370 -22.35 4.25 45.87
N THR A 371 -21.35 4.03 45.03
CA THR A 371 -20.77 5.07 44.16
C THR A 371 -21.21 4.87 42.72
N VAL A 372 -21.63 5.95 42.06
CA VAL A 372 -21.99 6.00 40.64
C VAL A 372 -20.93 6.76 39.85
N ALA A 373 -20.52 6.27 38.68
CA ALA A 373 -19.48 6.88 37.85
C ALA A 373 -19.76 6.68 36.35
N ASN A 374 -19.10 7.48 35.51
CA ASN A 374 -19.16 7.37 34.05
C ASN A 374 -17.74 7.50 33.47
N PRO A 375 -16.93 6.42 33.53
CA PRO A 375 -15.50 6.48 33.22
C PRO A 375 -15.19 6.86 31.77
N VAL A 376 -16.17 6.70 30.87
CA VAL A 376 -16.06 7.05 29.45
C VAL A 376 -16.15 8.57 29.24
N GLU A 377 -17.17 9.21 29.80
CA GLU A 377 -17.38 10.67 29.67
C GLU A 377 -16.52 11.50 30.65
N GLY A 378 -15.90 10.85 31.64
CA GLY A 378 -15.04 11.51 32.63
C GLY A 378 -15.80 12.27 33.72
N GLU A 379 -17.07 11.96 33.95
CA GLU A 379 -17.87 12.54 35.03
C GLU A 379 -17.30 12.15 36.40
N LEU A 380 -17.21 13.10 37.35
CA LEU A 380 -16.70 12.82 38.69
C LEU A 380 -17.59 11.78 39.42
N PRO A 381 -17.02 10.78 40.12
CA PRO A 381 -17.82 9.79 40.85
C PRO A 381 -18.71 10.43 41.92
N ILE A 382 -19.95 9.97 42.00
CA ILE A 382 -21.01 10.44 42.90
C ILE A 382 -21.21 9.40 44.01
N THR A 383 -21.10 9.78 45.28
CA THR A 383 -21.28 8.84 46.40
C THR A 383 -22.68 8.98 46.98
N VAL A 384 -23.41 7.88 47.08
CA VAL A 384 -24.77 7.81 47.62
C VAL A 384 -24.77 7.02 48.92
N SER A 385 -25.15 7.67 50.03
CA SER A 385 -25.41 7.00 51.31
C SER A 385 -26.79 6.33 51.28
N VAL A 386 -26.88 5.07 51.70
CA VAL A 386 -28.12 4.26 51.59
C VAL A 386 -28.61 3.78 52.96
N ASP A 387 -29.93 3.69 53.13
CA ASP A 387 -30.59 3.47 54.42
C ASP A 387 -30.49 2.02 54.95
N VAL A 388 -30.07 1.06 54.12
CA VAL A 388 -29.96 -0.37 54.45
C VAL A 388 -28.71 -0.98 53.81
N GLU A 389 -28.20 -2.08 54.37
CA GLU A 389 -27.22 -2.90 53.65
C GLU A 389 -27.92 -3.57 52.44
N PRO A 390 -27.56 -3.24 51.19
CA PRO A 390 -28.28 -3.76 50.04
C PRO A 390 -27.95 -5.23 49.78
N ASN A 391 -28.93 -5.99 49.29
CA ASN A 391 -28.71 -7.29 48.64
C ASN A 391 -28.56 -7.14 47.11
N PHE A 392 -29.11 -6.07 46.54
CA PHE A 392 -29.06 -5.76 45.11
C PHE A 392 -28.96 -4.25 44.86
N VAL A 393 -28.36 -3.90 43.73
CA VAL A 393 -28.09 -2.54 43.26
C VAL A 393 -28.43 -2.45 41.77
N ALA A 394 -29.01 -1.34 41.32
CA ALA A 394 -29.26 -1.08 39.90
C ALA A 394 -29.10 0.40 39.54
N VAL A 395 -28.66 0.68 38.32
CA VAL A 395 -28.42 2.05 37.83
C VAL A 395 -29.10 2.28 36.48
N GLY A 396 -29.60 3.50 36.28
CA GLY A 396 -30.17 3.98 35.02
C GLY A 396 -29.34 5.13 34.44
N LEU A 397 -29.93 5.91 33.55
CA LEU A 397 -29.31 7.16 33.08
C LEU A 397 -29.29 8.21 34.20
N TYR A 398 -30.44 8.48 34.83
CA TYR A 398 -30.63 9.58 35.79
C TYR A 398 -30.86 9.13 37.24
N HIS A 399 -30.86 7.82 37.49
CA HIS A 399 -31.26 7.24 38.78
C HIS A 399 -30.36 6.10 39.25
N LEU A 400 -30.37 5.92 40.57
CA LEU A 400 -29.87 4.73 41.26
C LEU A 400 -31.02 4.08 42.03
N ALA A 401 -31.01 2.75 42.12
CA ALA A 401 -31.84 1.97 43.02
C ALA A 401 -30.98 0.99 43.82
N VAL A 402 -31.37 0.73 45.06
CA VAL A 402 -30.83 -0.36 45.89
C VAL A 402 -31.97 -1.05 46.61
N GLY A 403 -31.80 -2.29 47.06
CA GLY A 403 -32.86 -2.96 47.80
C GLY A 403 -32.45 -4.20 48.58
N MET A 404 -33.42 -4.69 49.35
CA MET A 404 -33.30 -5.80 50.30
C MET A 404 -34.67 -6.48 50.43
N ASN A 405 -34.70 -7.82 50.40
CA ASN A 405 -35.94 -8.61 50.45
C ASN A 405 -37.00 -8.16 49.44
N ASN A 406 -38.18 -7.70 49.88
CA ASN A 406 -39.26 -7.20 49.02
C ASN A 406 -39.31 -5.67 48.89
N ARG A 407 -38.23 -4.94 49.21
CA ARG A 407 -38.18 -3.46 49.12
C ARG A 407 -37.01 -2.94 48.28
N ALA A 408 -37.25 -1.80 47.64
CA ALA A 408 -36.21 -0.99 47.00
C ALA A 408 -36.35 0.50 47.35
N TRP A 409 -35.25 1.23 47.26
CA TRP A 409 -35.11 2.67 47.51
C TRP A 409 -34.52 3.35 46.27
N PHE A 410 -35.10 4.46 45.84
CA PHE A 410 -34.73 5.14 44.58
C PHE A 410 -34.16 6.54 44.82
N TYR A 411 -33.16 6.92 44.02
CA TYR A 411 -32.41 8.18 44.15
C TYR A 411 -32.23 8.87 42.79
N VAL A 412 -32.37 10.20 42.75
CA VAL A 412 -32.00 11.04 41.59
C VAL A 412 -30.53 11.39 41.64
N LEU A 413 -29.84 11.18 40.51
CA LEU A 413 -28.44 11.52 40.27
C LEU A 413 -28.30 12.91 39.63
N GLY A 414 -28.65 13.96 40.37
CA GLY A 414 -28.48 15.35 39.92
C GLY A 414 -27.02 15.79 39.84
N GLU A 415 -26.76 16.94 39.21
CA GLU A 415 -25.41 17.52 39.08
C GLU A 415 -24.88 18.09 40.41
N ASN A 416 -25.75 18.72 41.21
CA ASN A 416 -25.35 19.41 42.45
C ASN A 416 -25.46 18.54 43.72
N ALA A 417 -26.40 17.59 43.75
CA ALA A 417 -26.72 16.75 44.91
C ALA A 417 -27.42 15.44 44.48
N VAL A 418 -27.42 14.44 45.37
CA VAL A 418 -28.24 13.22 45.25
C VAL A 418 -29.42 13.30 46.22
N LYS A 419 -30.63 13.08 45.71
CA LYS A 419 -31.88 13.13 46.48
C LYS A 419 -32.60 11.78 46.46
N LYS A 420 -32.92 11.23 47.62
CA LYS A 420 -33.83 10.07 47.77
C LYS A 420 -35.24 10.47 47.32
N LEU A 421 -35.79 9.78 46.33
CA LEU A 421 -37.16 9.98 45.85
C LEU A 421 -38.18 9.28 46.75
N LYS A 422 -38.10 7.96 46.83
CA LYS A 422 -39.09 7.08 47.48
C LYS A 422 -38.49 5.72 47.84
N ASP A 423 -39.10 5.06 48.81
CA ASP A 423 -39.06 3.60 48.97
C ASP A 423 -40.30 2.95 48.36
N MET A 424 -40.16 1.74 47.82
CA MET A 424 -41.25 0.94 47.26
C MET A 424 -41.20 -0.49 47.77
N GLU A 425 -42.38 -1.05 48.07
CA GLU A 425 -42.54 -2.42 48.55
C GLU A 425 -43.30 -3.28 47.53
N TYR A 426 -42.70 -4.40 47.13
CA TYR A 426 -43.22 -5.33 46.13
C TYR A 426 -43.97 -6.50 46.79
N LEU A 427 -44.78 -7.22 45.99
CA LEU A 427 -45.65 -8.30 46.48
C LEU A 427 -44.89 -9.56 46.95
N GLY A 428 -43.60 -9.67 46.62
CA GLY A 428 -42.72 -10.75 47.08
C GLY A 428 -41.25 -10.36 47.00
N THR A 429 -40.36 -11.28 47.39
CA THR A 429 -38.91 -11.03 47.40
C THR A 429 -38.42 -10.70 46.00
N VAL A 430 -37.78 -9.54 45.84
CA VAL A 430 -37.21 -9.09 44.57
C VAL A 430 -35.94 -9.91 44.28
N ALA A 431 -35.99 -10.73 43.23
CA ALA A 431 -34.85 -11.48 42.73
C ALA A 431 -33.85 -10.56 42.01
N SER A 432 -34.34 -9.58 41.26
CA SER A 432 -33.53 -8.56 40.56
C SER A 432 -34.36 -7.33 40.19
N ILE A 433 -33.69 -6.22 39.91
CA ILE A 433 -34.30 -4.97 39.42
C ILE A 433 -33.39 -4.33 38.35
N CYS A 434 -33.99 -3.69 37.35
CA CYS A 434 -33.31 -3.01 36.25
C CYS A 434 -33.90 -1.62 36.06
N LEU A 435 -33.07 -0.62 35.72
CA LEU A 435 -33.50 0.76 35.44
C LEU A 435 -33.09 1.16 34.02
N HIS A 436 -33.94 1.92 33.33
CA HIS A 436 -33.55 2.66 32.12
C HIS A 436 -34.51 3.83 31.88
N SER A 437 -34.07 4.88 31.18
CA SER A 437 -34.80 6.15 31.08
C SER A 437 -35.14 6.70 32.48
N ASP A 438 -36.42 6.71 32.86
CA ASP A 438 -36.94 6.91 34.21
C ASP A 438 -37.99 5.83 34.58
N TYR A 439 -37.90 4.66 33.93
CA TYR A 439 -38.59 3.42 34.28
C TYR A 439 -37.69 2.46 35.07
N ALA A 440 -38.32 1.69 35.95
CA ALA A 440 -37.74 0.55 36.65
C ALA A 440 -38.58 -0.71 36.41
N ALA A 441 -37.92 -1.86 36.25
CA ALA A 441 -38.55 -3.18 36.17
C ALA A 441 -38.01 -4.08 37.28
N ALA A 442 -38.87 -4.63 38.12
CA ALA A 442 -38.50 -5.50 39.26
C ALA A 442 -39.11 -6.90 39.11
N LEU A 443 -38.31 -7.94 39.32
CA LEU A 443 -38.73 -9.35 39.24
C LEU A 443 -38.92 -9.93 40.64
N PHE A 444 -40.12 -10.45 40.93
CA PHE A 444 -40.43 -11.17 42.18
C PHE A 444 -41.36 -12.35 41.92
N GLU A 445 -41.13 -13.48 42.60
CA GLU A 445 -41.96 -14.70 42.54
C GLU A 445 -42.23 -15.30 41.13
N GLY A 446 -41.45 -14.89 40.11
CA GLY A 446 -41.68 -15.27 38.70
C GLY A 446 -42.52 -14.28 37.89
N LYS A 447 -42.77 -13.06 38.39
CA LYS A 447 -43.48 -11.97 37.71
C LYS A 447 -42.64 -10.69 37.71
N VAL A 448 -42.74 -9.89 36.65
CA VAL A 448 -42.02 -8.60 36.55
C VAL A 448 -43.00 -7.44 36.68
N GLN A 449 -42.74 -6.50 37.59
CA GLN A 449 -43.45 -5.24 37.64
C GLN A 449 -42.63 -4.14 36.99
N LEU A 450 -43.13 -3.57 35.89
CA LEU A 450 -42.63 -2.33 35.31
C LEU A 450 -43.31 -1.14 36.01
N HIS A 451 -42.57 -0.10 36.37
CA HIS A 451 -43.12 1.13 36.94
C HIS A 451 -42.23 2.35 36.71
N LEU A 452 -42.82 3.54 36.77
CA LEU A 452 -42.05 4.79 36.74
C LEU A 452 -41.26 5.01 38.03
N ILE A 453 -40.07 5.60 37.90
CA ILE A 453 -39.23 6.07 38.99
C ILE A 453 -39.67 7.47 39.43
N GLU A 454 -39.96 8.34 38.45
CA GLU A 454 -40.56 9.66 38.64
C GLU A 454 -41.81 9.83 37.78
N SER A 455 -42.85 10.47 38.32
CA SER A 455 -44.03 10.89 37.59
C SER A 455 -44.81 11.98 38.32
N GLU A 456 -45.75 12.63 37.63
CA GLU A 456 -46.68 13.63 38.16
C GLU A 456 -48.03 13.52 37.44
N ILE A 457 -49.10 14.08 38.04
CA ILE A 457 -50.48 13.98 37.53
C ILE A 457 -50.64 14.63 36.14
N LEU A 458 -49.79 15.59 35.78
CA LEU A 458 -49.85 16.32 34.52
C LEU A 458 -49.80 15.38 33.30
N ASP A 459 -50.92 15.29 32.58
CA ASP A 459 -51.14 14.40 31.42
C ASP A 459 -50.87 12.89 31.71
N ALA A 460 -51.02 12.47 32.97
CA ALA A 460 -50.77 11.09 33.39
C ALA A 460 -51.73 10.06 32.79
N GLN A 461 -51.23 8.85 32.55
CA GLN A 461 -52.02 7.65 32.24
C GLN A 461 -51.79 6.60 33.33
N GLU A 462 -52.85 6.17 34.01
CA GLU A 462 -52.74 5.24 35.15
C GLU A 462 -52.15 3.87 34.74
N GLU A 463 -52.42 3.43 33.51
CA GLU A 463 -51.84 2.22 32.93
C GLU A 463 -50.32 2.31 32.71
N ARG A 464 -49.74 3.52 32.58
CA ARG A 464 -48.30 3.74 32.37
C ARG A 464 -47.50 3.86 33.66
N GLU A 465 -48.13 4.26 34.76
CA GLU A 465 -47.46 4.35 36.07
C GLU A 465 -46.86 3.01 36.50
N THR A 466 -47.61 1.92 36.32
CA THR A 466 -47.12 0.56 36.53
C THR A 466 -47.91 -0.50 35.75
N ARG A 467 -47.26 -1.62 35.41
CA ARG A 467 -47.83 -2.81 34.75
C ARG A 467 -47.13 -4.07 35.22
N LEU A 468 -47.84 -5.19 35.23
CA LEU A 468 -47.37 -6.45 35.80
C LEU A 468 -47.36 -7.58 34.76
N PHE A 469 -46.19 -8.19 34.57
CA PHE A 469 -45.87 -9.16 33.52
C PHE A 469 -45.74 -10.58 34.09
N PRO A 470 -46.31 -11.61 33.46
CA PRO A 470 -47.00 -11.60 32.15
C PRO A 470 -48.36 -10.90 32.17
N ALA A 471 -48.50 -9.84 31.35
CA ALA A 471 -49.68 -8.98 31.32
C ALA A 471 -50.86 -9.60 30.52
N VAL A 472 -50.55 -10.57 29.66
CA VAL A 472 -51.53 -11.46 28.98
C VAL A 472 -52.09 -12.52 29.96
N ASP A 473 -51.59 -12.58 31.20
CA ASP A 473 -51.93 -13.58 32.22
C ASP A 473 -51.64 -15.04 31.79
N ASP A 474 -50.51 -15.24 31.11
CA ASP A 474 -49.96 -16.57 30.82
C ASP A 474 -49.57 -17.32 32.11
N LYS A 475 -49.62 -18.66 32.08
CA LYS A 475 -49.25 -19.54 33.21
C LYS A 475 -47.74 -19.64 33.46
N CYS A 476 -46.92 -19.12 32.55
CA CYS A 476 -45.46 -19.12 32.63
C CYS A 476 -44.91 -18.30 33.82
N ARG A 477 -43.70 -18.62 34.24
CA ARG A 477 -42.90 -17.83 35.19
C ARG A 477 -41.74 -17.17 34.46
N ILE A 478 -41.60 -15.85 34.62
CA ILE A 478 -40.42 -15.11 34.16
C ILE A 478 -39.23 -15.51 35.05
N LEU A 479 -38.14 -15.95 34.44
CA LEU A 479 -36.90 -16.31 35.14
C LEU A 479 -35.87 -15.17 35.10
N CYS A 480 -35.91 -14.32 34.06
CA CYS A 480 -34.96 -13.23 33.86
C CYS A 480 -35.58 -12.08 33.05
N HIS A 481 -35.06 -10.87 33.23
CA HIS A 481 -35.48 -9.67 32.52
C HIS A 481 -34.36 -8.65 32.34
N ALA A 482 -34.55 -7.73 31.38
CA ALA A 482 -33.67 -6.61 31.11
C ALA A 482 -34.50 -5.41 30.60
N LEU A 483 -33.99 -4.19 30.79
CA LEU A 483 -34.68 -2.95 30.44
C LEU A 483 -33.74 -2.03 29.65
N THR A 484 -34.23 -1.49 28.54
CA THR A 484 -33.48 -0.59 27.64
C THR A 484 -34.19 0.76 27.52
N SER A 485 -33.63 1.68 26.73
CA SER A 485 -34.24 2.97 26.41
C SER A 485 -35.66 2.87 25.83
N ASP A 486 -36.02 1.72 25.25
CA ASP A 486 -37.25 1.52 24.47
C ASP A 486 -37.97 0.22 24.80
N PHE A 487 -37.30 -0.80 25.34
CA PHE A 487 -37.90 -2.12 25.54
C PHE A 487 -37.72 -2.65 26.95
N LEU A 488 -38.80 -3.23 27.50
CA LEU A 488 -38.69 -4.26 28.53
C LEU A 488 -38.57 -5.62 27.79
N ILE A 489 -37.65 -6.46 28.23
CA ILE A 489 -37.39 -7.77 27.63
C ILE A 489 -37.36 -8.81 28.76
N TYR A 490 -37.92 -10.01 28.55
CA TYR A 490 -37.85 -11.09 29.55
C TYR A 490 -37.87 -12.50 28.96
N GLY A 491 -37.34 -13.46 29.72
CA GLY A 491 -37.29 -14.90 29.40
C GLY A 491 -38.00 -15.77 30.44
N THR A 492 -38.58 -16.92 30.04
CA THR A 492 -39.48 -17.72 30.88
C THR A 492 -39.08 -19.19 31.05
N ASP A 493 -39.68 -19.83 32.06
CA ASP A 493 -39.62 -21.27 32.29
C ASP A 493 -40.16 -22.10 31.10
N THR A 494 -41.19 -21.62 30.39
CA THR A 494 -41.68 -22.22 29.14
C THR A 494 -40.75 -21.99 27.94
N GLY A 495 -39.61 -21.31 28.12
CA GLY A 495 -38.63 -21.02 27.08
C GLY A 495 -38.98 -19.83 26.18
N VAL A 496 -40.04 -19.10 26.50
CA VAL A 496 -40.42 -17.90 25.75
C VAL A 496 -39.48 -16.73 26.07
N VAL A 497 -39.13 -15.96 25.04
CA VAL A 497 -38.56 -14.61 25.12
C VAL A 497 -39.58 -13.62 24.57
N GLN A 498 -39.88 -12.55 25.31
CA GLN A 498 -40.81 -11.50 24.88
C GLN A 498 -40.20 -10.11 24.99
N TYR A 499 -40.53 -9.27 24.00
CA TYR A 499 -40.23 -7.83 23.96
C TYR A 499 -41.52 -7.01 24.12
N PHE A 500 -41.49 -6.07 25.06
CA PHE A 500 -42.52 -5.06 25.30
C PHE A 500 -41.96 -3.66 25.02
N TYR A 501 -42.55 -2.93 24.08
CA TYR A 501 -42.12 -1.60 23.64
C TYR A 501 -42.77 -0.51 24.50
N ILE A 502 -41.94 0.22 25.24
CA ILE A 502 -42.35 1.18 26.28
C ILE A 502 -43.09 2.39 25.68
N GLU A 503 -42.67 2.88 24.52
CA GLU A 503 -43.25 4.09 23.92
C GLU A 503 -44.70 3.87 23.47
N ASP A 504 -45.00 2.77 22.79
CA ASP A 504 -46.38 2.37 22.46
C ASP A 504 -47.12 1.67 23.63
N TRP A 505 -46.39 1.19 24.63
CA TRP A 505 -46.89 0.39 25.76
C TRP A 505 -47.55 -0.94 25.32
N GLN A 506 -46.87 -1.69 24.42
CA GLN A 506 -47.39 -2.94 23.82
C GLN A 506 -46.29 -3.96 23.50
N PHE A 507 -46.63 -5.25 23.44
CA PHE A 507 -45.73 -6.30 22.95
C PHE A 507 -45.41 -6.14 21.46
N VAL A 508 -44.17 -6.44 21.07
CA VAL A 508 -43.67 -6.28 19.68
C VAL A 508 -42.94 -7.50 19.11
N ASN A 509 -42.35 -8.37 19.94
CA ASN A 509 -41.89 -9.69 19.49
C ASN A 509 -41.96 -10.79 20.55
N ASP A 510 -42.02 -12.03 20.07
CA ASP A 510 -42.21 -13.26 20.83
C ASP A 510 -41.44 -14.39 20.13
N TYR A 511 -40.50 -15.02 20.84
CA TYR A 511 -39.73 -16.18 20.39
C TYR A 511 -39.88 -17.32 21.40
N ARG A 512 -39.92 -18.56 20.94
CA ARG A 512 -40.00 -19.75 21.81
C ARG A 512 -38.79 -20.66 21.60
N HIS A 513 -37.95 -20.78 22.62
CA HIS A 513 -36.82 -21.71 22.69
C HIS A 513 -37.28 -23.13 23.10
N PRO A 514 -36.62 -24.22 22.65
CA PRO A 514 -36.99 -25.59 23.03
C PRO A 514 -36.82 -25.96 24.52
N VAL A 515 -36.25 -25.08 25.35
CA VAL A 515 -36.03 -25.27 26.80
C VAL A 515 -36.07 -23.92 27.52
N SER A 516 -36.20 -23.89 28.85
CA SER A 516 -36.33 -22.62 29.60
C SER A 516 -35.16 -21.65 29.35
N VAL A 517 -35.47 -20.35 29.36
CA VAL A 517 -34.46 -19.29 29.21
C VAL A 517 -34.07 -18.78 30.59
N LYS A 518 -32.82 -19.00 30.98
CA LYS A 518 -32.31 -18.79 32.34
C LYS A 518 -31.82 -17.36 32.58
N LYS A 519 -31.13 -16.76 31.61
CA LYS A 519 -30.63 -15.36 31.66
C LYS A 519 -30.71 -14.69 30.28
N ILE A 520 -30.80 -13.36 30.27
CA ILE A 520 -30.80 -12.53 29.05
C ILE A 520 -29.94 -11.26 29.20
N PHE A 521 -29.37 -10.79 28.09
CA PHE A 521 -28.38 -9.71 28.02
C PHE A 521 -28.50 -8.96 26.67
N PRO A 522 -29.27 -7.86 26.58
CA PRO A 522 -29.45 -7.11 25.35
C PRO A 522 -28.27 -6.21 25.02
N ASP A 523 -28.11 -5.84 23.74
CA ASP A 523 -27.29 -4.70 23.36
C ASP A 523 -27.84 -3.41 23.98
N PRO A 524 -27.07 -2.30 24.04
CA PRO A 524 -27.54 -1.03 24.60
C PRO A 524 -28.86 -0.50 23.98
N ASN A 525 -29.09 -0.74 22.68
CA ASN A 525 -30.34 -0.38 21.97
C ASN A 525 -31.45 -1.46 22.03
N GLY A 526 -31.16 -2.69 22.47
CA GLY A 526 -32.10 -3.83 22.46
C GLY A 526 -32.27 -4.56 21.12
N THR A 527 -31.65 -4.11 20.01
CA THR A 527 -31.84 -4.68 18.66
C THR A 527 -31.30 -6.10 18.47
N ARG A 528 -30.45 -6.57 19.40
CA ARG A 528 -29.95 -7.94 19.55
C ARG A 528 -29.91 -8.32 21.02
N LEU A 529 -29.88 -9.62 21.29
CA LEU A 529 -29.93 -10.23 22.60
C LEU A 529 -28.91 -11.38 22.67
N VAL A 530 -28.24 -11.56 23.80
CA VAL A 530 -27.70 -12.87 24.19
C VAL A 530 -28.63 -13.46 25.24
N PHE A 531 -28.97 -14.74 25.11
CA PHE A 531 -29.66 -15.50 26.15
C PHE A 531 -28.90 -16.78 26.49
N ILE A 532 -29.06 -17.24 27.73
CA ILE A 532 -28.51 -18.50 28.25
C ILE A 532 -29.70 -19.40 28.59
N ASP A 533 -29.70 -20.65 28.13
CA ASP A 533 -30.79 -21.60 28.38
C ASP A 533 -30.54 -22.52 29.60
N GLU A 534 -31.51 -23.40 29.89
CA GLU A 534 -31.46 -24.34 31.02
C GLU A 534 -30.24 -25.29 31.02
N LYS A 535 -29.67 -25.59 29.85
CA LYS A 535 -28.45 -26.42 29.69
C LYS A 535 -27.16 -25.58 29.86
N SER A 536 -27.31 -24.30 30.19
CA SER A 536 -26.26 -23.29 30.19
C SER A 536 -25.64 -23.03 28.80
N ASP A 537 -26.35 -23.38 27.71
CA ASP A 537 -25.90 -23.02 26.37
C ASP A 537 -26.28 -21.57 26.03
N GLY A 538 -25.33 -20.84 25.44
CA GLY A 538 -25.49 -19.45 25.03
C GLY A 538 -25.99 -19.32 23.58
N PHE A 539 -26.90 -18.39 23.35
CA PHE A 539 -27.43 -18.07 22.02
C PHE A 539 -27.51 -16.57 21.81
N VAL A 540 -27.18 -16.10 20.60
CA VAL A 540 -27.59 -14.78 20.12
C VAL A 540 -28.99 -14.88 19.51
N TYR A 541 -29.87 -13.94 19.82
CA TYR A 541 -31.19 -13.76 19.21
C TYR A 541 -31.29 -12.39 18.53
N CYS A 542 -31.86 -12.40 17.33
CA CYS A 542 -32.06 -11.22 16.49
C CYS A 542 -33.57 -10.99 16.27
N PRO A 543 -34.26 -10.22 17.14
CA PRO A 543 -35.71 -10.00 17.02
C PRO A 543 -36.15 -9.40 15.67
N VAL A 544 -35.27 -8.67 14.99
CA VAL A 544 -35.56 -8.00 13.70
C VAL A 544 -35.91 -8.99 12.59
N ASN A 545 -35.26 -10.16 12.56
CA ASN A 545 -35.55 -11.26 11.62
C ASN A 545 -36.05 -12.55 12.32
N ASP A 546 -36.21 -12.51 13.65
CA ASP A 546 -36.62 -13.61 14.53
C ASP A 546 -35.65 -14.82 14.56
N ALA A 547 -34.41 -14.65 14.10
CA ALA A 547 -33.42 -15.72 14.02
C ALA A 547 -32.61 -15.90 15.31
N THR A 548 -32.08 -17.11 15.52
CA THR A 548 -31.18 -17.46 16.63
C THR A 548 -29.91 -18.16 16.16
N TYR A 549 -28.79 -17.87 16.82
CA TYR A 549 -27.48 -18.42 16.51
C TYR A 549 -26.81 -18.96 17.78
N GLU A 550 -26.32 -20.20 17.75
CA GLU A 550 -25.64 -20.83 18.88
C GLU A 550 -24.23 -20.25 19.09
N ILE A 551 -23.90 -19.83 20.30
CA ILE A 551 -22.57 -19.30 20.64
C ILE A 551 -21.58 -20.47 20.79
N PRO A 552 -20.47 -20.53 20.01
CA PRO A 552 -19.54 -21.66 20.06
C PRO A 552 -18.70 -21.66 21.33
N ASP A 553 -18.27 -22.83 21.79
CA ASP A 553 -17.37 -23.02 22.94
C ASP A 553 -17.84 -22.36 24.26
N PHE A 554 -19.15 -22.09 24.39
CA PHE A 554 -19.72 -21.34 25.51
C PHE A 554 -19.68 -22.17 26.81
N SER A 555 -18.81 -21.79 27.74
CA SER A 555 -18.58 -22.53 28.99
C SER A 555 -19.80 -22.50 29.92
N PRO A 556 -20.25 -23.64 30.49
CA PRO A 556 -21.38 -23.66 31.43
C PRO A 556 -21.12 -22.89 32.73
N THR A 557 -19.85 -22.59 33.04
CA THR A 557 -19.43 -21.76 34.18
C THR A 557 -19.74 -20.26 34.00
N ILE A 558 -20.12 -19.81 32.80
CA ILE A 558 -20.37 -18.39 32.52
C ILE A 558 -21.49 -17.84 33.41
N LYS A 559 -21.17 -16.79 34.16
CA LYS A 559 -22.08 -16.08 35.08
C LYS A 559 -22.84 -14.95 34.41
N GLY A 560 -22.25 -14.29 33.41
CA GLY A 560 -22.89 -13.17 32.72
C GLY A 560 -22.24 -12.78 31.39
N VAL A 561 -22.87 -11.82 30.73
CA VAL A 561 -22.50 -11.30 29.41
C VAL A 561 -22.60 -9.77 29.39
N LEU A 562 -21.70 -9.11 28.67
CA LEU A 562 -21.74 -7.66 28.39
C LEU A 562 -21.52 -7.38 26.90
N TRP A 563 -22.36 -6.55 26.30
CA TRP A 563 -22.13 -6.02 24.94
C TRP A 563 -21.13 -4.86 24.97
N GLU A 564 -20.34 -4.74 23.90
CA GLU A 564 -19.45 -3.61 23.69
C GLU A 564 -20.25 -2.31 23.48
N ASN A 565 -19.94 -1.26 24.25
CA ASN A 565 -20.62 0.04 24.17
C ASN A 565 -19.98 1.00 23.14
N TRP A 566 -18.80 0.68 22.62
CA TRP A 566 -18.12 1.45 21.57
C TRP A 566 -18.90 1.42 20.23
N PRO A 567 -19.21 2.58 19.60
CA PRO A 567 -20.14 2.64 18.47
C PRO A 567 -19.77 1.86 17.20
N MET A 568 -18.49 1.51 16.99
CA MET A 568 -18.07 0.75 15.80
C MET A 568 -18.20 -0.77 15.96
N ASP A 569 -18.19 -1.26 17.21
CA ASP A 569 -18.06 -2.68 17.55
C ASP A 569 -19.41 -3.28 17.99
N LYS A 570 -20.52 -2.83 17.38
CA LYS A 570 -21.89 -3.19 17.80
C LYS A 570 -22.19 -4.70 17.81
N GLY A 571 -21.50 -5.49 16.98
CA GLY A 571 -21.60 -6.95 16.97
C GLY A 571 -20.74 -7.67 18.03
N VAL A 572 -19.93 -6.96 18.81
CA VAL A 572 -19.01 -7.53 19.80
C VAL A 572 -19.66 -7.60 21.19
N PHE A 573 -19.49 -8.74 21.85
CA PHE A 573 -19.86 -8.93 23.25
C PHE A 573 -18.84 -9.82 23.94
N ILE A 574 -18.88 -9.85 25.27
CA ILE A 574 -18.08 -10.75 26.09
C ILE A 574 -18.97 -11.59 26.99
N ALA A 575 -18.54 -12.81 27.29
CA ALA A 575 -19.12 -13.67 28.31
C ALA A 575 -18.06 -13.97 29.39
N TYR A 576 -18.43 -14.11 30.66
CA TYR A 576 -17.43 -14.21 31.72
C TYR A 576 -17.81 -15.19 32.83
N ASP A 577 -16.78 -15.70 33.49
CA ASP A 577 -16.87 -16.48 34.73
C ASP A 577 -15.88 -15.94 35.78
N ASP A 578 -15.63 -16.68 36.87
CA ASP A 578 -14.71 -16.25 37.93
C ASP A 578 -13.22 -16.16 37.51
N ASP A 579 -12.82 -16.79 36.41
CA ASP A 579 -11.42 -16.89 35.97
C ASP A 579 -11.14 -16.20 34.62
N LYS A 580 -12.11 -16.16 33.71
CA LYS A 580 -11.91 -15.72 32.32
C LYS A 580 -13.09 -14.92 31.78
N VAL A 581 -12.76 -14.06 30.82
CA VAL A 581 -13.66 -13.40 29.89
C VAL A 581 -13.40 -13.96 28.49
N TYR A 582 -14.46 -14.31 27.77
CA TYR A 582 -14.44 -14.81 26.41
C TYR A 582 -15.03 -13.73 25.49
N THR A 583 -14.29 -13.31 24.47
CA THR A 583 -14.73 -12.27 23.52
C THR A 583 -15.36 -12.91 22.30
N TYR A 584 -16.60 -12.54 22.01
CA TYR A 584 -17.38 -13.05 20.89
C TYR A 584 -17.76 -11.93 19.92
N VAL A 585 -17.82 -12.27 18.63
CA VAL A 585 -18.29 -11.38 17.58
C VAL A 585 -19.43 -12.04 16.81
N PHE A 586 -20.60 -11.39 16.75
CA PHE A 586 -21.66 -11.75 15.83
C PHE A 586 -21.41 -11.11 14.47
N HIS A 587 -20.96 -11.91 13.49
CA HIS A 587 -20.87 -11.52 12.08
C HIS A 587 -22.24 -11.72 11.43
N LYS A 588 -23.04 -10.64 11.36
CA LYS A 588 -24.39 -10.65 10.79
C LYS A 588 -24.39 -10.88 9.27
N ASP A 589 -23.42 -10.28 8.56
CA ASP A 589 -23.32 -10.33 7.10
C ASP A 589 -21.99 -10.96 6.67
N THR A 590 -22.05 -12.15 6.06
CA THR A 590 -20.92 -12.85 5.43
C THR A 590 -21.41 -13.68 4.23
N ILE A 591 -20.52 -14.11 3.34
CA ILE A 591 -20.87 -15.00 2.21
C ILE A 591 -21.45 -16.34 2.70
N GLN A 592 -21.00 -16.84 3.85
CA GLN A 592 -21.49 -18.06 4.50
C GLN A 592 -22.77 -17.85 5.37
N GLY A 593 -23.39 -16.67 5.32
CA GLY A 593 -24.51 -16.28 6.18
C GLY A 593 -24.08 -15.71 7.55
N ALA A 594 -25.04 -15.47 8.44
CA ALA A 594 -24.78 -14.97 9.78
C ALA A 594 -24.17 -16.04 10.71
N LYS A 595 -23.21 -15.68 11.57
CA LYS A 595 -22.58 -16.59 12.55
C LYS A 595 -21.99 -15.85 13.76
N VAL A 596 -21.77 -16.57 14.87
CA VAL A 596 -21.05 -16.09 16.06
C VAL A 596 -19.67 -16.74 16.12
N ILE A 597 -18.61 -15.96 16.34
CA ILE A 597 -17.22 -16.43 16.40
C ILE A 597 -16.59 -16.08 17.75
N LEU A 598 -15.90 -17.02 18.39
CA LEU A 598 -15.03 -16.77 19.54
C LEU A 598 -13.73 -16.10 19.06
N ALA A 599 -13.56 -14.81 19.34
CA ALA A 599 -12.37 -14.05 18.97
C ALA A 599 -11.17 -14.28 19.92
N GLY A 600 -11.40 -14.68 21.17
CA GLY A 600 -10.32 -15.03 22.12
C GLY A 600 -10.78 -15.05 23.58
N SER A 601 -9.84 -15.28 24.51
CA SER A 601 -10.07 -15.22 25.96
C SER A 601 -9.05 -14.34 26.69
N THR A 602 -9.50 -13.67 27.76
CA THR A 602 -8.70 -12.83 28.66
C THR A 602 -8.85 -13.33 30.09
N LYS A 603 -7.74 -13.59 30.80
CA LYS A 603 -7.80 -13.98 32.22
C LYS A 603 -8.22 -12.81 33.10
N VAL A 604 -9.11 -13.05 34.05
CA VAL A 604 -9.62 -12.05 35.00
C VAL A 604 -8.96 -12.27 36.37
N PRO A 605 -8.44 -11.22 37.04
CA PRO A 605 -7.90 -11.34 38.39
C PRO A 605 -8.96 -11.82 39.40
N PHE A 606 -8.53 -12.48 40.48
CA PHE A 606 -9.43 -13.12 41.43
C PHE A 606 -10.50 -12.17 41.97
N ALA A 607 -11.75 -12.64 41.98
CA ALA A 607 -12.94 -11.96 42.50
C ALA A 607 -13.21 -10.55 41.95
N HIS A 608 -12.67 -10.21 40.77
CA HIS A 608 -13.12 -9.07 39.97
C HIS A 608 -14.45 -9.41 39.26
N LYS A 609 -15.45 -8.53 39.35
CA LYS A 609 -16.75 -8.68 38.65
C LYS A 609 -16.86 -7.66 37.51
N PRO A 610 -16.99 -8.07 36.24
CA PRO A 610 -17.21 -7.17 35.11
C PRO A 610 -18.48 -6.31 35.26
N LEU A 611 -18.40 -5.02 34.92
CA LEU A 611 -19.53 -4.08 34.92
C LEU A 611 -19.76 -3.41 33.56
N LEU A 612 -18.70 -2.90 32.91
CA LEU A 612 -18.77 -2.15 31.65
C LEU A 612 -17.68 -2.60 30.67
N LEU A 613 -18.03 -2.86 29.42
CA LEU A 613 -17.09 -2.97 28.30
C LEU A 613 -17.18 -1.73 27.40
N TYR A 614 -16.05 -1.09 27.14
CA TYR A 614 -15.92 0.07 26.25
C TYR A 614 -14.59 0.03 25.48
N ASN A 615 -14.66 -0.07 24.15
CA ASN A 615 -13.52 -0.10 23.22
C ASN A 615 -12.43 -1.12 23.62
N GLY A 616 -12.83 -2.36 23.94
CA GLY A 616 -11.92 -3.42 24.38
C GLY A 616 -11.34 -3.23 25.80
N GLU A 617 -11.73 -2.19 26.53
CA GLU A 617 -11.38 -1.96 27.93
C GLU A 617 -12.55 -2.37 28.82
N LEU A 618 -12.29 -3.30 29.74
CA LEU A 618 -13.27 -3.90 30.63
C LEU A 618 -13.11 -3.31 32.04
N THR A 619 -14.12 -2.61 32.52
CA THR A 619 -14.14 -2.09 33.89
C THR A 619 -14.82 -3.09 34.81
N CYS A 620 -14.10 -3.49 35.87
CA CYS A 620 -14.52 -4.50 36.86
C CYS A 620 -14.57 -3.90 38.27
N GLN A 621 -15.53 -4.32 39.08
CA GLN A 621 -15.55 -4.10 40.52
C GLN A 621 -14.60 -5.08 41.23
N THR A 622 -13.80 -4.59 42.18
CA THR A 622 -12.90 -5.39 43.02
C THR A 622 -13.53 -5.70 44.39
N GLN A 623 -13.00 -6.68 45.15
CA GLN A 623 -13.42 -6.94 46.54
C GLN A 623 -13.19 -5.75 47.50
N SER A 624 -12.30 -4.81 47.15
CA SER A 624 -12.05 -3.59 47.96
C SER A 624 -13.12 -2.49 47.82
N GLY A 625 -14.14 -2.71 46.98
CA GLY A 625 -15.15 -1.71 46.60
C GLY A 625 -14.73 -0.82 45.41
N LYS A 626 -13.43 -0.70 45.12
CA LYS A 626 -12.90 0.09 43.98
C LYS A 626 -13.15 -0.59 42.63
N VAL A 627 -13.17 0.18 41.55
CA VAL A 627 -13.10 -0.35 40.17
C VAL A 627 -11.66 -0.49 39.67
N ASN A 628 -11.45 -1.36 38.68
CA ASN A 628 -10.19 -1.57 37.97
C ASN A 628 -10.48 -1.84 36.47
N ASN A 629 -9.57 -1.45 35.58
CA ASN A 629 -9.70 -1.62 34.12
C ASN A 629 -8.74 -2.68 33.59
N ILE A 630 -9.26 -3.56 32.74
CA ILE A 630 -8.54 -4.66 32.09
C ILE A 630 -8.69 -4.50 30.57
N TYR A 631 -7.60 -4.36 29.83
CA TYR A 631 -7.66 -4.47 28.36
C TYR A 631 -7.79 -5.93 27.93
N LEU A 632 -8.77 -6.22 27.07
CA LEU A 632 -8.96 -7.56 26.50
C LEU A 632 -7.77 -7.96 25.61
N SER A 633 -7.38 -9.23 25.66
CA SER A 633 -6.32 -9.82 24.81
C SER A 633 -6.63 -9.68 23.31
N THR A 634 -7.90 -9.72 22.95
CA THR A 634 -8.44 -9.49 21.58
C THR A 634 -8.27 -8.07 21.08
N HIS A 635 -7.90 -7.12 21.94
CA HIS A 635 -7.73 -5.70 21.64
C HIS A 635 -6.30 -5.19 21.91
N GLY A 636 -5.32 -6.11 21.95
CA GLY A 636 -3.91 -5.80 22.19
C GLY A 636 -3.25 -4.90 21.14
N PHE A 637 -3.88 -4.70 19.99
CA PHE A 637 -3.46 -3.70 19.01
C PHE A 637 -3.57 -2.24 19.53
N LEU A 638 -4.46 -1.94 20.48
CA LEU A 638 -4.61 -0.59 21.04
C LEU A 638 -3.41 -0.26 21.94
N SER A 639 -2.50 0.61 21.47
CA SER A 639 -1.24 0.96 22.15
C SER A 639 -0.70 2.33 21.73
N ASN A 640 0.51 2.70 22.16
CA ASN A 640 1.33 3.70 21.48
C ASN A 640 1.92 3.07 20.19
N LEU A 641 1.20 3.25 19.07
CA LEU A 641 1.28 2.39 17.89
C LEU A 641 2.65 2.40 17.15
N LYS A 642 3.41 3.49 17.28
CA LYS A 642 4.60 3.74 16.45
C LYS A 642 5.81 2.88 16.80
N ASP A 643 5.92 2.37 18.03
CA ASP A 643 7.10 1.62 18.49
C ASP A 643 7.12 0.16 17.98
N THR A 644 5.97 -0.51 18.00
CA THR A 644 5.74 -1.84 17.38
C THR A 644 5.58 -1.73 15.88
N GLY A 645 5.14 -0.56 15.38
CA GLY A 645 4.90 -0.37 13.95
C GLY A 645 3.94 -1.46 13.44
N PRO A 646 4.29 -2.21 12.39
CA PRO A 646 3.44 -3.30 11.88
C PRO A 646 3.06 -4.35 12.94
N ASP A 647 3.85 -4.56 13.98
CA ASP A 647 3.63 -5.66 14.94
C ASP A 647 2.37 -5.52 15.81
N GLU A 648 1.92 -4.30 16.10
CA GLU A 648 0.58 -4.06 16.67
C GLU A 648 -0.38 -3.47 15.62
N LEU A 649 0.13 -2.70 14.65
CA LEU A 649 -0.70 -2.08 13.63
C LEU A 649 -1.37 -3.09 12.69
N ARG A 650 -0.72 -4.19 12.29
CA ARG A 650 -1.32 -5.19 11.38
C ARG A 650 -2.57 -5.87 11.93
N PRO A 651 -2.59 -6.42 13.16
CA PRO A 651 -3.83 -6.92 13.76
C PRO A 651 -4.85 -5.80 14.02
N MET A 652 -4.43 -4.58 14.35
CA MET A 652 -5.35 -3.43 14.43
C MET A 652 -6.04 -3.17 13.08
N LEU A 653 -5.27 -3.18 11.98
CA LEU A 653 -5.77 -2.99 10.63
C LEU A 653 -6.74 -4.11 10.24
N ALA A 654 -6.37 -5.38 10.44
CA ALA A 654 -7.26 -6.50 10.16
C ALA A 654 -8.58 -6.39 10.93
N GLN A 655 -8.52 -6.04 12.22
CA GLN A 655 -9.72 -5.78 13.02
C GLN A 655 -10.54 -4.61 12.46
N ASN A 656 -9.91 -3.47 12.15
CA ASN A 656 -10.59 -2.29 11.62
C ASN A 656 -11.25 -2.52 10.26
N LEU A 657 -10.60 -3.29 9.37
CA LEU A 657 -11.18 -3.70 8.09
C LEU A 657 -12.40 -4.61 8.27
N MET A 658 -12.36 -5.56 9.20
CA MET A 658 -13.52 -6.38 9.55
C MET A 658 -14.66 -5.56 10.17
N LEU A 659 -14.34 -4.56 11.00
CA LEU A 659 -15.29 -3.61 11.60
C LEU A 659 -15.75 -2.50 10.64
N LYS A 660 -15.31 -2.49 9.37
CA LYS A 660 -15.66 -1.47 8.36
C LYS A 660 -15.24 -0.03 8.72
N ARG A 661 -14.27 0.14 9.64
CA ARG A 661 -13.74 1.45 10.10
C ARG A 661 -12.70 2.01 9.13
N PHE A 662 -13.11 2.28 7.89
CA PHE A 662 -12.18 2.63 6.80
C PHE A 662 -11.39 3.93 7.01
N SER A 663 -11.97 4.93 7.67
CA SER A 663 -11.29 6.17 8.04
C SER A 663 -10.12 5.94 9.02
N ASP A 664 -10.30 5.04 10.00
CA ASP A 664 -9.21 4.60 10.87
C ASP A 664 -8.19 3.75 10.09
N ALA A 665 -8.66 2.79 9.28
CA ALA A 665 -7.78 1.93 8.49
C ALA A 665 -6.89 2.73 7.50
N TRP A 666 -7.39 3.82 6.93
CA TRP A 666 -6.59 4.77 6.15
C TRP A 666 -5.48 5.42 6.98
N GLU A 667 -5.77 5.91 8.18
CA GLU A 667 -4.73 6.49 9.06
C GLU A 667 -3.70 5.43 9.48
N MET A 668 -4.14 4.20 9.77
CA MET A 668 -3.24 3.08 10.06
C MET A 668 -2.36 2.74 8.83
N CYS A 669 -2.93 2.68 7.62
CA CYS A 669 -2.17 2.48 6.39
C CYS A 669 -1.18 3.62 6.13
N ARG A 670 -1.54 4.87 6.46
CA ARG A 670 -0.62 6.02 6.40
C ARG A 670 0.58 5.84 7.35
N ILE A 671 0.34 5.37 8.57
CA ILE A 671 1.41 5.12 9.56
C ILE A 671 2.27 3.90 9.16
N LEU A 672 1.65 2.83 8.67
CA LEU A 672 2.33 1.62 8.17
C LEU A 672 3.20 1.89 6.93
N ASN A 673 2.70 2.69 5.99
CA ASN A 673 3.31 2.99 4.69
C ASN A 673 3.75 1.74 3.89
N ASP A 674 2.93 0.69 3.90
CA ASP A 674 3.18 -0.59 3.22
C ASP A 674 2.18 -0.79 2.07
N GLU A 675 2.68 -1.01 0.85
CA GLU A 675 1.86 -1.25 -0.33
C GLU A 675 0.90 -2.45 -0.15
N ALA A 676 1.31 -3.48 0.61
CA ALA A 676 0.42 -4.60 0.92
C ALA A 676 -0.74 -4.20 1.83
N ALA A 677 -0.53 -3.30 2.80
CA ALA A 677 -1.60 -2.79 3.65
C ALA A 677 -2.60 -1.95 2.85
N TRP A 678 -2.11 -1.09 1.94
CA TRP A 678 -2.98 -0.36 1.02
C TRP A 678 -3.79 -1.31 0.12
N ASN A 679 -3.19 -2.38 -0.40
CA ASN A 679 -3.90 -3.38 -1.19
C ASN A 679 -4.93 -4.17 -0.36
N GLU A 680 -4.63 -4.52 0.89
CA GLU A 680 -5.60 -5.17 1.78
C GLU A 680 -6.78 -4.24 2.10
N LEU A 681 -6.52 -2.95 2.37
CA LEU A 681 -7.55 -1.93 2.51
C LEU A 681 -8.39 -1.79 1.23
N ALA A 682 -7.76 -1.75 0.06
CA ALA A 682 -8.45 -1.66 -1.23
C ALA A 682 -9.37 -2.87 -1.47
N ARG A 683 -8.86 -4.09 -1.27
CA ARG A 683 -9.63 -5.33 -1.41
C ARG A 683 -10.79 -5.38 -0.41
N ALA A 684 -10.56 -5.00 0.84
CA ALA A 684 -11.62 -4.88 1.83
C ALA A 684 -12.70 -3.85 1.42
N CYS A 685 -12.33 -2.67 0.92
CA CYS A 685 -13.29 -1.70 0.40
C CYS A 685 -14.14 -2.29 -0.74
N LEU A 686 -13.55 -3.09 -1.64
CA LEU A 686 -14.29 -3.77 -2.70
C LEU A 686 -15.23 -4.86 -2.16
N HIS A 687 -14.77 -5.69 -1.20
CA HIS A 687 -15.61 -6.72 -0.57
C HIS A 687 -16.81 -6.12 0.17
N HIS A 688 -16.57 -5.01 0.86
CA HIS A 688 -17.59 -4.25 1.59
C HIS A 688 -18.28 -3.17 0.75
N MET A 689 -18.09 -3.18 -0.58
CA MET A 689 -18.79 -2.33 -1.56
C MET A 689 -18.60 -0.80 -1.40
N GLU A 690 -17.60 -0.35 -0.62
CA GLU A 690 -17.32 1.08 -0.38
C GLU A 690 -16.56 1.72 -1.54
N VAL A 691 -17.24 1.84 -2.69
CA VAL A 691 -16.65 2.30 -3.95
C VAL A 691 -16.00 3.69 -3.85
N GLU A 692 -16.61 4.64 -3.14
CA GLU A 692 -16.02 5.99 -2.98
C GLU A 692 -14.68 5.95 -2.22
N PHE A 693 -14.58 5.08 -1.22
CA PHE A 693 -13.35 4.88 -0.47
C PHE A 693 -12.33 4.07 -1.28
N ALA A 694 -12.78 3.06 -2.03
CA ALA A 694 -11.92 2.30 -2.93
C ALA A 694 -11.28 3.20 -4.00
N ILE A 695 -12.04 4.13 -4.59
CA ILE A 695 -11.52 5.14 -5.53
C ILE A 695 -10.38 5.94 -4.89
N ARG A 696 -10.57 6.45 -3.67
CA ARG A 696 -9.54 7.18 -2.92
C ARG A 696 -8.29 6.36 -2.68
N VAL A 697 -8.45 5.12 -2.24
CA VAL A 697 -7.33 4.20 -1.98
C VAL A 697 -6.58 3.86 -3.26
N TYR A 698 -7.28 3.50 -4.34
CA TYR A 698 -6.64 3.23 -5.62
C TYR A 698 -5.97 4.46 -6.24
N ARG A 699 -6.51 5.68 -6.02
CA ARG A 699 -5.87 6.94 -6.43
C ARG A 699 -4.56 7.18 -5.68
N ARG A 700 -4.49 6.86 -4.38
CA ARG A 700 -3.25 6.87 -3.58
C ARG A 700 -2.24 5.80 -4.04
N ILE A 701 -2.71 4.58 -4.32
CA ILE A 701 -1.90 3.51 -4.91
C ILE A 701 -1.37 3.90 -6.30
N GLY A 702 -2.08 4.78 -7.02
CA GLY A 702 -1.76 5.23 -8.37
C GLY A 702 -2.31 4.32 -9.47
N ASN A 703 -3.21 3.39 -9.16
CA ASN A 703 -3.82 2.51 -10.14
C ASN A 703 -4.98 3.21 -10.87
N VAL A 704 -4.61 4.06 -11.83
CA VAL A 704 -5.55 4.91 -12.57
C VAL A 704 -6.61 4.10 -13.31
N GLY A 705 -6.25 2.93 -13.85
CA GLY A 705 -7.17 2.06 -14.56
C GLY A 705 -8.33 1.56 -13.69
N ILE A 706 -8.04 1.12 -12.47
CA ILE A 706 -9.09 0.75 -11.51
C ILE A 706 -9.90 1.98 -11.11
N VAL A 707 -9.28 3.13 -10.86
CA VAL A 707 -10.03 4.35 -10.53
C VAL A 707 -11.02 4.74 -11.62
N MET A 708 -10.60 4.75 -12.89
CA MET A 708 -11.51 5.05 -14.01
C MET A 708 -12.67 4.05 -14.10
N SER A 709 -12.39 2.76 -13.91
CA SER A 709 -13.43 1.74 -13.93
C SER A 709 -14.42 1.86 -12.75
N LEU A 710 -13.93 2.20 -11.56
CA LEU A 710 -14.79 2.42 -10.40
C LEU A 710 -15.62 3.71 -10.55
N GLU A 711 -15.05 4.78 -11.10
CA GLU A 711 -15.80 6.00 -11.44
C GLU A 711 -16.94 5.74 -12.43
N GLN A 712 -16.80 4.77 -13.34
CA GLN A 712 -17.88 4.34 -14.24
C GLN A 712 -19.01 3.60 -13.50
N ILE A 713 -18.69 2.79 -12.49
CA ILE A 713 -19.65 1.98 -11.71
C ILE A 713 -20.24 2.70 -10.50
N LYS A 714 -19.65 3.81 -10.03
CA LYS A 714 -20.04 4.58 -8.83
C LYS A 714 -21.54 4.87 -8.72
N GLY A 715 -22.21 5.14 -9.85
CA GLY A 715 -23.64 5.42 -9.92
C GLY A 715 -24.58 4.21 -9.92
N ILE A 716 -24.07 2.97 -9.99
CA ILE A 716 -24.90 1.75 -10.01
C ILE A 716 -25.51 1.52 -8.63
N GLU A 717 -26.84 1.46 -8.55
CA GLU A 717 -27.57 1.25 -7.29
C GLU A 717 -28.08 -0.17 -7.10
N ASP A 718 -28.20 -0.96 -8.16
CA ASP A 718 -28.57 -2.38 -8.06
C ASP A 718 -27.47 -3.15 -7.32
N TYR A 719 -27.83 -3.70 -6.15
CA TYR A 719 -26.89 -4.38 -5.28
C TYR A 719 -26.17 -5.53 -5.99
N ASN A 720 -26.92 -6.36 -6.72
CA ASN A 720 -26.38 -7.53 -7.39
C ASN A 720 -25.51 -7.14 -8.60
N LEU A 721 -25.90 -6.11 -9.36
CA LEU A 721 -25.09 -5.63 -10.47
C LEU A 721 -23.77 -5.03 -10.00
N LEU A 722 -23.82 -4.17 -8.98
CA LEU A 722 -22.63 -3.58 -8.38
C LEU A 722 -21.72 -4.66 -7.80
N ALA A 723 -22.26 -5.56 -6.97
CA ALA A 723 -21.50 -6.67 -6.42
C ALA A 723 -20.89 -7.56 -7.51
N GLY A 724 -21.59 -7.75 -8.63
CA GLY A 724 -21.07 -8.46 -9.78
C GLY A 724 -19.82 -7.80 -10.39
N HIS A 725 -19.87 -6.49 -10.66
CA HIS A 725 -18.71 -5.75 -11.13
C HIS A 725 -17.55 -5.75 -10.12
N LEU A 726 -17.83 -5.58 -8.83
CA LEU A 726 -16.78 -5.60 -7.82
C LEU A 726 -16.17 -7.00 -7.66
N ALA A 727 -16.97 -8.06 -7.73
CA ALA A 727 -16.46 -9.42 -7.79
C ALA A 727 -15.58 -9.65 -9.02
N MET A 728 -15.98 -9.13 -10.19
CA MET A 728 -15.17 -9.12 -11.41
C MET A 728 -13.81 -8.45 -11.18
N PHE A 729 -13.78 -7.30 -10.51
CA PHE A 729 -12.54 -6.59 -10.17
C PHE A 729 -11.66 -7.35 -9.16
N THR A 730 -12.25 -8.12 -8.25
CA THR A 730 -11.52 -9.06 -7.38
C THR A 730 -11.22 -10.42 -8.04
N ASN A 731 -11.41 -10.56 -9.35
CA ASN A 731 -11.18 -11.79 -10.12
C ASN A 731 -12.00 -13.02 -9.67
N ASP A 732 -13.14 -12.83 -8.99
CA ASP A 732 -14.04 -13.92 -8.57
C ASP A 732 -15.18 -14.11 -9.57
N TYR A 733 -14.84 -14.64 -10.76
CA TYR A 733 -15.74 -14.67 -11.92
C TYR A 733 -16.99 -15.52 -11.72
N ASN A 734 -16.92 -16.60 -10.95
CA ASN A 734 -18.08 -17.45 -10.68
C ASN A 734 -19.11 -16.72 -9.80
N LEU A 735 -18.66 -16.06 -8.74
CA LEU A 735 -19.52 -15.21 -7.92
C LEU A 735 -20.05 -14.03 -8.75
N ALA A 736 -19.21 -13.41 -9.57
CA ALA A 736 -19.64 -12.34 -10.47
C ALA A 736 -20.74 -12.78 -11.44
N GLN A 737 -20.59 -13.96 -12.06
CA GLN A 737 -21.61 -14.55 -12.93
C GLN A 737 -22.93 -14.77 -12.18
N ASP A 738 -22.89 -15.42 -11.01
CA ASP A 738 -24.09 -15.65 -10.21
C ASP A 738 -24.81 -14.34 -9.83
N LEU A 739 -24.05 -13.33 -9.43
CA LEU A 739 -24.58 -12.00 -9.10
C LEU A 739 -25.15 -11.28 -10.33
N TYR A 740 -24.46 -11.30 -11.47
CA TYR A 740 -25.00 -10.75 -12.71
C TYR A 740 -26.30 -11.47 -13.13
N LEU A 741 -26.38 -12.80 -13.03
CA LEU A 741 -27.62 -13.54 -13.32
C LEU A 741 -28.78 -13.16 -12.37
N ALA A 742 -28.49 -12.88 -11.10
CA ALA A 742 -29.46 -12.36 -10.14
C ALA A 742 -29.75 -10.84 -10.29
N SER A 743 -29.02 -10.12 -11.13
CA SER A 743 -29.18 -8.68 -11.33
C SER A 743 -30.25 -8.31 -12.36
N SER A 744 -30.54 -7.03 -12.48
CA SER A 744 -31.37 -6.49 -13.56
C SER A 744 -30.78 -6.63 -14.98
N CYS A 745 -29.47 -6.89 -15.12
CA CYS A 745 -28.80 -7.03 -16.42
C CYS A 745 -27.97 -8.33 -16.50
N PRO A 746 -28.62 -9.50 -16.69
CA PRO A 746 -27.93 -10.79 -16.85
C PRO A 746 -26.89 -10.82 -17.98
N ILE A 747 -27.09 -10.02 -19.04
CA ILE A 747 -26.19 -9.92 -20.21
C ILE A 747 -24.76 -9.54 -19.81
N ALA A 748 -24.55 -8.83 -18.70
CA ALA A 748 -23.22 -8.53 -18.18
C ALA A 748 -22.39 -9.80 -17.86
N ALA A 749 -23.03 -10.91 -17.48
CA ALA A 749 -22.37 -12.19 -17.30
C ALA A 749 -21.80 -12.73 -18.62
N LEU A 750 -22.62 -12.71 -19.69
CA LEU A 750 -22.20 -13.09 -21.04
C LEU A 750 -21.02 -12.23 -21.50
N GLU A 751 -21.15 -10.92 -21.37
CA GLU A 751 -20.11 -9.98 -21.75
C GLU A 751 -18.82 -10.23 -20.98
N MET A 752 -18.89 -10.44 -19.66
CA MET A 752 -17.73 -10.79 -18.85
C MET A 752 -17.05 -12.07 -19.34
N ARG A 753 -17.81 -13.13 -19.59
CA ARG A 753 -17.25 -14.40 -20.07
C ARG A 753 -16.65 -14.30 -21.47
N ARG A 754 -17.28 -13.53 -22.35
CA ARG A 754 -16.75 -13.18 -23.67
C ARG A 754 -15.42 -12.43 -23.56
N ASP A 755 -15.34 -11.45 -22.67
CA ASP A 755 -14.14 -10.66 -22.40
C ASP A 755 -12.98 -11.50 -21.85
N LEU A 756 -13.28 -12.44 -20.96
CA LEU A 756 -12.32 -13.42 -20.45
C LEU A 756 -11.96 -14.53 -21.46
N GLN A 757 -12.58 -14.56 -22.65
CA GLN A 757 -12.43 -15.60 -23.67
C GLN A 757 -12.82 -17.01 -23.17
N HIS A 758 -13.76 -17.11 -22.22
CA HIS A 758 -14.34 -18.38 -21.75
C HIS A 758 -15.54 -18.75 -22.64
N TRP A 759 -15.24 -19.12 -23.88
CA TRP A 759 -16.22 -19.24 -24.96
C TRP A 759 -17.32 -20.27 -24.72
N ASP A 760 -17.01 -21.42 -24.12
CA ASP A 760 -18.02 -22.42 -23.77
C ASP A 760 -19.08 -21.88 -22.79
N SER A 761 -18.63 -21.21 -21.73
CA SER A 761 -19.51 -20.57 -20.75
C SER A 761 -20.27 -19.39 -21.36
N ALA A 762 -19.62 -18.58 -22.19
CA ALA A 762 -20.26 -17.49 -22.93
C ALA A 762 -21.39 -18.00 -23.85
N LEU A 763 -21.16 -19.10 -24.57
CA LEU A 763 -22.16 -19.74 -25.42
C LEU A 763 -23.31 -20.34 -24.61
N GLN A 764 -23.04 -21.02 -23.50
CA GLN A 764 -24.08 -21.56 -22.62
C GLN A 764 -24.96 -20.44 -22.05
N LEU A 765 -24.37 -19.32 -21.64
CA LEU A 765 -25.12 -18.13 -21.21
C LEU A 765 -25.94 -17.53 -22.35
N ALA A 766 -25.36 -17.41 -23.55
CA ALA A 766 -26.04 -16.86 -24.72
C ALA A 766 -27.28 -17.68 -25.13
N LYS A 767 -27.25 -19.01 -25.00
CA LYS A 767 -28.42 -19.89 -25.25
C LYS A 767 -29.64 -19.52 -24.39
N HIS A 768 -29.42 -19.12 -23.13
CA HIS A 768 -30.51 -18.74 -22.22
C HIS A 768 -30.88 -17.25 -22.32
N LEU A 769 -29.88 -16.37 -22.43
CA LEU A 769 -30.06 -14.92 -22.29
C LEU A 769 -30.18 -14.13 -23.60
N ALA A 770 -29.48 -14.51 -24.66
CA ALA A 770 -29.41 -13.75 -25.92
C ALA A 770 -29.04 -14.63 -27.14
N PRO A 771 -29.99 -15.42 -27.66
CA PRO A 771 -29.74 -16.32 -28.79
C PRO A 771 -29.22 -15.61 -30.05
N ASP A 772 -29.60 -14.34 -30.25
CA ASP A 772 -29.14 -13.50 -31.35
C ASP A 772 -27.63 -13.22 -31.32
N GLN A 773 -26.97 -13.31 -30.17
CA GLN A 773 -25.52 -13.11 -30.04
C GLN A 773 -24.70 -14.38 -30.29
N ILE A 774 -25.32 -15.57 -30.26
CA ILE A 774 -24.64 -16.86 -30.47
C ILE A 774 -23.77 -16.87 -31.73
N PRO A 775 -24.24 -16.37 -32.90
CA PRO A 775 -23.46 -16.44 -34.13
C PRO A 775 -22.19 -15.59 -34.09
N PHE A 776 -22.27 -14.41 -33.48
CA PHE A 776 -21.16 -13.47 -33.33
C PHE A 776 -20.11 -14.02 -32.36
N ILE A 777 -20.54 -14.52 -31.20
CA ILE A 777 -19.67 -15.21 -30.23
C ILE A 777 -18.98 -16.41 -30.87
N SER A 778 -19.73 -17.19 -31.66
CA SER A 778 -19.21 -18.36 -32.36
C SER A 778 -18.16 -18.01 -33.41
N LYS A 779 -18.33 -16.91 -34.17
CA LYS A 779 -17.29 -16.43 -35.11
C LYS A 779 -16.00 -16.08 -34.36
N GLU A 780 -16.08 -15.31 -33.28
CA GLU A 780 -14.89 -14.94 -32.50
C GLU A 780 -14.21 -16.17 -31.88
N TYR A 781 -14.98 -17.12 -31.36
CA TYR A 781 -14.46 -18.40 -30.90
C TYR A 781 -13.80 -19.19 -32.03
N ALA A 782 -14.43 -19.26 -33.22
CA ALA A 782 -13.90 -19.95 -34.37
C ALA A 782 -12.56 -19.37 -34.85
N ILE A 783 -12.39 -18.04 -34.81
CA ILE A 783 -11.12 -17.39 -35.12
C ILE A 783 -10.03 -17.85 -34.14
N GLN A 784 -10.35 -17.89 -32.84
CA GLN A 784 -9.43 -18.38 -31.81
C GLN A 784 -9.09 -19.87 -31.99
N LEU A 785 -10.09 -20.71 -32.30
CA LEU A 785 -9.90 -22.13 -32.59
C LEU A 785 -9.08 -22.39 -33.86
N GLU A 786 -9.30 -21.60 -34.91
CA GLU A 786 -8.51 -21.62 -36.15
C GLU A 786 -7.04 -21.29 -35.87
N PHE A 787 -6.76 -20.29 -35.02
CA PHE A 787 -5.39 -20.00 -34.57
C PHE A 787 -4.80 -21.11 -33.69
N ALA A 788 -5.59 -21.72 -32.80
CA ALA A 788 -5.17 -22.83 -31.96
C ALA A 788 -4.89 -24.13 -32.73
N GLY A 789 -5.37 -24.25 -33.98
CA GLY A 789 -5.21 -25.44 -34.84
C GLY A 789 -6.33 -26.48 -34.72
N MET B 1 49.21 -10.88 -20.67
CA MET B 1 50.11 -11.34 -19.57
C MET B 1 51.15 -12.30 -20.14
N ALA B 2 52.42 -12.19 -19.71
CA ALA B 2 53.54 -13.01 -20.21
C ALA B 2 54.28 -13.76 -19.10
N LEU B 3 54.90 -14.88 -19.47
CA LEU B 3 55.75 -15.72 -18.64
C LEU B 3 57.11 -15.93 -19.32
N TYR B 4 58.15 -16.14 -18.52
CA TYR B 4 59.53 -16.32 -18.99
C TYR B 4 60.01 -17.74 -18.69
N TYR B 5 60.46 -18.44 -19.73
CA TYR B 5 60.76 -19.86 -19.71
C TYR B 5 62.28 -20.06 -19.66
N ASP B 6 62.75 -20.77 -18.64
CA ASP B 6 64.16 -20.89 -18.30
C ASP B 6 64.87 -22.05 -19.04
N HIS B 7 65.43 -21.74 -20.21
CA HIS B 7 66.33 -22.63 -20.95
C HIS B 7 67.73 -22.55 -20.33
N GLN B 8 68.02 -23.37 -19.31
CA GLN B 8 69.40 -23.51 -18.81
C GLN B 8 70.29 -24.06 -19.91
N ILE B 9 71.47 -23.47 -20.10
CA ILE B 9 72.39 -23.94 -21.14
C ILE B 9 72.96 -25.32 -20.78
N GLU B 10 73.15 -26.17 -21.79
CA GLU B 10 73.82 -27.47 -21.66
C GLU B 10 75.35 -27.29 -21.60
N ALA B 11 75.85 -26.77 -20.47
CA ALA B 11 77.28 -26.60 -20.24
C ALA B 11 78.02 -27.97 -20.24
N PRO B 12 79.20 -28.08 -20.88
CA PRO B 12 80.03 -29.28 -20.80
C PRO B 12 80.46 -29.63 -19.36
N ASP B 13 80.70 -30.92 -19.07
CA ASP B 13 81.18 -31.34 -17.73
C ASP B 13 82.58 -30.77 -17.39
N ALA B 14 83.39 -30.45 -18.41
CA ALA B 14 84.69 -29.79 -18.25
C ALA B 14 84.60 -28.25 -18.07
N ALA B 15 83.47 -27.62 -18.38
CA ALA B 15 83.28 -26.18 -18.21
C ALA B 15 83.11 -25.83 -16.73
N GLY B 16 83.93 -24.90 -16.22
CA GLY B 16 83.86 -24.42 -14.84
C GLY B 16 82.75 -23.39 -14.62
N SER B 17 82.95 -22.47 -13.68
CA SER B 17 81.99 -21.38 -13.44
C SER B 17 81.92 -20.44 -14.65
N PRO B 18 80.72 -20.02 -15.09
CA PRO B 18 80.60 -18.96 -16.10
C PRO B 18 81.11 -17.62 -15.54
N SER B 19 81.54 -16.73 -16.43
CA SER B 19 82.26 -15.50 -16.06
C SER B 19 81.72 -14.26 -16.78
N PHE B 20 81.41 -14.38 -18.08
CA PHE B 20 80.80 -13.34 -18.90
C PHE B 20 79.87 -13.96 -19.94
N ILE B 21 78.85 -13.21 -20.37
CA ILE B 21 77.90 -13.58 -21.43
C ILE B 21 77.77 -12.46 -22.48
N SER B 22 77.51 -12.82 -23.73
CA SER B 22 77.37 -11.86 -24.83
C SER B 22 76.53 -12.41 -25.99
N TRP B 23 75.41 -11.75 -26.33
CA TRP B 23 74.59 -12.08 -27.50
C TRP B 23 75.19 -11.56 -28.82
N HIS B 24 75.01 -12.30 -29.91
CA HIS B 24 75.11 -11.73 -31.26
C HIS B 24 74.00 -10.68 -31.47
N PRO B 25 74.28 -9.49 -32.03
CA PRO B 25 73.29 -8.42 -32.14
C PRO B 25 72.03 -8.77 -32.97
N VAL B 26 72.15 -9.62 -33.99
CA VAL B 26 71.07 -9.93 -34.95
C VAL B 26 70.53 -11.35 -34.77
N HIS B 27 71.42 -12.34 -34.75
CA HIS B 27 71.08 -13.77 -34.70
C HIS B 27 70.92 -14.28 -33.25
N PRO B 28 70.13 -15.34 -33.00
CA PRO B 28 69.89 -15.87 -31.65
C PRO B 28 71.03 -16.77 -31.13
N PHE B 29 72.27 -16.29 -31.20
CA PHE B 29 73.45 -16.96 -30.65
C PHE B 29 73.95 -16.23 -29.39
N LEU B 30 74.13 -16.98 -28.30
CA LEU B 30 74.72 -16.49 -27.06
C LEU B 30 76.12 -17.07 -26.89
N ALA B 31 77.14 -16.22 -26.80
CA ALA B 31 78.47 -16.60 -26.35
C ALA B 31 78.55 -16.58 -24.82
N VAL B 32 79.21 -17.58 -24.24
CA VAL B 32 79.44 -17.69 -22.79
C VAL B 32 80.90 -18.04 -22.54
N ALA B 33 81.55 -17.29 -21.65
CA ALA B 33 82.93 -17.53 -21.23
C ALA B 33 82.97 -18.19 -19.84
N TYR B 34 83.81 -19.21 -19.67
CA TYR B 34 83.97 -19.97 -18.43
C TYR B 34 85.41 -19.89 -17.89
N ILE B 35 85.54 -20.01 -16.57
CA ILE B 35 86.83 -20.16 -15.85
C ILE B 35 86.83 -21.53 -15.17
N SER B 36 87.79 -22.41 -15.50
CA SER B 36 87.92 -23.73 -14.87
C SER B 36 88.52 -23.66 -13.45
N THR B 37 88.42 -24.72 -12.65
CA THR B 37 89.13 -24.82 -11.36
C THR B 37 90.65 -24.77 -11.51
N THR B 38 91.18 -25.22 -12.65
CA THR B 38 92.58 -25.02 -13.08
C THR B 38 92.89 -23.62 -13.65
N SER B 39 92.01 -22.63 -13.49
CA SER B 39 92.14 -21.25 -14.03
C SER B 39 92.32 -21.14 -15.55
N THR B 40 92.10 -22.22 -16.31
CA THR B 40 92.05 -22.16 -17.78
C THR B 40 90.74 -21.51 -18.23
N GLY B 41 90.79 -20.70 -19.28
CA GLY B 41 89.62 -20.03 -19.84
C GLY B 41 89.04 -20.80 -21.02
N SER B 42 87.73 -20.71 -21.22
CA SER B 42 87.06 -21.24 -22.41
C SER B 42 85.86 -20.40 -22.84
N VAL B 43 85.49 -20.49 -24.12
CA VAL B 43 84.32 -19.84 -24.70
C VAL B 43 83.54 -20.84 -25.55
N ASP B 44 82.22 -20.86 -25.38
CA ASP B 44 81.26 -21.66 -26.13
C ASP B 44 80.12 -20.79 -26.65
N ILE B 45 79.45 -21.22 -27.72
CA ILE B 45 78.27 -20.54 -28.28
C ILE B 45 77.04 -21.45 -28.16
N TYR B 46 75.89 -20.87 -27.80
CA TYR B 46 74.62 -21.58 -27.53
C TYR B 46 73.45 -21.00 -28.34
N LEU B 47 72.51 -21.86 -28.70
CA LEU B 47 71.21 -21.54 -29.30
C LEU B 47 70.20 -21.03 -28.26
N GLU B 48 69.09 -20.41 -28.71
CA GLU B 48 68.05 -19.89 -27.81
C GLU B 48 67.42 -20.93 -26.87
N GLN B 49 67.39 -22.22 -27.25
CA GLN B 49 66.94 -23.33 -26.41
C GLN B 49 67.98 -23.79 -25.37
N GLY B 50 69.13 -23.11 -25.27
CA GLY B 50 70.25 -23.47 -24.39
C GLY B 50 71.13 -24.62 -24.92
N GLU B 51 70.87 -25.13 -26.12
CA GLU B 51 71.71 -26.18 -26.73
C GLU B 51 73.05 -25.60 -27.22
N CYS B 52 74.17 -26.29 -26.97
CA CYS B 52 75.49 -25.88 -27.43
C CYS B 52 75.61 -26.02 -28.96
N VAL B 53 76.11 -24.98 -29.65
CA VAL B 53 76.37 -25.01 -31.09
C VAL B 53 77.62 -25.87 -31.38
N PRO B 54 77.56 -26.88 -32.26
CA PRO B 54 78.70 -27.73 -32.58
C PRO B 54 79.94 -26.98 -33.05
N ASP B 55 81.12 -27.49 -32.68
CA ASP B 55 82.46 -27.00 -33.09
C ASP B 55 82.83 -25.57 -32.65
N THR B 56 82.00 -24.90 -31.84
CA THR B 56 82.24 -23.52 -31.38
C THR B 56 83.11 -23.38 -30.12
N HIS B 57 83.52 -24.49 -29.50
CA HIS B 57 84.34 -24.49 -28.28
C HIS B 57 85.76 -23.97 -28.54
N VAL B 58 86.21 -23.02 -27.71
CA VAL B 58 87.55 -22.40 -27.73
C VAL B 58 88.13 -22.43 -26.32
N GLU B 59 89.43 -22.73 -26.17
CA GLU B 59 90.11 -22.77 -24.86
C GLU B 59 91.52 -22.16 -24.89
N ARG B 60 92.01 -21.72 -23.72
CA ARG B 60 93.41 -21.33 -23.45
C ARG B 60 93.83 -21.69 -22.01
N PRO B 61 95.14 -21.85 -21.73
CA PRO B 61 95.68 -22.09 -20.37
C PRO B 61 95.45 -20.95 -19.34
N PHE B 62 94.78 -19.87 -19.74
CA PHE B 62 94.64 -18.60 -19.03
C PHE B 62 93.24 -18.01 -19.29
N ARG B 63 92.78 -17.09 -18.43
CA ARG B 63 91.37 -16.69 -18.38
C ARG B 63 90.93 -15.85 -19.58
N VAL B 64 89.64 -15.94 -19.92
CA VAL B 64 88.97 -14.99 -20.83
C VAL B 64 88.83 -13.66 -20.11
N ALA B 65 89.21 -12.58 -20.77
CA ALA B 65 89.14 -11.22 -20.26
C ALA B 65 87.99 -10.41 -20.87
N SER B 66 87.65 -10.64 -22.15
CA SER B 66 86.57 -9.92 -22.83
C SER B 66 85.98 -10.72 -24.00
N LEU B 67 84.75 -10.40 -24.39
CA LEU B 67 84.01 -10.93 -25.54
C LEU B 67 83.43 -9.77 -26.37
N CYS B 68 83.47 -9.86 -27.70
CA CYS B 68 82.76 -8.93 -28.58
C CYS B 68 82.33 -9.56 -29.91
N TRP B 69 81.03 -9.74 -30.12
CA TRP B 69 80.48 -10.17 -31.42
C TRP B 69 80.57 -9.05 -32.46
N HIS B 70 80.84 -9.44 -33.71
CA HIS B 70 80.76 -8.57 -34.89
C HIS B 70 79.32 -8.05 -35.10
N PRO B 71 79.12 -6.80 -35.54
CA PRO B 71 77.79 -6.19 -35.65
C PRO B 71 76.79 -6.91 -36.57
N THR B 72 77.24 -7.71 -37.53
CA THR B 72 76.35 -8.36 -38.53
C THR B 72 76.75 -9.79 -38.87
N ARG B 73 78.05 -10.09 -39.03
CA ARG B 73 78.58 -11.42 -39.37
C ARG B 73 78.62 -12.34 -38.15
N LEU B 74 78.61 -13.65 -38.36
CA LEU B 74 78.76 -14.66 -37.29
C LEU B 74 80.22 -14.84 -36.87
N VAL B 75 80.82 -13.75 -36.38
CA VAL B 75 82.23 -13.65 -35.97
C VAL B 75 82.31 -13.11 -34.54
N LEU B 76 83.06 -13.79 -33.67
CA LEU B 76 83.23 -13.45 -32.26
C LEU B 76 84.71 -13.13 -31.97
N ALA B 77 85.00 -11.95 -31.47
CA ALA B 77 86.32 -11.63 -30.91
C ALA B 77 86.37 -12.00 -29.42
N VAL B 78 87.48 -12.59 -28.98
CA VAL B 78 87.75 -12.95 -27.58
C VAL B 78 89.11 -12.39 -27.18
N GLY B 79 89.18 -11.73 -26.02
CA GLY B 79 90.41 -11.20 -25.44
C GLY B 79 90.82 -12.00 -24.21
N TRP B 80 92.12 -12.14 -23.97
CA TRP B 80 92.67 -13.08 -22.99
C TRP B 80 93.62 -12.42 -21.98
N GLU B 81 93.75 -13.04 -20.80
CA GLU B 81 94.55 -12.55 -19.68
C GLU B 81 96.06 -12.37 -19.97
N THR B 82 96.60 -13.12 -20.93
CA THR B 82 97.99 -12.99 -21.41
C THR B 82 98.22 -11.82 -22.38
N GLY B 83 97.16 -11.25 -22.95
CA GLY B 83 97.26 -10.31 -24.06
C GLY B 83 97.06 -10.95 -25.44
N GLU B 84 96.80 -12.26 -25.53
CA GLU B 84 96.28 -12.81 -26.79
C GLU B 84 94.89 -12.23 -27.10
N VAL B 85 94.62 -11.99 -28.39
CA VAL B 85 93.27 -11.76 -28.92
C VAL B 85 93.04 -12.82 -29.99
N THR B 86 91.84 -13.41 -30.02
CA THR B 86 91.46 -14.42 -31.00
C THR B 86 90.11 -14.12 -31.60
N VAL B 87 90.00 -14.22 -32.92
CA VAL B 87 88.74 -14.05 -33.65
C VAL B 87 88.26 -15.43 -34.10
N PHE B 88 87.07 -15.83 -33.68
CA PHE B 88 86.42 -17.07 -34.10
C PHE B 88 85.32 -16.76 -35.11
N ASN B 89 85.35 -17.43 -36.26
CA ASN B 89 84.33 -17.32 -37.29
C ASN B 89 83.51 -18.62 -37.32
N LYS B 90 82.24 -18.53 -36.90
CA LYS B 90 81.31 -19.66 -36.85
C LYS B 90 80.95 -20.16 -38.25
N GLN B 91 80.70 -19.25 -39.19
CA GLN B 91 80.28 -19.59 -40.56
C GLN B 91 81.29 -20.48 -41.30
N ASP B 92 82.58 -20.17 -41.18
CA ASP B 92 83.67 -20.93 -41.80
C ASP B 92 84.34 -21.97 -40.89
N LYS B 93 83.98 -21.99 -39.59
CA LYS B 93 84.59 -22.81 -38.53
C LYS B 93 86.12 -22.62 -38.43
N GLU B 94 86.57 -21.36 -38.50
CA GLU B 94 87.99 -20.98 -38.41
C GLU B 94 88.26 -20.13 -37.15
N GLN B 95 89.39 -20.36 -36.47
CA GLN B 95 89.92 -19.48 -35.42
C GLN B 95 91.21 -18.81 -35.89
N HIS B 96 91.29 -17.49 -35.77
CA HIS B 96 92.48 -16.68 -36.09
C HIS B 96 93.00 -15.95 -34.84
N THR B 97 94.23 -16.27 -34.42
CA THR B 97 94.95 -15.51 -33.38
C THR B 97 95.52 -14.23 -33.99
N MET B 98 95.28 -13.09 -33.36
CA MET B 98 95.87 -11.80 -33.75
C MET B 98 97.38 -11.78 -33.41
N PRO B 99 98.22 -11.02 -34.12
CA PRO B 99 99.65 -10.91 -33.83
C PRO B 99 99.91 -10.52 -32.37
N LEU B 100 100.73 -11.31 -31.65
CA LEU B 100 101.05 -11.07 -30.24
C LEU B 100 101.81 -9.73 -30.12
N THR B 101 101.12 -8.72 -29.60
CA THR B 101 101.51 -7.30 -29.58
C THR B 101 101.16 -6.64 -28.24
N HIS B 102 100.00 -6.98 -27.66
CA HIS B 102 99.74 -6.84 -26.22
C HIS B 102 100.56 -7.86 -25.41
N THR B 103 101.00 -7.46 -24.21
CA THR B 103 101.79 -8.30 -23.28
C THR B 103 101.12 -8.44 -21.90
N ALA B 104 99.84 -8.07 -21.80
CA ALA B 104 99.05 -8.05 -20.58
C ALA B 104 97.54 -8.20 -20.88
N ASP B 105 96.78 -8.47 -19.83
CA ASP B 105 95.34 -8.74 -19.80
C ASP B 105 94.52 -7.78 -20.69
N ILE B 106 93.75 -8.32 -21.66
CA ILE B 106 92.91 -7.54 -22.58
C ILE B 106 91.67 -7.00 -21.87
N THR B 107 91.78 -5.80 -21.31
CA THR B 107 90.70 -5.11 -20.59
C THR B 107 89.65 -4.48 -21.50
N VAL B 108 89.96 -4.23 -22.78
CA VAL B 108 89.06 -3.59 -23.75
C VAL B 108 89.07 -4.35 -25.09
N LEU B 109 87.89 -4.56 -25.68
CA LEU B 109 87.71 -5.23 -26.98
C LEU B 109 86.37 -4.81 -27.62
N ARG B 110 86.40 -4.24 -28.84
CA ARG B 110 85.20 -3.62 -29.46
C ARG B 110 85.26 -3.57 -30.99
N TRP B 111 84.27 -4.13 -31.68
CA TRP B 111 84.11 -3.94 -33.13
C TRP B 111 83.62 -2.52 -33.46
N SER B 112 84.20 -1.94 -34.52
CA SER B 112 83.69 -0.74 -35.19
C SER B 112 82.25 -0.93 -35.67
N PRO B 113 81.43 0.12 -35.79
CA PRO B 113 80.03 -0.01 -36.20
C PRO B 113 79.85 -0.57 -37.63
N SER B 114 80.82 -0.36 -38.50
CA SER B 114 80.86 -0.95 -39.86
C SER B 114 81.26 -2.43 -39.88
N GLY B 115 81.88 -2.92 -38.81
CA GLY B 115 82.45 -4.27 -38.71
C GLY B 115 83.74 -4.50 -39.50
N ASN B 116 84.31 -3.47 -40.15
CA ASN B 116 85.58 -3.61 -40.90
C ASN B 116 86.80 -3.67 -39.97
N CYS B 117 86.70 -3.06 -38.79
CA CYS B 117 87.79 -2.92 -37.82
C CYS B 117 87.42 -3.41 -36.41
N LEU B 118 88.42 -3.91 -35.68
CA LEU B 118 88.34 -4.33 -34.28
C LEU B 118 89.37 -3.56 -33.44
N LEU B 119 88.93 -2.98 -32.34
CA LEU B 119 89.77 -2.28 -31.36
C LEU B 119 90.10 -3.22 -30.19
N SER B 120 91.35 -3.23 -29.73
CA SER B 120 91.79 -4.01 -28.57
C SER B 120 92.70 -3.20 -27.65
N GLY B 121 92.53 -3.33 -26.33
CA GLY B 121 93.28 -2.60 -25.31
C GLY B 121 93.63 -3.46 -24.09
N ASP B 122 94.79 -3.19 -23.47
CA ASP B 122 95.29 -4.00 -22.35
C ASP B 122 95.47 -3.22 -21.02
N ARG B 123 95.74 -3.98 -19.95
CA ARG B 123 96.03 -3.48 -18.60
C ARG B 123 97.28 -2.59 -18.49
N LEU B 124 98.22 -2.65 -19.43
CA LEU B 124 99.38 -1.74 -19.47
C LEU B 124 99.08 -0.41 -20.18
N GLY B 125 97.96 -0.33 -20.91
CA GLY B 125 97.52 0.88 -21.61
C GLY B 125 97.89 0.92 -23.09
N VAL B 126 98.30 -0.21 -23.68
CA VAL B 126 98.49 -0.30 -25.12
C VAL B 126 97.13 -0.45 -25.80
N LEU B 127 96.82 0.45 -26.73
CA LEU B 127 95.62 0.43 -27.57
C LEU B 127 96.01 0.15 -29.02
N LEU B 128 95.32 -0.81 -29.67
CA LEU B 128 95.51 -1.16 -31.08
C LEU B 128 94.17 -1.16 -31.82
N LEU B 129 94.16 -0.61 -33.04
CA LEU B 129 93.05 -0.74 -33.99
C LEU B 129 93.47 -1.61 -35.17
N TRP B 130 92.74 -2.68 -35.43
CA TRP B 130 93.00 -3.67 -36.47
C TRP B 130 91.98 -3.58 -37.61
N ARG B 131 92.40 -3.77 -38.87
CA ARG B 131 91.49 -3.99 -40.01
C ARG B 131 91.40 -5.48 -40.30
N LEU B 132 90.18 -5.99 -40.49
CA LEU B 132 89.93 -7.43 -40.69
C LEU B 132 89.15 -7.69 -41.99
N ASP B 133 89.48 -8.81 -42.63
CA ASP B 133 88.76 -9.27 -43.82
C ASP B 133 87.40 -9.91 -43.48
N GLN B 134 86.68 -10.36 -44.51
CA GLN B 134 85.36 -11.00 -44.35
C GLN B 134 85.39 -12.33 -43.57
N ARG B 135 86.56 -12.96 -43.39
CA ARG B 135 86.74 -14.18 -42.58
C ARG B 135 87.16 -13.92 -41.13
N GLY B 136 87.57 -12.69 -40.78
CA GLY B 136 88.10 -12.37 -39.47
C GLY B 136 89.63 -12.54 -39.37
N ARG B 137 90.36 -12.34 -40.47
CA ARG B 137 91.83 -12.34 -40.54
C ARG B 137 92.38 -10.92 -40.62
N VAL B 138 93.49 -10.64 -39.93
CA VAL B 138 94.12 -9.33 -39.88
C VAL B 138 94.72 -8.94 -41.24
N GLN B 139 94.41 -7.73 -41.73
CA GLN B 139 94.99 -7.16 -42.95
C GLN B 139 96.27 -6.35 -42.63
N GLY B 140 97.37 -7.05 -42.36
CA GLY B 140 98.69 -6.46 -42.11
C GLY B 140 98.88 -5.92 -40.67
N THR B 141 99.56 -4.78 -40.55
CA THR B 141 99.80 -4.09 -39.26
C THR B 141 98.55 -3.38 -38.73
N PRO B 142 98.50 -3.02 -37.43
CA PRO B 142 97.45 -2.14 -36.88
C PRO B 142 97.32 -0.81 -37.67
N LEU B 143 96.10 -0.33 -37.86
CA LEU B 143 95.80 1.00 -38.41
C LEU B 143 96.25 2.10 -37.45
N LEU B 144 96.12 1.85 -36.15
CA LEU B 144 96.58 2.70 -35.05
C LEU B 144 97.23 1.85 -33.96
N LYS B 145 98.31 2.38 -33.39
CA LYS B 145 98.90 1.96 -32.11
C LYS B 145 99.09 3.19 -31.24
N HIS B 146 98.69 3.11 -29.98
CA HIS B 146 98.88 4.15 -28.97
C HIS B 146 99.21 3.51 -27.61
N GLU B 147 99.97 4.19 -26.76
CA GLU B 147 100.41 3.68 -25.47
C GLU B 147 100.16 4.74 -24.38
N TYR B 148 99.02 4.64 -23.70
CA TYR B 148 98.65 5.55 -22.60
C TYR B 148 99.42 5.29 -21.30
N GLY B 149 100.04 4.11 -21.14
CA GLY B 149 100.81 3.75 -19.94
C GLY B 149 99.98 3.50 -18.67
N LYS B 150 98.65 3.43 -18.79
CA LYS B 150 97.69 3.23 -17.69
C LYS B 150 96.59 2.24 -18.11
N HIS B 151 96.01 1.52 -17.15
CA HIS B 151 94.99 0.49 -17.38
C HIS B 151 93.77 1.05 -18.13
N LEU B 152 93.49 0.50 -19.31
CA LEU B 152 92.33 0.86 -20.14
C LEU B 152 91.05 0.27 -19.54
N THR B 153 90.02 1.08 -19.30
CA THR B 153 88.78 0.63 -18.62
C THR B 153 87.62 0.33 -19.57
N HIS B 154 87.27 1.25 -20.48
CA HIS B 154 86.12 1.12 -21.41
C HIS B 154 86.39 1.84 -22.73
N CYS B 155 85.73 1.39 -23.81
CA CYS B 155 85.69 2.08 -25.11
C CYS B 155 84.27 2.09 -25.72
N ILE B 156 83.90 3.18 -26.40
CA ILE B 156 82.70 3.28 -27.25
C ILE B 156 83.05 3.99 -28.57
N PHE B 157 82.54 3.47 -29.70
CA PHE B 157 82.62 4.17 -30.98
C PHE B 157 81.54 5.25 -31.08
N ARG B 158 81.88 6.38 -31.70
CA ARG B 158 80.94 7.44 -32.09
C ARG B 158 80.33 7.10 -33.45
N LEU B 159 79.02 6.80 -33.49
CA LEU B 159 78.34 6.54 -34.76
C LEU B 159 78.36 7.79 -35.64
N PRO B 160 78.58 7.68 -36.97
CA PRO B 160 78.45 8.81 -37.87
C PRO B 160 77.01 9.32 -37.83
N PRO B 161 76.77 10.63 -38.01
CA PRO B 161 75.42 11.17 -38.08
C PRO B 161 74.68 10.54 -39.27
N PRO B 162 73.35 10.34 -39.19
CA PRO B 162 72.57 9.90 -40.33
C PRO B 162 72.70 10.93 -41.45
N GLY B 163 73.25 10.51 -42.60
CA GLY B 163 73.30 11.34 -43.80
C GLY B 163 71.88 11.73 -44.22
N MET B 197 79.32 10.21 -49.50
CA MET B 197 79.28 8.90 -50.16
C MET B 197 80.51 8.00 -49.87
N GLY B 198 81.54 8.54 -49.22
CA GLY B 198 82.83 7.87 -49.00
C GLY B 198 82.79 6.64 -48.09
N SER B 199 83.79 5.77 -48.22
CA SER B 199 83.93 4.48 -47.53
C SER B 199 84.44 4.59 -46.08
N HIS B 200 83.87 5.50 -45.29
CA HIS B 200 84.21 5.69 -43.87
C HIS B 200 83.95 4.41 -43.05
N GLU B 201 84.97 3.91 -42.34
CA GLU B 201 84.88 2.72 -41.48
C GLU B 201 84.28 3.03 -40.08
N GLY B 202 84.08 4.31 -39.74
CA GLY B 202 83.52 4.75 -38.46
C GLY B 202 84.53 4.74 -37.31
N LEU B 203 85.75 5.24 -37.55
CA LEU B 203 86.90 5.13 -36.63
C LEU B 203 86.95 6.21 -35.53
N LEU B 204 85.92 7.06 -35.41
CA LEU B 204 85.77 7.96 -34.28
C LEU B 204 85.38 7.19 -33.01
N PHE B 205 86.11 7.37 -31.91
CA PHE B 205 85.82 6.67 -30.65
C PHE B 205 86.29 7.41 -29.40
N PHE B 206 85.78 6.95 -28.27
CA PHE B 206 86.18 7.37 -26.94
C PHE B 206 86.79 6.19 -26.19
N VAL B 207 87.82 6.45 -25.39
CA VAL B 207 88.53 5.47 -24.54
C VAL B 207 88.74 6.06 -23.15
N SER B 208 88.58 5.26 -22.10
CA SER B 208 88.74 5.66 -20.70
C SER B 208 89.87 4.89 -20.00
N LEU B 209 90.48 5.55 -19.01
CA LEU B 209 91.62 5.04 -18.24
C LEU B 209 91.28 4.97 -16.74
N MET B 210 91.93 4.04 -16.03
CA MET B 210 91.72 3.78 -14.60
C MET B 210 92.00 5.00 -13.70
N ASP B 211 92.74 6.00 -14.17
CA ASP B 211 92.94 7.27 -13.44
C ASP B 211 91.71 8.21 -13.48
N GLY B 212 90.65 7.85 -14.21
CA GLY B 212 89.44 8.65 -14.36
C GLY B 212 89.44 9.57 -15.59
N THR B 213 90.47 9.54 -16.44
CA THR B 213 90.48 10.34 -17.67
C THR B 213 89.76 9.66 -18.83
N VAL B 214 89.26 10.45 -19.79
CA VAL B 214 88.72 9.96 -21.07
C VAL B 214 89.43 10.67 -22.22
N HIS B 215 89.78 9.92 -23.25
CA HIS B 215 90.39 10.39 -24.49
C HIS B 215 89.48 10.11 -25.69
N TYR B 216 89.27 11.13 -26.52
CA TYR B 216 88.73 10.98 -27.87
C TYR B 216 89.85 10.58 -28.83
N VAL B 217 89.49 9.93 -29.94
CA VAL B 217 90.39 9.64 -31.06
C VAL B 217 89.69 9.99 -32.39
N ASP B 218 90.37 10.72 -33.25
CA ASP B 218 89.82 11.17 -34.54
C ASP B 218 90.04 10.18 -35.70
N GLU B 219 89.52 10.49 -36.89
CA GLU B 219 89.66 9.63 -38.08
C GLU B 219 91.12 9.47 -38.55
N LYS B 220 92.05 10.34 -38.12
CA LYS B 220 93.48 10.25 -38.41
C LYS B 220 94.25 9.48 -37.33
N GLY B 221 93.59 9.10 -36.24
CA GLY B 221 94.17 8.38 -35.11
C GLY B 221 94.85 9.28 -34.06
N LYS B 222 94.69 10.60 -34.14
CA LYS B 222 95.20 11.52 -33.12
C LYS B 222 94.34 11.40 -31.86
N THR B 223 94.97 11.35 -30.68
CA THR B 223 94.27 11.26 -29.40
C THR B 223 94.28 12.59 -28.64
N THR B 224 93.11 12.97 -28.10
CA THR B 224 92.90 14.23 -27.38
C THR B 224 92.11 13.95 -26.11
N GLN B 225 92.55 14.43 -24.95
CA GLN B 225 91.74 14.28 -23.76
C GLN B 225 90.41 15.08 -23.85
N VAL B 226 89.31 14.49 -23.39
CA VAL B 226 87.95 15.12 -23.37
C VAL B 226 87.33 15.22 -21.97
N VAL B 227 87.74 14.39 -20.99
CA VAL B 227 87.23 14.42 -19.60
C VAL B 227 88.33 14.11 -18.58
N SER B 228 88.20 14.64 -17.36
CA SER B 228 88.97 14.23 -16.16
C SER B 228 88.02 14.08 -14.96
N ALA B 229 87.69 12.85 -14.59
CA ALA B 229 86.84 12.53 -13.44
C ALA B 229 87.65 12.38 -12.14
N ASP B 230 87.02 12.56 -10.97
CA ASP B 230 87.69 12.51 -9.65
C ASP B 230 88.04 11.08 -9.16
N SER B 231 87.64 10.05 -9.90
CA SER B 231 87.83 8.62 -9.59
C SER B 231 87.64 7.75 -10.84
N THR B 232 88.02 6.48 -10.74
CA THR B 232 87.80 5.42 -11.74
C THR B 232 86.41 5.45 -12.38
N ILE B 233 86.36 5.37 -13.71
CA ILE B 233 85.11 5.42 -14.49
C ILE B 233 84.38 4.07 -14.40
N GLN B 234 83.15 4.07 -13.89
CA GLN B 234 82.31 2.88 -13.77
C GLN B 234 81.59 2.53 -15.07
N MET B 235 81.09 3.53 -15.82
CA MET B 235 80.42 3.33 -17.10
C MET B 235 80.50 4.58 -18.00
N LEU B 236 80.36 4.36 -19.31
CA LEU B 236 80.46 5.39 -20.35
C LEU B 236 79.34 5.20 -21.41
N PHE B 237 78.68 6.28 -21.86
CA PHE B 237 77.69 6.25 -22.94
C PHE B 237 77.81 7.46 -23.88
N TYR B 238 77.31 7.34 -25.12
CA TYR B 238 77.18 8.46 -26.07
C TYR B 238 75.71 8.66 -26.49
N MET B 239 75.20 9.88 -26.31
CA MET B 239 73.86 10.33 -26.67
C MET B 239 73.90 11.02 -28.04
N GLU B 240 73.53 10.29 -29.10
CA GLU B 240 73.65 10.74 -30.50
C GLU B 240 72.87 12.03 -30.81
N LYS B 241 71.66 12.19 -30.26
CA LYS B 241 70.79 13.35 -30.52
C LYS B 241 71.34 14.67 -29.97
N ARG B 242 72.20 14.58 -28.94
CA ARG B 242 72.84 15.72 -28.26
C ARG B 242 74.33 15.85 -28.60
N GLU B 243 74.89 14.91 -29.35
CA GLU B 243 76.33 14.73 -29.56
C GLU B 243 77.13 14.78 -28.24
N ALA B 244 76.63 14.05 -27.24
CA ALA B 244 77.05 14.18 -25.86
C ALA B 244 77.54 12.87 -25.22
N LEU B 245 78.60 12.96 -24.44
CA LEU B 245 79.26 11.85 -23.75
C LEU B 245 78.83 11.85 -22.27
N VAL B 246 78.30 10.72 -21.81
CA VAL B 246 77.88 10.48 -20.42
C VAL B 246 78.99 9.70 -19.71
N VAL B 247 79.42 10.18 -18.56
CA VAL B 247 80.44 9.53 -17.71
C VAL B 247 79.84 9.25 -16.34
N VAL B 248 80.01 8.03 -15.81
CA VAL B 248 79.68 7.71 -14.40
C VAL B 248 80.92 7.14 -13.71
N THR B 249 81.26 7.62 -12.52
CA THR B 249 82.42 7.13 -11.74
C THR B 249 82.05 6.08 -10.68
N GLU B 250 83.04 5.38 -10.12
CA GLU B 250 82.83 4.45 -9.00
C GLU B 250 82.31 5.13 -7.71
N ASN B 251 82.58 6.43 -7.54
CA ASN B 251 81.97 7.23 -6.47
C ASN B 251 80.53 7.71 -6.82
N LEU B 252 79.93 7.13 -7.87
CA LEU B 252 78.59 7.40 -8.41
C LEU B 252 78.40 8.87 -8.87
N ARG B 253 79.47 9.55 -9.27
CA ARG B 253 79.39 10.89 -9.88
C ARG B 253 79.10 10.75 -11.38
N LEU B 254 77.97 11.30 -11.80
CA LEU B 254 77.55 11.43 -13.20
C LEU B 254 78.11 12.73 -13.79
N SER B 255 78.42 12.72 -15.08
CA SER B 255 78.78 13.92 -15.85
C SER B 255 78.31 13.77 -17.29
N LEU B 256 78.00 14.89 -17.95
CA LEU B 256 77.59 14.94 -19.35
C LEU B 256 78.40 16.00 -20.09
N TYR B 257 78.97 15.67 -21.25
CA TYR B 257 79.78 16.57 -22.06
C TYR B 257 79.29 16.62 -23.49
N THR B 258 79.00 17.79 -24.05
CA THR B 258 78.89 17.90 -25.51
C THR B 258 80.27 17.75 -26.14
N VAL B 259 80.38 17.06 -27.28
CA VAL B 259 81.65 16.85 -27.99
C VAL B 259 81.46 17.15 -29.47
N PRO B 260 81.79 18.36 -29.97
CA PRO B 260 81.83 18.60 -31.41
C PRO B 260 82.86 17.69 -32.07
N PRO B 261 82.76 17.51 -33.39
CA PRO B 261 83.61 16.60 -34.15
C PRO B 261 85.12 16.82 -33.99
N GLU B 262 85.55 18.06 -33.78
CA GLU B 262 86.98 18.36 -33.64
C GLU B 262 87.60 17.80 -32.36
N GLY B 263 86.79 17.25 -31.45
CA GLY B 263 87.23 16.59 -30.22
C GLY B 263 87.40 17.50 -29.02
N LYS B 264 86.89 18.73 -29.07
CA LYS B 264 87.02 19.75 -28.02
C LYS B 264 85.75 19.76 -27.15
N ALA B 265 85.69 18.86 -26.16
CA ALA B 265 84.51 18.68 -25.29
C ALA B 265 84.16 19.91 -24.45
N GLU B 266 82.88 20.07 -24.10
CA GLU B 266 82.39 21.03 -23.09
C GLU B 266 81.43 20.37 -22.09
N GLU B 267 81.56 20.66 -20.79
CA GLU B 267 80.70 20.09 -19.75
C GLU B 267 79.30 20.71 -19.74
N VAL B 268 78.27 19.88 -19.91
CA VAL B 268 76.85 20.26 -19.79
C VAL B 268 76.39 20.18 -18.33
N MET B 269 76.65 19.04 -17.67
CA MET B 269 76.15 18.72 -16.33
C MET B 269 77.20 17.93 -15.52
N LYS B 270 77.15 18.03 -14.19
CA LYS B 270 77.91 17.23 -13.22
C LYS B 270 77.08 17.05 -11.94
N VAL B 271 76.76 15.82 -11.58
CA VAL B 271 75.84 15.49 -10.47
C VAL B 271 76.33 14.28 -9.68
N LYS B 272 76.31 14.34 -8.34
CA LYS B 272 76.54 13.18 -7.47
C LYS B 272 75.25 12.38 -7.31
N LEU B 273 75.20 11.16 -7.85
CA LEU B 273 74.03 10.28 -7.77
C LEU B 273 73.94 9.62 -6.38
N SER B 274 72.71 9.27 -5.98
CA SER B 274 72.46 8.50 -4.75
C SER B 274 72.87 7.03 -4.92
N GLY B 275 73.25 6.40 -3.81
CA GLY B 275 73.59 4.98 -3.74
C GLY B 275 74.82 4.66 -2.90
N LYS B 276 75.00 3.38 -2.57
CA LYS B 276 76.12 2.85 -1.77
C LYS B 276 77.39 2.69 -2.60
N THR B 277 78.45 3.40 -2.23
CA THR B 277 79.81 3.16 -2.76
C THR B 277 80.42 1.86 -2.20
N GLY B 278 81.41 1.31 -2.90
CA GLY B 278 82.15 0.10 -2.51
C GLY B 278 81.70 -1.22 -3.19
N ARG B 279 80.78 -1.15 -4.15
CA ARG B 279 80.36 -2.26 -5.04
C ARG B 279 80.35 -1.80 -6.51
N ARG B 280 80.62 -2.73 -7.43
CA ARG B 280 80.58 -2.51 -8.90
C ARG B 280 79.13 -2.37 -9.39
N ALA B 281 78.61 -1.15 -9.40
CA ALA B 281 77.25 -0.85 -9.88
C ALA B 281 77.10 -1.18 -11.38
N ASP B 282 76.09 -1.96 -11.75
CA ASP B 282 75.72 -2.14 -13.16
C ASP B 282 74.82 -0.99 -13.61
N ILE B 283 75.01 -0.50 -14.83
CA ILE B 283 74.37 0.73 -15.32
C ILE B 283 73.88 0.54 -16.76
N ALA B 284 72.69 1.05 -17.06
CA ALA B 284 72.09 1.08 -18.40
C ALA B 284 71.57 2.50 -18.72
N LEU B 285 71.64 2.89 -20.00
CA LEU B 285 71.01 4.11 -20.51
C LEU B 285 69.78 3.73 -21.35
N ILE B 286 68.64 4.36 -21.07
CA ILE B 286 67.34 4.11 -21.73
C ILE B 286 67.04 5.27 -22.69
N GLU B 287 66.80 4.90 -23.96
CA GLU B 287 66.22 5.74 -25.03
C GLU B 287 66.97 7.05 -25.35
N GLY B 288 68.23 7.19 -24.90
CA GLY B 288 68.99 8.43 -25.02
C GLY B 288 68.46 9.58 -24.13
N SER B 289 67.74 9.26 -23.05
CA SER B 289 67.11 10.25 -22.16
C SER B 289 67.33 9.99 -20.67
N LEU B 290 67.50 8.74 -20.23
CA LEU B 290 67.44 8.38 -18.82
C LEU B 290 68.48 7.32 -18.44
N LEU B 291 69.02 7.42 -17.22
CA LEU B 291 70.00 6.50 -16.64
C LEU B 291 69.35 5.57 -15.61
N VAL B 292 69.70 4.27 -15.62
CA VAL B 292 69.26 3.28 -14.63
C VAL B 292 70.44 2.53 -14.04
N MET B 293 70.43 2.30 -12.72
CA MET B 293 71.54 1.68 -11.98
C MET B 293 71.06 0.55 -11.07
N ALA B 294 71.80 -0.55 -11.03
CA ALA B 294 71.71 -1.61 -10.02
C ALA B 294 72.97 -1.55 -9.13
N VAL B 295 72.79 -1.31 -7.83
CA VAL B 295 73.88 -0.97 -6.88
C VAL B 295 73.91 -1.92 -5.66
N GLY B 296 73.00 -2.90 -5.59
CA GLY B 296 72.92 -3.87 -4.48
C GLY B 296 72.14 -3.39 -3.24
N GLU B 297 71.01 -2.70 -3.43
CA GLU B 297 70.28 -1.97 -2.36
C GLU B 297 68.78 -2.33 -2.24
N ALA B 298 68.36 -3.46 -2.81
CA ALA B 298 66.94 -3.84 -3.02
C ALA B 298 66.10 -2.83 -3.84
N ALA B 299 66.74 -1.92 -4.57
CA ALA B 299 66.09 -1.01 -5.51
C ALA B 299 67.00 -0.67 -6.71
N LEU B 300 66.40 -0.49 -7.89
CA LEU B 300 67.03 0.18 -9.02
C LEU B 300 66.88 1.70 -8.84
N ARG B 301 67.93 2.46 -9.17
CA ARG B 301 67.94 3.94 -9.10
C ARG B 301 67.92 4.55 -10.50
N PHE B 302 67.07 5.55 -10.71
CA PHE B 302 66.80 6.17 -12.01
C PHE B 302 67.16 7.65 -11.99
N TRP B 303 67.68 8.17 -13.10
CA TRP B 303 68.01 9.57 -13.26
C TRP B 303 67.74 10.06 -14.69
N ASP B 304 66.69 10.84 -14.86
CA ASP B 304 66.32 11.42 -16.15
C ASP B 304 67.23 12.60 -16.50
N ILE B 305 68.06 12.40 -17.54
CA ILE B 305 69.08 13.34 -18.00
C ILE B 305 68.48 14.59 -18.64
N GLU B 306 67.25 14.50 -19.14
CA GLU B 306 66.55 15.60 -19.82
C GLU B 306 65.63 16.40 -18.86
N ARG B 307 65.09 15.77 -17.81
CA ARG B 307 64.27 16.42 -16.78
C ARG B 307 65.06 16.91 -15.55
N GLY B 308 66.19 16.25 -15.24
CA GLY B 308 66.90 16.43 -13.98
C GLY B 308 66.12 15.86 -12.78
N GLU B 309 65.42 14.74 -12.96
CA GLU B 309 64.54 14.11 -11.97
C GLU B 309 64.95 12.66 -11.66
N ASN B 310 64.83 12.25 -10.39
CA ASN B 310 65.25 10.94 -9.91
C ASN B 310 64.13 10.18 -9.18
N TYR B 311 64.16 8.86 -9.26
CA TYR B 311 63.19 7.95 -8.64
C TYR B 311 63.80 6.55 -8.46
N ILE B 312 63.12 5.69 -7.68
CA ILE B 312 63.54 4.29 -7.44
C ILE B 312 62.41 3.30 -7.74
N LEU B 313 62.77 2.09 -8.18
CA LEU B 313 61.89 0.92 -8.26
C LEU B 313 62.42 -0.19 -7.36
N SER B 314 61.56 -0.82 -6.56
CA SER B 314 61.92 -1.92 -5.65
C SER B 314 61.01 -3.14 -5.84
N PRO B 315 61.52 -4.38 -5.68
CA PRO B 315 60.68 -5.58 -5.72
C PRO B 315 59.71 -5.63 -4.54
N ASP B 316 58.49 -6.14 -4.74
CA ASP B 316 57.42 -6.18 -3.75
C ASP B 316 57.11 -7.63 -3.33
N GLU B 317 57.11 -7.89 -2.01
CA GLU B 317 56.80 -9.20 -1.43
C GLU B 317 55.47 -9.80 -1.91
N LYS B 318 54.50 -8.97 -2.31
CA LYS B 318 53.22 -9.43 -2.91
C LYS B 318 53.41 -10.25 -4.19
N PHE B 319 54.51 -10.03 -4.91
CA PHE B 319 54.87 -10.78 -6.12
C PHE B 319 55.74 -12.02 -5.81
N GLY B 320 56.17 -12.21 -4.56
CA GLY B 320 56.97 -13.37 -4.13
C GLY B 320 58.46 -13.08 -3.88
N PHE B 321 58.93 -11.85 -4.09
CA PHE B 321 60.30 -11.44 -3.76
C PHE B 321 60.56 -11.48 -2.25
N GLU B 322 61.81 -11.71 -1.83
CA GLU B 322 62.20 -11.72 -0.42
C GLU B 322 62.56 -10.31 0.10
N LYS B 323 62.30 -10.06 1.39
CA LYS B 323 62.56 -8.76 2.04
C LYS B 323 64.08 -8.49 2.09
N GLY B 324 64.51 -7.36 1.54
CA GLY B 324 65.94 -7.01 1.45
C GLY B 324 66.73 -7.77 0.37
N GLU B 325 66.06 -8.46 -0.56
CA GLU B 325 66.69 -9.08 -1.74
C GLU B 325 67.32 -8.02 -2.66
N ASN B 326 68.58 -8.20 -3.07
CA ASN B 326 69.38 -7.15 -3.71
C ASN B 326 69.53 -7.38 -5.22
N MET B 327 69.49 -6.32 -6.02
CA MET B 327 69.70 -6.38 -7.48
C MET B 327 71.14 -6.00 -7.85
N ASN B 328 71.81 -6.89 -8.59
CA ASN B 328 73.22 -6.79 -8.93
C ASN B 328 73.47 -6.31 -10.37
N CYS B 329 72.51 -6.51 -11.29
CA CYS B 329 72.65 -6.23 -12.71
C CYS B 329 71.32 -5.78 -13.33
N VAL B 330 71.37 -5.01 -14.42
CA VAL B 330 70.21 -4.39 -15.08
C VAL B 330 70.37 -4.34 -16.60
N CYS B 331 69.27 -4.56 -17.36
CA CYS B 331 69.26 -4.40 -18.81
C CYS B 331 67.86 -4.02 -19.33
N TYR B 332 67.78 -3.24 -20.42
CA TYR B 332 66.53 -2.76 -21.03
C TYR B 332 66.36 -3.23 -22.49
N CYS B 333 65.18 -3.75 -22.83
CA CYS B 333 64.77 -4.02 -24.21
C CYS B 333 63.91 -2.87 -24.74
N LYS B 334 64.44 -2.09 -25.70
CA LYS B 334 63.75 -0.95 -26.32
C LYS B 334 62.55 -1.37 -27.18
N VAL B 335 62.62 -2.51 -27.87
CA VAL B 335 61.53 -2.99 -28.75
C VAL B 335 60.28 -3.34 -27.94
N LYS B 336 60.46 -4.01 -26.79
CA LYS B 336 59.37 -4.44 -25.89
C LYS B 336 58.97 -3.41 -24.85
N GLY B 337 59.86 -2.47 -24.48
CA GLY B 337 59.63 -1.55 -23.37
C GLY B 337 59.75 -2.23 -22.00
N LEU B 338 60.66 -3.20 -21.89
CA LEU B 338 60.90 -4.01 -20.69
C LEU B 338 62.26 -3.75 -20.07
N LEU B 339 62.26 -3.46 -18.78
CA LEU B 339 63.43 -3.38 -17.93
C LEU B 339 63.53 -4.66 -17.09
N ALA B 340 64.71 -5.27 -17.04
CA ALA B 340 64.98 -6.46 -16.22
C ALA B 340 66.14 -6.21 -15.25
N ALA B 341 66.14 -6.89 -14.11
CA ALA B 341 67.24 -6.88 -13.16
C ALA B 341 67.43 -8.24 -12.47
N GLY B 342 68.68 -8.63 -12.23
CA GLY B 342 69.04 -9.92 -11.62
C GLY B 342 69.45 -9.80 -10.15
N THR B 343 68.95 -10.69 -9.29
CA THR B 343 69.12 -10.59 -7.83
C THR B 343 70.15 -11.53 -7.23
N ASP B 344 70.60 -11.21 -6.02
CA ASP B 344 71.51 -12.04 -5.23
C ASP B 344 70.89 -13.36 -4.74
N ARG B 345 69.55 -13.46 -4.68
CA ARG B 345 68.80 -14.69 -4.35
C ARG B 345 68.51 -15.58 -5.56
N GLY B 346 68.90 -15.15 -6.76
CA GLY B 346 68.66 -15.90 -8.00
C GLY B 346 67.27 -15.70 -8.61
N ARG B 347 66.71 -14.49 -8.55
CA ARG B 347 65.47 -14.12 -9.24
C ARG B 347 65.74 -13.05 -10.28
N VAL B 348 64.94 -13.03 -11.34
CA VAL B 348 64.88 -11.89 -12.27
C VAL B 348 63.60 -11.11 -11.98
N ALA B 349 63.76 -9.85 -11.60
CA ALA B 349 62.67 -8.87 -11.57
C ALA B 349 62.51 -8.23 -12.96
N MET B 350 61.29 -7.86 -13.31
CA MET B 350 61.03 -7.12 -14.55
C MET B 350 59.97 -6.04 -14.36
N TRP B 351 60.14 -4.92 -15.06
CA TRP B 351 59.16 -3.84 -15.12
C TRP B 351 58.82 -3.51 -16.58
N ARG B 352 57.53 -3.32 -16.86
CA ARG B 352 57.03 -2.91 -18.18
C ARG B 352 56.72 -1.42 -18.18
N LYS B 353 57.17 -0.73 -19.22
CA LYS B 353 56.87 0.67 -19.49
C LYS B 353 55.40 0.82 -19.89
N VAL B 354 54.61 1.53 -19.08
CA VAL B 354 53.19 1.81 -19.33
C VAL B 354 53.04 2.70 -20.56
N PRO B 355 52.20 2.34 -21.57
CA PRO B 355 51.98 3.16 -22.75
C PRO B 355 51.42 4.56 -22.46
N ASP B 356 51.75 5.54 -23.30
CA ASP B 356 51.18 6.90 -23.24
C ASP B 356 49.78 6.93 -23.90
N PHE B 357 48.77 6.43 -23.18
CA PHE B 357 47.38 6.38 -23.65
C PHE B 357 46.76 7.76 -23.91
N LEU B 358 45.95 7.87 -24.95
CA LEU B 358 45.10 9.05 -25.16
C LEU B 358 44.10 9.19 -24.01
N GLY B 359 43.99 10.38 -23.43
CA GLY B 359 43.03 10.68 -22.36
C GLY B 359 43.46 10.37 -20.92
N SER B 360 44.76 10.18 -20.67
CA SER B 360 45.36 10.19 -19.31
C SER B 360 46.55 11.14 -19.28
N PRO B 361 46.76 11.97 -18.23
CA PRO B 361 47.97 12.75 -18.09
C PRO B 361 49.17 11.80 -18.05
N GLY B 362 50.12 11.98 -18.96
CA GLY B 362 51.19 10.99 -19.19
C GLY B 362 51.96 10.70 -17.91
N ALA B 363 52.05 9.42 -17.54
CA ALA B 363 52.61 9.00 -16.27
C ALA B 363 54.05 9.53 -16.09
N GLU B 364 54.38 9.99 -14.89
CA GLU B 364 55.66 10.66 -14.60
C GLU B 364 56.52 9.85 -13.63
N GLY B 365 57.82 9.70 -13.92
CA GLY B 365 58.77 8.95 -13.08
C GLY B 365 58.34 7.49 -12.83
N LYS B 366 58.28 7.08 -11.56
CA LYS B 366 57.91 5.72 -11.11
C LYS B 366 56.63 5.18 -11.75
N ASP B 367 55.62 6.03 -11.95
CA ASP B 367 54.33 5.63 -12.50
C ASP B 367 54.39 5.16 -13.96
N ARG B 368 55.50 5.41 -14.67
CA ARG B 368 55.77 4.82 -16.00
C ARG B 368 56.02 3.32 -15.95
N TRP B 369 56.19 2.68 -14.80
CA TRP B 369 56.63 1.29 -14.68
C TRP B 369 55.66 0.41 -13.88
N ALA B 370 55.40 -0.81 -14.39
CA ALA B 370 54.61 -1.84 -13.70
C ALA B 370 55.46 -3.10 -13.44
N LEU B 371 55.61 -3.49 -12.16
CA LEU B 371 56.34 -4.70 -11.76
C LEU B 371 55.61 -5.97 -12.22
N GLN B 372 56.36 -6.92 -12.78
CA GLN B 372 55.91 -8.25 -13.18
C GLN B 372 56.29 -9.32 -12.12
N THR B 373 55.63 -10.47 -12.15
CA THR B 373 55.99 -11.62 -11.30
C THR B 373 57.42 -12.12 -11.58
N PRO B 374 58.16 -12.57 -10.55
CA PRO B 374 59.56 -12.98 -10.68
C PRO B 374 59.73 -14.21 -11.58
N THR B 375 60.93 -14.34 -12.16
CA THR B 375 61.44 -15.60 -12.71
C THR B 375 62.49 -16.17 -11.75
N GLU B 376 62.36 -17.43 -11.34
CA GLU B 376 63.24 -18.06 -10.34
C GLU B 376 64.31 -18.94 -11.00
N LEU B 377 65.56 -18.78 -10.58
CA LEU B 377 66.77 -19.41 -11.11
C LEU B 377 67.73 -19.84 -9.98
N GLN B 378 68.71 -20.68 -10.30
CA GLN B 378 69.67 -21.19 -9.31
C GLN B 378 70.89 -20.27 -9.11
N GLY B 379 71.17 -19.92 -7.85
CA GLY B 379 72.34 -19.15 -7.42
C GLY B 379 72.29 -17.64 -7.68
N ASN B 380 73.21 -16.91 -7.05
CA ASN B 380 73.39 -15.46 -7.14
C ASN B 380 73.60 -14.99 -8.60
N ILE B 381 72.73 -14.11 -9.13
CA ILE B 381 72.83 -13.59 -10.49
C ILE B 381 73.83 -12.42 -10.55
N THR B 382 74.70 -12.46 -11.55
CA THR B 382 75.89 -11.59 -11.69
C THR B 382 75.89 -10.71 -12.94
N GLN B 383 75.23 -11.14 -14.02
CA GLN B 383 75.07 -10.39 -15.27
C GLN B 383 73.75 -10.79 -15.97
N ILE B 384 73.14 -9.86 -16.71
CA ILE B 384 72.01 -10.11 -17.62
C ILE B 384 72.16 -9.29 -18.92
N GLN B 385 71.57 -9.73 -20.04
CA GLN B 385 71.60 -9.00 -21.32
C GLN B 385 70.44 -9.38 -22.27
N TRP B 386 69.75 -8.39 -22.86
CA TRP B 386 68.71 -8.54 -23.90
C TRP B 386 69.26 -8.50 -25.36
N GLY B 387 70.56 -8.76 -25.56
CA GLY B 387 71.32 -8.19 -26.69
C GLY B 387 70.94 -8.62 -28.12
N SER B 388 70.37 -9.80 -28.35
CA SER B 388 69.99 -10.28 -29.69
C SER B 388 68.66 -9.69 -30.18
N ARG B 389 68.52 -9.42 -31.49
CA ARG B 389 67.32 -8.85 -32.13
C ARG B 389 66.02 -9.66 -31.94
N LYS B 390 66.09 -10.95 -31.59
CA LYS B 390 64.92 -11.73 -31.12
C LYS B 390 64.36 -11.25 -29.77
N ASN B 391 65.04 -10.35 -29.05
CA ASN B 391 64.65 -9.81 -27.76
C ASN B 391 64.49 -10.89 -26.67
N LEU B 392 65.40 -11.86 -26.70
CA LEU B 392 65.65 -12.87 -25.67
C LEU B 392 66.53 -12.27 -24.56
N LEU B 393 66.32 -12.70 -23.31
CA LEU B 393 67.15 -12.29 -22.17
C LEU B 393 68.06 -13.44 -21.74
N ALA B 394 69.37 -13.20 -21.67
CA ALA B 394 70.33 -14.15 -21.09
C ALA B 394 70.67 -13.73 -19.65
N VAL B 395 70.83 -14.72 -18.78
CA VAL B 395 71.03 -14.53 -17.32
C VAL B 395 72.20 -15.39 -16.85
N ASN B 396 73.16 -14.80 -16.14
CA ASN B 396 74.38 -15.47 -15.69
C ASN B 396 74.48 -15.46 -14.16
N SER B 397 74.40 -16.63 -13.53
CA SER B 397 74.63 -16.79 -12.09
C SER B 397 76.03 -17.32 -11.78
N VAL B 398 76.43 -17.32 -10.51
CA VAL B 398 77.69 -17.96 -10.07
C VAL B 398 77.75 -19.45 -10.46
N ILE B 399 76.61 -20.12 -10.59
CA ILE B 399 76.51 -21.56 -10.90
C ILE B 399 76.39 -21.82 -12.41
N SER B 400 75.49 -21.13 -13.11
CA SER B 400 75.07 -21.49 -14.48
C SER B 400 74.44 -20.32 -15.26
N VAL B 401 74.28 -20.48 -16.58
CA VAL B 401 73.60 -19.51 -17.45
C VAL B 401 72.24 -20.05 -17.90
N ALA B 402 71.23 -19.18 -17.89
CA ALA B 402 69.91 -19.45 -18.44
C ALA B 402 69.56 -18.44 -19.54
N ILE B 403 68.84 -18.90 -20.56
CA ILE B 403 68.17 -18.04 -21.54
C ILE B 403 66.69 -18.03 -21.18
N LEU B 404 66.12 -16.85 -21.00
CA LEU B 404 64.71 -16.65 -20.72
C LEU B 404 63.99 -16.27 -22.02
N SER B 405 63.09 -17.13 -22.49
CA SER B 405 62.22 -16.85 -23.63
C SER B 405 60.82 -16.45 -23.15
N GLU B 406 60.34 -15.30 -23.60
CA GLU B 406 59.00 -14.81 -23.29
C GLU B 406 57.92 -15.54 -24.09
N ARG B 407 56.85 -15.97 -23.42
CA ARG B 407 55.64 -16.55 -24.03
C ARG B 407 54.41 -15.94 -23.38
N ALA B 408 53.33 -15.77 -24.14
CA ALA B 408 52.04 -15.38 -23.58
C ALA B 408 51.52 -16.46 -22.60
N MET B 409 50.86 -16.06 -21.51
CA MET B 409 50.19 -17.01 -20.62
C MET B 409 49.07 -17.73 -21.37
N SER B 410 49.13 -19.06 -21.45
CA SER B 410 48.08 -19.84 -22.10
C SER B 410 46.78 -19.83 -21.29
N SER B 411 45.65 -19.71 -21.98
CA SER B 411 44.32 -19.71 -21.37
C SER B 411 43.24 -20.22 -22.34
N HIS B 412 42.14 -20.72 -21.80
CA HIS B 412 41.02 -21.26 -22.58
C HIS B 412 39.70 -21.20 -21.81
N PHE B 413 38.57 -21.14 -22.53
CA PHE B 413 37.22 -21.33 -21.97
C PHE B 413 36.31 -22.10 -22.93
N HIS B 414 35.54 -23.06 -22.40
CA HIS B 414 34.51 -23.82 -23.12
C HIS B 414 33.59 -24.55 -22.11
N GLN B 415 32.30 -24.76 -22.43
CA GLN B 415 31.35 -25.52 -21.61
C GLN B 415 31.30 -25.08 -20.12
N GLN B 416 31.28 -23.78 -19.83
CA GLN B 416 31.41 -23.22 -18.47
C GLN B 416 32.67 -23.66 -17.69
N VAL B 417 33.74 -24.09 -18.36
CA VAL B 417 35.06 -24.36 -17.76
C VAL B 417 36.08 -23.38 -18.32
N ALA B 418 36.87 -22.78 -17.45
CA ALA B 418 38.02 -21.95 -17.80
C ALA B 418 39.32 -22.59 -17.31
N ALA B 419 40.42 -22.42 -18.06
CA ALA B 419 41.77 -22.77 -17.64
C ALA B 419 42.70 -21.57 -17.87
N MET B 420 43.54 -21.26 -16.88
CA MET B 420 44.43 -20.10 -16.85
C MET B 420 45.82 -20.50 -16.40
N GLN B 421 46.87 -20.18 -17.15
CA GLN B 421 48.24 -20.47 -16.73
C GLN B 421 48.75 -19.48 -15.66
N VAL B 422 49.53 -19.96 -14.70
CA VAL B 422 50.01 -19.15 -13.54
C VAL B 422 51.55 -19.11 -13.51
N SER B 423 52.21 -20.17 -13.98
CA SER B 423 53.68 -20.27 -14.17
C SER B 423 53.98 -21.18 -15.37
N PRO B 424 55.22 -21.28 -15.86
CA PRO B 424 55.58 -22.16 -16.99
C PRO B 424 55.09 -23.61 -16.82
N SER B 425 54.90 -24.10 -15.59
CA SER B 425 54.45 -25.47 -15.29
C SER B 425 53.25 -25.53 -14.34
N LEU B 426 52.42 -24.48 -14.27
CA LEU B 426 51.25 -24.42 -13.38
C LEU B 426 50.01 -23.80 -14.04
N LEU B 427 48.84 -24.41 -13.83
CA LEU B 427 47.53 -23.96 -14.26
C LEU B 427 46.55 -23.81 -13.08
N ASN B 428 45.62 -22.87 -13.22
CA ASN B 428 44.42 -22.70 -12.42
C ASN B 428 43.21 -23.05 -13.29
N VAL B 429 42.41 -24.03 -12.90
CA VAL B 429 41.25 -24.52 -13.67
C VAL B 429 39.98 -24.24 -12.88
N CYS B 430 39.04 -23.49 -13.46
CA CYS B 430 37.80 -23.06 -12.81
C CYS B 430 36.59 -23.69 -13.51
N PHE B 431 35.81 -24.49 -12.77
CA PHE B 431 34.57 -25.11 -13.24
C PHE B 431 33.39 -24.21 -12.85
N LEU B 432 33.10 -23.20 -13.68
CA LEU B 432 32.23 -22.06 -13.37
C LEU B 432 30.76 -22.46 -13.12
N SER B 433 30.33 -23.62 -13.63
CA SER B 433 29.04 -24.25 -13.30
C SER B 433 28.93 -24.72 -11.82
N THR B 434 30.06 -24.84 -11.12
CA THR B 434 30.14 -25.30 -9.71
C THR B 434 30.79 -24.27 -8.78
N GLY B 435 31.51 -23.29 -9.34
CA GLY B 435 32.30 -22.29 -8.60
C GLY B 435 33.66 -22.82 -8.08
N VAL B 436 33.97 -24.11 -8.27
CA VAL B 436 35.21 -24.75 -7.81
C VAL B 436 36.40 -24.33 -8.68
N ALA B 437 37.55 -24.07 -8.05
CA ALA B 437 38.83 -23.86 -8.70
C ALA B 437 39.87 -24.90 -8.23
N HIS B 438 40.73 -25.34 -9.15
CA HIS B 438 41.77 -26.36 -8.93
C HIS B 438 43.14 -25.87 -9.40
N SER B 439 44.19 -26.24 -8.67
CA SER B 439 45.58 -26.01 -9.08
C SER B 439 46.15 -27.27 -9.72
N LEU B 440 46.69 -27.13 -10.93
CA LEU B 440 47.13 -28.22 -11.81
C LEU B 440 48.58 -27.99 -12.25
N ARG B 441 49.52 -28.60 -11.52
CA ARG B 441 50.96 -28.58 -11.84
C ARG B 441 51.28 -29.60 -12.94
N THR B 442 52.20 -29.28 -13.84
CA THR B 442 52.57 -30.11 -14.99
C THR B 442 54.04 -30.51 -14.95
N ASP B 443 54.35 -31.72 -15.38
CA ASP B 443 55.72 -32.23 -15.57
C ASP B 443 56.38 -31.72 -16.88
N MET B 444 55.83 -30.65 -17.46
CA MET B 444 56.31 -30.01 -18.68
C MET B 444 56.13 -28.50 -18.60
N HIS B 445 56.95 -27.75 -19.34
CA HIS B 445 56.73 -26.32 -19.60
C HIS B 445 55.58 -26.13 -20.60
N ILE B 446 54.42 -25.70 -20.13
CA ILE B 446 53.18 -25.54 -20.90
C ILE B 446 53.38 -24.54 -22.04
N SER B 447 53.03 -24.91 -23.26
CA SER B 447 52.97 -24.03 -24.45
C SER B 447 51.54 -23.74 -24.92
N GLY B 448 50.55 -24.44 -24.37
CA GLY B 448 49.13 -24.28 -24.67
C GLY B 448 48.25 -25.13 -23.76
N VAL B 449 46.97 -24.74 -23.65
CA VAL B 449 45.94 -25.44 -22.87
C VAL B 449 44.58 -25.42 -23.59
N PHE B 450 43.79 -26.47 -23.42
CA PHE B 450 42.38 -26.57 -23.84
C PHE B 450 41.57 -27.26 -22.74
N ALA B 451 40.33 -26.86 -22.50
CA ALA B 451 39.48 -27.37 -21.42
C ALA B 451 38.07 -27.74 -21.90
N THR B 452 37.45 -28.70 -21.21
CA THR B 452 36.08 -29.18 -21.42
C THR B 452 35.43 -29.47 -20.06
N LYS B 453 34.11 -29.70 -20.04
CA LYS B 453 33.38 -30.11 -18.83
C LYS B 453 33.92 -31.39 -18.15
N ASP B 454 34.69 -32.20 -18.88
CA ASP B 454 35.23 -33.48 -18.40
C ASP B 454 36.76 -33.48 -18.17
N ALA B 455 37.51 -32.67 -18.92
CA ALA B 455 38.97 -32.79 -18.99
C ALA B 455 39.70 -31.49 -19.37
N VAL B 456 41.02 -31.46 -19.14
CA VAL B 456 41.95 -30.41 -19.56
C VAL B 456 43.13 -31.05 -20.27
N ALA B 457 43.53 -30.51 -21.43
CA ALA B 457 44.71 -30.91 -22.18
C ALA B 457 45.78 -29.81 -22.14
N VAL B 458 47.04 -30.21 -22.03
CA VAL B 458 48.22 -29.34 -22.06
C VAL B 458 49.25 -29.90 -23.02
N TRP B 459 50.09 -29.05 -23.60
CA TRP B 459 51.18 -29.50 -24.49
C TRP B 459 52.36 -28.55 -24.43
N ASN B 460 53.57 -29.03 -24.73
CA ASN B 460 54.80 -28.22 -24.74
C ASN B 460 55.47 -28.10 -26.13
N GLY B 461 54.82 -28.57 -27.20
CA GLY B 461 55.39 -28.65 -28.54
C GLY B 461 56.26 -29.89 -28.81
N ARG B 462 56.43 -30.79 -27.83
CA ARG B 462 57.09 -32.11 -27.95
C ARG B 462 56.19 -33.25 -27.47
N GLN B 463 55.36 -33.02 -26.45
CA GLN B 463 54.40 -33.96 -25.86
C GLN B 463 53.09 -33.26 -25.50
N VAL B 464 52.04 -34.07 -25.36
CA VAL B 464 50.70 -33.69 -24.90
C VAL B 464 50.37 -34.51 -23.63
N ALA B 465 49.75 -33.88 -22.64
CA ALA B 465 49.18 -34.56 -21.47
C ALA B 465 47.72 -34.15 -21.28
N ILE B 466 46.88 -35.11 -20.84
CA ILE B 466 45.43 -34.94 -20.70
C ILE B 466 45.04 -35.35 -19.29
N PHE B 467 44.25 -34.52 -18.62
CA PHE B 467 43.81 -34.69 -17.25
C PHE B 467 42.28 -34.73 -17.18
N GLU B 468 41.74 -35.68 -16.46
CA GLU B 468 40.29 -35.89 -16.27
C GLU B 468 39.86 -35.38 -14.89
N LEU B 469 38.72 -34.69 -14.82
CA LEU B 469 38.08 -34.37 -13.54
C LEU B 469 37.46 -35.63 -12.94
N SER B 470 37.92 -36.04 -11.75
CA SER B 470 37.41 -37.17 -10.98
C SER B 470 36.90 -36.67 -9.62
N GLY B 471 35.64 -36.23 -9.57
CA GLY B 471 35.05 -35.61 -8.39
C GLY B 471 35.72 -34.26 -8.06
N ALA B 472 36.11 -34.07 -6.79
CA ALA B 472 36.81 -32.88 -6.32
C ALA B 472 38.35 -32.89 -6.56
N ALA B 473 38.85 -33.67 -7.53
CA ALA B 473 40.27 -33.73 -7.89
C ALA B 473 40.47 -33.90 -9.40
N ILE B 474 41.63 -33.44 -9.91
CA ILE B 474 42.05 -33.60 -11.31
C ILE B 474 43.17 -34.65 -11.36
N ARG B 475 43.05 -35.66 -12.24
CA ARG B 475 43.99 -36.79 -12.38
C ARG B 475 44.47 -36.97 -13.82
N SER B 476 45.70 -37.46 -14.03
CA SER B 476 46.20 -37.75 -15.38
C SER B 476 45.43 -38.90 -16.05
N ALA B 477 44.82 -38.62 -17.20
CA ALA B 477 44.13 -39.59 -18.04
C ALA B 477 45.02 -40.19 -19.15
N GLY B 478 46.06 -39.46 -19.57
CA GLY B 478 46.95 -39.88 -20.66
C GLY B 478 48.08 -38.90 -20.93
N THR B 479 49.16 -39.37 -21.56
CA THR B 479 50.33 -38.56 -21.94
C THR B 479 51.04 -39.23 -23.13
N PHE B 480 51.37 -38.47 -24.18
CA PHE B 480 51.96 -39.01 -25.41
C PHE B 480 52.86 -37.99 -26.14
N LEU B 481 53.83 -38.49 -26.91
CA LEU B 481 54.70 -37.67 -27.74
C LEU B 481 53.96 -37.19 -29.00
N CYS B 482 53.92 -35.88 -29.22
CA CYS B 482 53.26 -35.24 -30.35
C CYS B 482 53.75 -33.78 -30.46
N GLU B 483 54.32 -33.39 -31.62
CA GLU B 483 54.92 -32.07 -31.85
C GLU B 483 53.92 -30.98 -32.24
N THR B 484 52.74 -31.00 -31.61
CA THR B 484 51.61 -30.14 -31.94
C THR B 484 51.80 -28.69 -31.48
N PRO B 485 51.67 -27.67 -32.36
CA PRO B 485 51.67 -26.26 -31.94
C PRO B 485 50.37 -25.83 -31.25
N VAL B 486 49.24 -26.40 -31.65
CA VAL B 486 47.88 -26.10 -31.14
C VAL B 486 47.07 -27.39 -30.98
N LEU B 487 46.02 -27.38 -30.16
CA LEU B 487 45.18 -28.55 -29.89
C LEU B 487 43.74 -28.12 -29.59
N ALA B 488 42.79 -29.01 -29.86
CA ALA B 488 41.38 -28.86 -29.47
C ALA B 488 40.76 -30.18 -29.01
N MET B 489 39.60 -30.16 -28.35
CA MET B 489 38.91 -31.36 -27.86
C MET B 489 37.39 -31.33 -28.12
N HIS B 490 36.79 -32.50 -28.36
CA HIS B 490 35.34 -32.72 -28.42
C HIS B 490 35.01 -34.14 -27.94
N GLU B 491 34.26 -34.25 -26.85
CA GLU B 491 34.04 -35.52 -26.13
C GLU B 491 35.38 -36.24 -25.82
N GLU B 492 35.51 -37.52 -26.17
CA GLU B 492 36.75 -38.29 -25.99
C GLU B 492 37.80 -38.06 -27.12
N ASN B 493 37.55 -37.16 -28.07
CA ASN B 493 38.42 -36.89 -29.21
C ASN B 493 39.30 -35.65 -28.99
N VAL B 494 40.57 -35.80 -29.31
CA VAL B 494 41.62 -34.77 -29.28
C VAL B 494 42.02 -34.45 -30.71
N TYR B 495 42.12 -33.18 -31.07
CA TYR B 495 42.50 -32.72 -32.39
C TYR B 495 43.89 -32.09 -32.28
N THR B 496 44.83 -32.61 -33.05
CA THR B 496 46.27 -32.30 -32.96
C THR B 496 46.83 -32.02 -34.35
N VAL B 497 47.93 -31.29 -34.43
CA VAL B 497 48.47 -30.75 -35.67
C VAL B 497 49.87 -31.29 -35.94
N GLU B 498 50.12 -31.63 -37.20
CA GLU B 498 51.43 -31.92 -37.77
C GLU B 498 51.52 -31.26 -39.16
N SER B 499 52.70 -31.26 -39.78
CA SER B 499 52.94 -30.62 -41.08
C SER B 499 51.85 -31.00 -42.10
N ASN B 500 51.10 -30.00 -42.55
CA ASN B 500 49.98 -30.14 -43.50
C ASN B 500 48.82 -31.10 -43.08
N ARG B 501 48.58 -31.36 -41.78
CA ARG B 501 47.46 -32.22 -41.33
C ARG B 501 46.92 -31.91 -39.92
N VAL B 502 45.65 -32.25 -39.70
CA VAL B 502 45.03 -32.40 -38.37
C VAL B 502 44.74 -33.88 -38.12
N GLN B 503 45.15 -34.41 -36.97
CA GLN B 503 44.96 -35.79 -36.54
C GLN B 503 43.99 -35.85 -35.37
N VAL B 504 42.90 -36.60 -35.54
CA VAL B 504 41.97 -36.95 -34.46
C VAL B 504 42.57 -38.10 -33.66
N ARG B 505 42.65 -37.97 -32.34
CA ARG B 505 43.27 -38.93 -31.41
C ARG B 505 42.39 -39.22 -30.19
N THR B 506 42.57 -40.37 -29.56
CA THR B 506 42.03 -40.65 -28.22
C THR B 506 42.82 -39.92 -27.12
N TRP B 507 42.36 -39.91 -25.87
CA TRP B 507 43.11 -39.32 -24.75
C TRP B 507 44.48 -40.01 -24.48
N GLN B 508 44.66 -41.26 -24.91
CA GLN B 508 45.95 -41.99 -24.89
C GLN B 508 46.86 -41.66 -26.09
N GLY B 509 46.43 -40.79 -27.01
CA GLY B 509 47.18 -40.37 -28.19
C GLY B 509 47.01 -41.22 -29.45
N THR B 510 46.18 -42.28 -29.41
CA THR B 510 45.98 -43.19 -30.55
C THR B 510 45.24 -42.48 -31.69
N VAL B 511 45.84 -42.40 -32.89
CA VAL B 511 45.23 -41.73 -34.06
C VAL B 511 44.03 -42.53 -34.57
N LYS B 512 42.85 -41.91 -34.54
CA LYS B 512 41.59 -42.43 -35.10
C LYS B 512 41.43 -42.06 -36.58
N GLN B 513 41.73 -40.81 -36.94
CA GLN B 513 41.44 -40.26 -38.27
C GLN B 513 42.43 -39.14 -38.66
N LEU B 514 42.68 -38.99 -39.96
CA LEU B 514 43.48 -37.93 -40.57
C LEU B 514 42.60 -36.96 -41.38
N LEU B 515 42.77 -35.65 -41.16
CA LEU B 515 42.22 -34.56 -41.97
C LEU B 515 43.39 -33.88 -42.69
N LEU B 516 43.40 -33.83 -44.03
CA LEU B 516 44.59 -33.43 -44.80
C LEU B 516 44.52 -32.03 -45.43
N PHE B 517 45.67 -31.38 -45.56
CA PHE B 517 45.88 -30.09 -46.23
C PHE B 517 46.96 -30.24 -47.32
N SER B 518 46.89 -29.47 -48.41
CA SER B 518 47.98 -29.36 -49.40
C SER B 518 49.04 -28.34 -48.96
N GLU B 519 50.25 -28.41 -49.52
CA GLU B 519 51.31 -27.41 -49.26
C GLU B 519 50.85 -25.98 -49.61
N THR B 520 50.05 -25.85 -50.68
CA THR B 520 49.45 -24.59 -51.12
C THR B 520 48.36 -24.07 -50.17
N GLU B 521 47.68 -24.93 -49.40
CA GLU B 521 46.76 -24.54 -48.33
C GLU B 521 47.50 -24.17 -47.03
N GLY B 522 48.75 -24.64 -46.86
CA GLY B 522 49.60 -24.33 -45.71
C GLY B 522 49.27 -25.14 -44.45
N ASN B 523 50.12 -25.05 -43.42
CA ASN B 523 49.95 -25.82 -42.20
C ASN B 523 48.83 -25.23 -41.33
N PRO B 524 47.97 -26.07 -40.71
CA PRO B 524 47.11 -25.61 -39.62
C PRO B 524 47.92 -24.91 -38.51
N CYS B 525 47.42 -23.77 -38.05
CA CYS B 525 47.95 -23.06 -36.87
C CYS B 525 46.85 -22.40 -36.01
N PHE B 526 45.58 -22.56 -36.39
CA PHE B 526 44.41 -22.25 -35.57
C PHE B 526 43.46 -23.45 -35.54
N LEU B 527 42.93 -23.75 -34.35
CA LEU B 527 41.81 -24.68 -34.13
C LEU B 527 40.78 -23.99 -33.22
N ASP B 528 39.49 -24.12 -33.53
CA ASP B 528 38.40 -23.76 -32.63
C ASP B 528 37.25 -24.76 -32.74
N ILE B 529 36.63 -25.10 -31.61
CA ILE B 529 35.46 -25.99 -31.58
C ILE B 529 34.27 -25.27 -30.93
N CYS B 530 33.14 -25.24 -31.62
CA CYS B 530 31.90 -24.66 -31.12
C CYS B 530 30.73 -25.60 -31.45
N GLY B 531 29.88 -25.91 -30.47
CA GLY B 531 28.90 -27.00 -30.62
C GLY B 531 29.55 -28.31 -31.09
N ASN B 532 28.99 -28.90 -32.15
CA ASN B 532 29.55 -30.08 -32.82
C ASN B 532 30.39 -29.75 -34.07
N PHE B 533 31.03 -28.57 -34.15
CA PHE B 533 31.83 -28.17 -35.31
C PHE B 533 33.24 -27.76 -34.92
N LEU B 534 34.21 -28.25 -35.70
CA LEU B 534 35.61 -27.81 -35.69
C LEU B 534 35.83 -26.84 -36.85
N VAL B 535 36.55 -25.75 -36.61
CA VAL B 535 37.10 -24.89 -37.66
C VAL B 535 38.62 -24.83 -37.52
N VAL B 536 39.31 -24.84 -38.67
CA VAL B 536 40.77 -24.93 -38.78
C VAL B 536 41.27 -23.80 -39.68
N GLY B 537 42.34 -23.13 -39.27
CA GLY B 537 42.98 -22.05 -40.02
C GLY B 537 44.47 -22.28 -40.18
N THR B 538 45.07 -21.78 -41.26
CA THR B 538 46.44 -22.13 -41.67
C THR B 538 47.40 -20.95 -41.71
N ASP B 539 48.69 -21.23 -41.52
CA ASP B 539 49.70 -20.37 -42.15
C ASP B 539 49.42 -20.45 -43.67
N LEU B 540 49.69 -19.40 -44.45
CA LEU B 540 49.05 -19.24 -45.76
C LEU B 540 47.55 -18.89 -45.75
N ALA B 541 46.97 -18.56 -44.59
CA ALA B 541 45.68 -17.88 -44.45
C ALA B 541 44.47 -18.59 -45.10
N HIS B 542 44.53 -19.91 -45.28
CA HIS B 542 43.36 -20.70 -45.65
C HIS B 542 42.59 -21.17 -44.41
N PHE B 543 41.36 -21.63 -44.61
CA PHE B 543 40.56 -22.28 -43.57
C PHE B 543 39.62 -23.38 -44.12
N LYS B 544 39.22 -24.28 -43.23
CA LYS B 544 38.30 -25.42 -43.43
C LYS B 544 37.41 -25.58 -42.19
N SER B 545 36.28 -26.28 -42.32
CA SER B 545 35.50 -26.70 -41.13
C SER B 545 34.95 -28.12 -41.27
N PHE B 546 34.70 -28.76 -40.14
CA PHE B 546 34.32 -30.17 -40.04
C PHE B 546 33.16 -30.37 -39.05
N ASP B 547 32.19 -31.18 -39.46
CA ASP B 547 31.11 -31.71 -38.63
C ASP B 547 31.63 -32.87 -37.77
N LEU B 548 31.44 -32.78 -36.45
CA LEU B 548 31.89 -33.74 -35.44
C LEU B 548 30.76 -34.62 -34.88
N SER B 549 29.52 -34.47 -35.36
CA SER B 549 28.31 -35.15 -34.83
C SER B 549 28.22 -36.65 -35.19
N ARG B 550 29.26 -37.22 -35.80
CA ARG B 550 29.33 -38.57 -36.40
C ARG B 550 30.55 -39.33 -35.85
N ARG B 551 30.61 -40.65 -36.08
CA ARG B 551 31.74 -41.51 -35.66
C ARG B 551 33.10 -41.05 -36.22
N GLU B 552 33.09 -40.44 -37.40
CA GLU B 552 34.23 -39.77 -38.03
C GLU B 552 33.90 -38.31 -38.36
N ALA B 553 34.88 -37.41 -38.25
CA ALA B 553 34.71 -36.02 -38.67
C ALA B 553 34.52 -35.94 -40.19
N LYS B 554 33.59 -35.11 -40.68
CA LYS B 554 33.34 -34.92 -42.13
C LYS B 554 33.45 -33.44 -42.52
N ALA B 555 34.05 -33.13 -43.67
CA ALA B 555 34.21 -31.76 -44.13
C ALA B 555 32.85 -31.07 -44.32
N HIS B 556 32.62 -29.99 -43.57
CA HIS B 556 31.42 -29.16 -43.57
C HIS B 556 31.59 -27.92 -44.45
N CYS B 557 32.75 -27.26 -44.37
CA CYS B 557 33.22 -26.25 -45.31
C CYS B 557 34.48 -26.76 -46.02
N SER B 558 34.46 -26.77 -47.36
CA SER B 558 35.64 -27.00 -48.19
C SER B 558 36.68 -25.88 -48.02
N CYS B 559 37.89 -26.06 -48.55
CA CYS B 559 38.95 -25.11 -48.32
C CYS B 559 38.69 -23.74 -48.98
N ARG B 560 38.93 -22.66 -48.24
CA ARG B 560 38.84 -21.27 -48.71
C ARG B 560 40.11 -20.49 -48.34
N SER B 561 40.52 -19.56 -49.21
CA SER B 561 41.66 -18.67 -48.97
C SER B 561 41.15 -17.30 -48.54
N LEU B 562 41.55 -16.83 -47.36
CA LEU B 562 41.16 -15.50 -46.88
C LEU B 562 41.68 -14.38 -47.78
N ALA B 563 42.86 -14.57 -48.40
CA ALA B 563 43.43 -13.61 -49.35
C ALA B 563 42.64 -13.50 -50.67
N GLU B 564 41.96 -14.57 -51.11
CA GLU B 564 41.05 -14.51 -52.26
C GLU B 564 39.71 -13.83 -51.88
N LEU B 565 39.22 -14.11 -50.67
CA LEU B 565 37.99 -13.53 -50.09
C LEU B 565 38.09 -12.02 -49.81
N VAL B 566 39.19 -11.58 -49.20
CA VAL B 566 39.40 -10.21 -48.72
C VAL B 566 40.83 -9.76 -49.09
N PRO B 567 41.00 -9.05 -50.21
CA PRO B 567 42.30 -8.53 -50.64
C PRO B 567 42.98 -7.63 -49.59
N GLY B 568 44.31 -7.61 -49.60
CA GLY B 568 45.15 -6.83 -48.68
C GLY B 568 45.37 -7.46 -47.29
N VAL B 569 44.66 -8.55 -46.95
CA VAL B 569 44.93 -9.33 -45.73
C VAL B 569 46.27 -10.05 -45.83
N GLY B 570 47.13 -9.87 -44.81
CA GLY B 570 48.45 -10.51 -44.73
C GLY B 570 48.45 -11.89 -44.07
N GLY B 571 47.47 -12.20 -43.22
CA GLY B 571 47.31 -13.51 -42.59
C GLY B 571 46.08 -13.62 -41.70
N ILE B 572 46.02 -14.70 -40.90
CA ILE B 572 45.01 -14.90 -39.87
C ILE B 572 45.65 -14.63 -38.49
N ALA B 573 45.04 -13.75 -37.70
CA ALA B 573 45.40 -13.49 -36.30
C ALA B 573 44.60 -14.35 -35.30
N SER B 574 43.33 -14.64 -35.61
CA SER B 574 42.46 -15.54 -34.83
C SER B 574 41.29 -16.01 -35.69
N LEU B 575 40.67 -17.14 -35.34
CA LEU B 575 39.61 -17.79 -36.10
C LEU B 575 38.68 -18.59 -35.15
N ARG B 576 37.37 -18.46 -35.32
CA ARG B 576 36.31 -19.08 -34.50
C ARG B 576 35.09 -19.43 -35.35
N CYS B 577 34.21 -20.31 -34.88
CA CYS B 577 32.94 -20.62 -35.57
C CYS B 577 31.70 -20.56 -34.68
N SER B 578 30.54 -20.33 -35.29
CA SER B 578 29.24 -20.44 -34.63
C SER B 578 28.95 -21.88 -34.19
N SER B 579 28.09 -22.06 -33.18
CA SER B 579 27.72 -23.40 -32.66
C SER B 579 26.95 -24.26 -33.66
N SER B 580 26.38 -23.66 -34.71
CA SER B 580 25.77 -24.32 -35.87
C SER B 580 26.75 -24.64 -37.00
N GLY B 581 28.00 -24.16 -36.93
CA GLY B 581 28.97 -24.22 -38.01
C GLY B 581 28.60 -23.41 -39.27
N SER B 582 27.50 -22.65 -39.28
CA SER B 582 27.04 -21.89 -40.44
C SER B 582 27.87 -20.63 -40.71
N THR B 583 28.50 -20.06 -39.68
CA THR B 583 29.33 -18.85 -39.82
C THR B 583 30.68 -19.04 -39.14
N ILE B 584 31.72 -18.60 -39.83
CA ILE B 584 33.09 -18.55 -39.33
C ILE B 584 33.44 -17.07 -39.14
N SER B 585 33.99 -16.70 -37.99
CA SER B 585 34.54 -15.35 -37.76
C SER B 585 36.06 -15.42 -37.74
N ILE B 586 36.73 -14.50 -38.44
CA ILE B 586 38.18 -14.45 -38.59
C ILE B 586 38.68 -13.03 -38.29
N LEU B 587 39.72 -12.91 -37.46
CA LEU B 587 40.50 -11.68 -37.35
C LEU B 587 41.65 -11.75 -38.36
N PRO B 588 41.67 -10.94 -39.43
CA PRO B 588 42.83 -10.81 -40.29
C PRO B 588 44.02 -10.13 -39.55
N SER B 589 45.23 -10.41 -40.02
CA SER B 589 46.44 -9.65 -39.68
C SER B 589 46.95 -8.89 -40.91
N LYS B 590 47.60 -7.74 -40.69
CA LYS B 590 48.35 -7.03 -41.74
C LYS B 590 49.65 -7.77 -42.10
N ALA B 591 50.27 -7.40 -43.22
CA ALA B 591 51.50 -8.02 -43.72
C ALA B 591 52.71 -7.93 -42.75
N ASP B 592 52.72 -6.93 -41.86
CA ASP B 592 53.71 -6.76 -40.79
C ASP B 592 53.32 -7.49 -39.47
N ASN B 593 52.28 -8.33 -39.52
CA ASN B 593 51.62 -8.98 -38.38
C ASN B 593 51.00 -8.04 -37.33
N SER B 594 50.87 -6.74 -37.59
CA SER B 594 50.06 -5.84 -36.75
C SER B 594 48.55 -6.15 -36.90
N PRO B 595 47.72 -5.84 -35.88
CA PRO B 595 46.28 -6.10 -35.93
C PRO B 595 45.56 -5.19 -36.92
N ASP B 596 44.50 -5.70 -37.52
CA ASP B 596 43.70 -5.03 -38.57
C ASP B 596 42.34 -4.57 -38.01
N SER B 597 41.91 -3.34 -38.30
CA SER B 597 40.58 -2.84 -37.90
C SER B 597 39.42 -3.61 -38.53
N LYS B 598 39.66 -4.39 -39.59
CA LYS B 598 38.66 -5.29 -40.18
C LYS B 598 38.47 -6.56 -39.34
N ILE B 599 37.24 -7.07 -39.28
CA ILE B 599 36.90 -8.45 -38.90
C ILE B 599 36.04 -9.05 -40.02
N CYS B 600 36.31 -10.31 -40.34
CA CYS B 600 35.69 -11.02 -41.46
C CYS B 600 34.75 -12.10 -40.92
N PHE B 601 33.55 -12.20 -41.45
CA PHE B 601 32.63 -13.30 -41.18
C PHE B 601 32.33 -14.01 -42.50
N TYR B 602 32.63 -15.30 -42.58
CA TYR B 602 32.40 -16.15 -43.73
C TYR B 602 31.18 -17.04 -43.46
N ASP B 603 30.24 -17.01 -44.40
CA ASP B 603 28.99 -17.77 -44.39
C ASP B 603 29.19 -19.05 -45.19
N VAL B 604 29.11 -20.19 -44.49
CA VAL B 604 29.40 -21.52 -45.03
C VAL B 604 28.32 -22.02 -45.99
N GLU B 605 27.07 -21.58 -45.83
CA GLU B 605 25.95 -22.04 -46.67
C GLU B 605 25.81 -21.19 -47.94
N MET B 606 26.07 -19.88 -47.83
CA MET B 606 26.09 -18.96 -48.97
C MET B 606 27.41 -18.96 -49.74
N ASP B 607 28.52 -19.37 -49.11
CA ASP B 607 29.89 -19.28 -49.66
C ASP B 607 30.28 -17.82 -49.97
N THR B 608 30.26 -16.99 -48.92
CA THR B 608 30.41 -15.54 -49.00
C THR B 608 31.08 -14.99 -47.74
N VAL B 609 31.75 -13.85 -47.82
CA VAL B 609 32.25 -13.10 -46.65
C VAL B 609 31.51 -11.79 -46.49
N THR B 610 31.10 -11.48 -45.26
CA THR B 610 30.73 -10.14 -44.81
C THR B 610 31.83 -9.57 -43.93
N VAL B 611 32.33 -8.37 -44.24
CA VAL B 611 33.43 -7.73 -43.49
C VAL B 611 32.91 -6.52 -42.75
N PHE B 612 33.22 -6.39 -41.46
CA PHE B 612 33.00 -5.16 -40.69
C PHE B 612 34.36 -4.51 -40.41
N ASP B 613 34.50 -3.21 -40.71
CA ASP B 613 35.71 -2.44 -40.40
C ASP B 613 35.45 -1.39 -39.31
N PHE B 614 36.10 -1.55 -38.17
CA PHE B 614 35.94 -0.63 -37.04
C PHE B 614 36.31 0.81 -37.41
N LYS B 615 37.30 1.03 -38.31
CA LYS B 615 37.74 2.38 -38.71
C LYS B 615 36.73 3.15 -39.56
N THR B 616 35.70 2.49 -40.10
CA THR B 616 34.68 3.14 -40.94
C THR B 616 33.25 2.89 -40.49
N GLY B 617 32.99 1.85 -39.69
CA GLY B 617 31.65 1.41 -39.33
C GLY B 617 30.90 0.66 -40.45
N GLN B 618 31.55 0.46 -41.61
CA GLN B 618 30.92 -0.19 -42.77
C GLN B 618 30.76 -1.69 -42.58
N ILE B 619 29.66 -2.25 -43.09
CA ILE B 619 29.47 -3.69 -43.28
C ILE B 619 29.48 -3.97 -44.80
N ASP B 620 30.42 -4.79 -45.27
CA ASP B 620 30.51 -5.30 -46.66
C ASP B 620 29.84 -6.67 -46.80
N ARG B 621 29.56 -7.10 -48.04
CA ARG B 621 29.44 -8.51 -48.44
C ARG B 621 30.12 -8.79 -49.79
N ARG B 622 30.77 -9.95 -49.93
CA ARG B 622 31.57 -10.43 -51.07
C ARG B 622 31.40 -11.95 -51.24
N GLU B 623 31.63 -12.52 -52.42
CA GLU B 623 31.23 -13.91 -52.72
C GLU B 623 32.35 -14.81 -53.27
N THR B 624 32.28 -16.12 -52.98
CA THR B 624 33.19 -17.18 -53.49
C THR B 624 32.47 -18.46 -53.91
N LEU B 625 31.20 -18.36 -54.33
CA LEU B 625 30.50 -19.44 -55.06
C LEU B 625 31.25 -19.85 -56.34
N SER B 626 32.09 -18.97 -56.89
CA SER B 626 33.18 -19.30 -57.79
C SER B 626 34.42 -18.47 -57.44
N PHE B 627 35.60 -18.86 -57.95
CA PHE B 627 36.87 -18.16 -57.72
C PHE B 627 37.06 -16.88 -58.55
N ASN B 628 36.09 -16.53 -59.39
CA ASN B 628 36.07 -15.28 -60.18
C ASN B 628 35.92 -14.03 -59.30
N GLU B 629 36.06 -12.85 -59.89
CA GLU B 629 35.80 -11.55 -59.25
C GLU B 629 34.29 -11.29 -59.10
N GLN B 630 33.64 -12.00 -58.18
CA GLN B 630 32.18 -11.99 -57.97
C GLN B 630 31.66 -10.66 -57.42
N GLU B 631 30.34 -10.49 -57.46
CA GLU B 631 29.63 -9.27 -57.01
C GLU B 631 29.86 -8.94 -55.52
N THR B 632 29.71 -7.67 -55.17
CA THR B 632 29.89 -7.14 -53.80
C THR B 632 28.80 -6.13 -53.42
N ASN B 633 28.55 -5.98 -52.13
CA ASN B 633 27.54 -5.06 -51.56
C ASN B 633 28.08 -4.38 -50.29
N LYS B 634 27.45 -3.27 -49.89
CA LYS B 634 27.75 -2.50 -48.66
C LYS B 634 26.47 -1.94 -48.06
N SER B 635 26.47 -1.65 -46.75
CA SER B 635 25.38 -0.91 -46.09
C SER B 635 25.88 -0.01 -44.95
N HIS B 636 25.12 1.05 -44.66
CA HIS B 636 25.41 2.08 -43.64
C HIS B 636 24.63 1.87 -42.33
N LEU B 637 24.32 0.61 -41.99
CA LEU B 637 23.40 0.27 -40.90
C LEU B 637 23.92 0.51 -39.49
N PHE B 638 25.21 0.79 -39.28
CA PHE B 638 25.67 1.30 -37.98
C PHE B 638 26.61 2.52 -38.02
N VAL B 639 26.35 3.47 -37.10
CA VAL B 639 26.75 4.89 -37.18
C VAL B 639 27.47 5.35 -35.89
N ASP B 640 27.77 4.42 -34.96
CA ASP B 640 28.49 4.76 -33.72
C ASP B 640 29.94 5.19 -34.02
N GLU B 641 30.13 6.51 -34.09
CA GLU B 641 31.41 7.15 -34.36
C GLU B 641 32.47 6.88 -33.26
N GLY B 642 32.05 6.44 -32.07
CA GLY B 642 32.96 6.03 -31.01
C GLY B 642 33.88 4.88 -31.41
N LEU B 643 33.47 4.00 -32.34
CA LEU B 643 34.26 2.84 -32.76
C LEU B 643 35.44 3.17 -33.69
N LYS B 644 35.52 4.36 -34.30
CA LYS B 644 36.50 4.68 -35.36
C LYS B 644 37.97 4.51 -34.97
N ASN B 645 38.32 4.69 -33.69
CA ASN B 645 39.70 4.52 -33.22
C ASN B 645 40.00 3.12 -32.67
N TYR B 646 39.04 2.19 -32.63
CA TYR B 646 39.20 0.86 -32.04
C TYR B 646 39.61 -0.20 -33.08
N VAL B 647 40.28 -1.25 -32.62
CA VAL B 647 40.75 -2.39 -33.41
C VAL B 647 40.40 -3.69 -32.67
N PRO B 648 39.78 -4.70 -33.33
CA PRO B 648 39.44 -5.97 -32.70
C PRO B 648 40.69 -6.80 -32.38
N VAL B 649 40.71 -7.45 -31.21
CA VAL B 649 41.84 -8.26 -30.73
C VAL B 649 41.46 -9.67 -30.26
N ASN B 650 40.23 -9.90 -29.81
CA ASN B 650 39.70 -11.23 -29.47
C ASN B 650 38.24 -11.34 -29.91
N HIS B 651 37.76 -12.57 -30.12
CA HIS B 651 36.39 -12.84 -30.55
C HIS B 651 35.90 -14.24 -30.14
N PHE B 652 34.60 -14.41 -29.93
CA PHE B 652 33.96 -15.65 -29.49
C PHE B 652 32.51 -15.77 -29.96
N TRP B 653 31.99 -16.99 -30.00
CA TRP B 653 30.57 -17.29 -30.27
C TRP B 653 29.94 -17.96 -29.05
N ASP B 654 28.64 -17.77 -28.84
CA ASP B 654 27.93 -18.51 -27.81
C ASP B 654 27.82 -20.01 -28.15
N GLN B 655 28.09 -20.87 -27.18
CA GLN B 655 28.09 -22.33 -27.35
C GLN B 655 26.69 -22.93 -27.60
N SER B 656 25.61 -22.16 -27.49
CA SER B 656 24.21 -22.63 -27.60
C SER B 656 23.38 -21.83 -28.62
N GLU B 657 23.59 -20.52 -28.72
CA GLU B 657 22.91 -19.62 -29.63
C GLU B 657 23.80 -19.26 -30.84
N PRO B 658 23.64 -19.91 -32.00
CA PRO B 658 24.52 -19.69 -33.15
C PRO B 658 24.48 -18.27 -33.73
N ARG B 659 23.45 -17.48 -33.45
CA ARG B 659 23.36 -16.07 -33.87
C ARG B 659 24.18 -15.13 -32.99
N LEU B 660 24.56 -15.53 -31.78
CA LEU B 660 25.18 -14.63 -30.80
C LEU B 660 26.71 -14.71 -30.82
N PHE B 661 27.33 -13.55 -31.00
CA PHE B 661 28.76 -13.35 -31.16
C PHE B 661 29.26 -12.21 -30.26
N VAL B 662 30.53 -12.23 -29.86
CA VAL B 662 31.17 -11.18 -29.07
C VAL B 662 32.59 -10.90 -29.56
N CYS B 663 33.01 -9.64 -29.50
CA CYS B 663 34.37 -9.19 -29.80
C CYS B 663 34.90 -8.22 -28.73
N GLU B 664 36.20 -8.30 -28.49
CA GLU B 664 36.96 -7.35 -27.66
C GLU B 664 37.81 -6.48 -28.59
N ALA B 665 37.71 -5.16 -28.43
CA ALA B 665 38.39 -4.19 -29.27
C ALA B 665 39.11 -3.11 -28.47
N VAL B 666 40.35 -2.79 -28.86
CA VAL B 666 41.28 -1.92 -28.14
C VAL B 666 41.46 -0.62 -28.92
N GLN B 667 41.48 0.53 -28.23
CA GLN B 667 41.76 1.83 -28.87
C GLN B 667 43.20 1.86 -29.40
N GLU B 668 43.39 2.17 -30.69
CA GLU B 668 44.71 2.25 -31.32
C GLU B 668 45.44 3.53 -30.89
N THR B 669 46.38 3.40 -29.95
CA THR B 669 47.25 4.52 -29.53
C THR B 669 48.21 4.91 -30.66
N ALA B 686 31.21 11.62 -28.83
CA ALA B 686 31.77 10.47 -28.13
C ALA B 686 31.84 10.72 -26.61
N GLY B 687 31.45 9.71 -25.82
CA GLY B 687 31.64 9.71 -24.36
C GLY B 687 33.12 9.55 -23.98
N PRO B 688 33.44 9.41 -22.68
CA PRO B 688 34.82 9.18 -22.23
C PRO B 688 35.38 7.90 -22.84
N ALA B 689 36.52 8.00 -23.53
CA ALA B 689 37.12 6.87 -24.24
C ALA B 689 37.78 5.86 -23.28
N ALA B 690 37.11 4.73 -23.05
CA ALA B 690 37.71 3.57 -22.39
C ALA B 690 38.77 2.92 -23.30
N ASP B 691 39.86 2.41 -22.74
CA ASP B 691 40.94 1.82 -23.55
C ASP B 691 40.48 0.58 -24.34
N VAL B 692 39.50 -0.16 -23.81
CA VAL B 692 38.96 -1.39 -24.42
C VAL B 692 37.43 -1.44 -24.32
N LEU B 693 36.78 -1.84 -25.42
CA LEU B 693 35.33 -2.06 -25.53
C LEU B 693 35.03 -3.53 -25.81
N ILE B 694 33.96 -4.03 -25.21
CA ILE B 694 33.38 -5.35 -25.51
C ILE B 694 32.07 -5.11 -26.25
N LEU B 695 31.95 -5.70 -27.45
CA LEU B 695 30.81 -5.58 -28.34
C LEU B 695 30.16 -6.95 -28.54
N SER B 696 28.85 -7.08 -28.32
CA SER B 696 28.09 -8.29 -28.63
C SER B 696 27.08 -8.04 -29.75
N PHE B 697 26.94 -9.02 -30.65
CA PHE B 697 26.14 -8.90 -31.86
C PHE B 697 25.20 -10.10 -32.03
N PHE B 698 24.00 -9.84 -32.54
CA PHE B 698 23.19 -10.88 -33.18
C PHE B 698 23.43 -10.83 -34.69
N ILE B 699 23.76 -11.97 -35.26
CA ILE B 699 24.10 -12.16 -36.67
C ILE B 699 23.02 -13.04 -37.31
N SER B 700 22.41 -12.58 -38.39
CA SER B 700 21.37 -13.32 -39.11
C SER B 700 21.42 -13.10 -40.62
N GLU B 701 20.90 -14.06 -41.39
CA GLU B 701 20.85 -13.96 -42.85
C GLU B 701 19.86 -12.88 -43.32
N GLU B 702 18.78 -12.63 -42.57
CA GLU B 702 17.75 -11.66 -42.93
C GLU B 702 18.13 -10.21 -42.58
N HIS B 703 18.84 -9.98 -41.48
CA HIS B 703 19.10 -8.64 -40.92
C HIS B 703 20.58 -8.27 -40.80
N GLY B 704 21.50 -9.15 -41.24
CA GLY B 704 22.94 -8.92 -41.19
C GLY B 704 23.46 -8.89 -39.74
N PHE B 705 24.13 -7.80 -39.36
CA PHE B 705 24.76 -7.63 -38.06
C PHE B 705 23.98 -6.59 -37.24
N LEU B 706 23.49 -7.01 -36.06
CA LEU B 706 22.78 -6.16 -35.12
C LEU B 706 23.60 -6.03 -33.83
N LEU B 707 24.00 -4.82 -33.46
CA LEU B 707 24.69 -4.58 -32.18
C LEU B 707 23.71 -4.80 -31.02
N HIS B 708 23.94 -5.85 -30.24
CA HIS B 708 23.14 -6.20 -29.07
C HIS B 708 23.53 -5.35 -27.85
N GLU B 709 24.82 -5.26 -27.55
CA GLU B 709 25.34 -4.49 -26.42
C GLU B 709 26.77 -3.98 -26.73
N SER B 710 27.10 -2.80 -26.21
CA SER B 710 28.47 -2.26 -26.13
C SER B 710 28.76 -1.78 -24.72
N PHE B 711 29.91 -2.14 -24.16
CA PHE B 711 30.34 -1.72 -22.81
C PHE B 711 31.87 -1.66 -22.69
N PRO B 712 32.42 -0.81 -21.81
CA PRO B 712 33.86 -0.81 -21.51
C PRO B 712 34.24 -2.11 -20.79
N ARG B 713 35.42 -2.68 -21.09
CA ARG B 713 35.92 -3.84 -20.34
C ARG B 713 36.07 -3.47 -18.85
N PRO B 714 35.66 -4.33 -17.89
CA PRO B 714 35.82 -4.05 -16.46
C PRO B 714 37.27 -3.71 -16.10
N ALA B 715 37.50 -2.71 -15.25
CA ALA B 715 38.84 -2.20 -14.96
C ALA B 715 39.78 -3.26 -14.34
N THR B 716 39.23 -4.23 -13.63
CA THR B 716 39.94 -5.37 -13.02
C THR B 716 40.22 -6.54 -13.99
N SER B 717 39.74 -6.45 -15.23
CA SER B 717 39.82 -7.51 -16.25
C SER B 717 40.87 -7.19 -17.31
N HIS B 718 41.83 -8.10 -17.53
CA HIS B 718 42.91 -7.93 -18.49
C HIS B 718 42.56 -8.34 -19.93
N SER B 719 41.61 -9.27 -20.14
CA SER B 719 41.15 -9.69 -21.47
C SER B 719 39.79 -10.39 -21.41
N LEU B 720 39.07 -10.44 -22.55
CA LEU B 720 37.89 -11.30 -22.74
C LEU B 720 38.35 -12.74 -22.98
N LEU B 721 37.93 -13.66 -22.11
CA LEU B 721 38.24 -15.09 -22.16
C LEU B 721 37.19 -15.88 -22.97
N GLY B 722 35.94 -15.41 -23.01
CA GLY B 722 34.85 -16.04 -23.75
C GLY B 722 33.48 -15.48 -23.37
N MET B 723 32.43 -16.11 -23.90
CA MET B 723 31.04 -15.86 -23.54
C MET B 723 30.27 -17.18 -23.58
N GLU B 724 29.38 -17.38 -22.61
CA GLU B 724 28.38 -18.44 -22.67
C GLU B 724 27.14 -17.96 -21.88
N VAL B 725 26.02 -17.75 -22.58
CA VAL B 725 24.81 -17.13 -22.04
C VAL B 725 24.41 -17.80 -20.71
N PRO B 726 24.15 -17.01 -19.64
CA PRO B 726 23.97 -15.55 -19.62
C PRO B 726 25.24 -14.69 -19.36
N TYR B 727 26.46 -15.23 -19.41
CA TYR B 727 27.66 -14.51 -18.96
C TYR B 727 28.71 -14.24 -20.06
N TYR B 728 29.32 -13.06 -20.01
CA TYR B 728 30.68 -12.81 -20.50
C TYR B 728 31.70 -13.27 -19.46
N TYR B 729 32.87 -13.75 -19.90
CA TYR B 729 33.96 -14.20 -19.04
C TYR B 729 35.28 -13.51 -19.37
N PHE B 730 36.02 -13.14 -18.32
CA PHE B 730 37.22 -12.31 -18.39
C PHE B 730 38.37 -12.88 -17.55
N THR B 731 39.61 -12.57 -17.92
CA THR B 731 40.80 -12.89 -17.13
C THR B 731 41.08 -11.79 -16.09
N ARG B 732 41.05 -12.10 -14.79
CA ARG B 732 41.44 -11.17 -13.70
C ARG B 732 42.95 -11.25 -13.42
N LYS B 733 43.58 -10.11 -13.09
CA LYS B 733 45.01 -10.05 -12.69
C LYS B 733 45.26 -10.71 -11.32
N PRO B 734 46.38 -11.44 -11.12
CA PRO B 734 46.77 -11.92 -9.80
C PRO B 734 47.14 -10.76 -8.83
N GLU B 735 47.52 -9.59 -9.37
CA GLU B 735 47.82 -8.37 -8.60
C GLU B 735 46.60 -7.75 -7.89
N GLU B 736 45.37 -8.09 -8.30
CA GLU B 736 44.12 -7.47 -7.81
C GLU B 736 43.17 -8.44 -7.11
N ALA B 737 43.35 -9.76 -7.26
CA ALA B 737 42.51 -10.75 -6.59
C ALA B 737 42.57 -10.68 -5.04
N ASP B 738 43.70 -10.25 -4.46
CA ASP B 738 43.91 -10.18 -3.00
C ASP B 738 43.36 -8.89 -2.33
N ARG B 739 42.97 -7.86 -3.10
CA ARG B 739 42.62 -6.54 -2.54
C ARG B 739 41.23 -6.45 -1.91
N GLU B 740 40.31 -7.35 -2.27
CA GLU B 740 38.90 -7.31 -1.82
C GLU B 740 38.49 -8.52 -0.94
N ASP B 741 39.20 -9.65 -1.02
CA ASP B 741 38.89 -10.87 -0.28
C ASP B 741 39.55 -10.91 1.12
N GLU B 742 38.96 -10.21 2.08
CA GLU B 742 39.22 -10.45 3.51
C GLU B 742 38.61 -11.80 3.94
N VAL B 743 39.43 -12.74 4.43
CA VAL B 743 39.02 -14.09 4.86
C VAL B 743 39.80 -14.53 6.11
N GLU B 744 39.20 -15.43 6.87
CA GLU B 744 39.76 -16.16 8.01
C GLU B 744 41.14 -16.84 7.73
N PRO B 745 42.01 -16.98 8.75
CA PRO B 745 43.29 -17.70 8.60
C PRO B 745 43.07 -19.22 8.40
N GLY B 746 43.98 -19.88 7.68
CA GLY B 746 44.04 -21.35 7.55
C GLY B 746 43.53 -21.98 6.24
N CYS B 747 43.09 -21.19 5.25
CA CYS B 747 42.75 -21.66 3.90
C CYS B 747 43.81 -21.21 2.87
N HIS B 748 44.35 -22.14 2.09
CA HIS B 748 45.17 -21.85 0.90
C HIS B 748 44.27 -21.39 -0.25
N HIS B 749 43.84 -20.14 -0.22
CA HIS B 749 42.86 -19.60 -1.17
C HIS B 749 43.43 -19.58 -2.60
N ILE B 750 42.85 -20.39 -3.50
CA ILE B 750 43.23 -20.37 -4.92
C ILE B 750 42.71 -19.04 -5.52
N PRO B 751 43.58 -18.18 -6.08
CA PRO B 751 43.17 -16.87 -6.57
C PRO B 751 42.15 -17.01 -7.70
N GLN B 752 41.05 -16.24 -7.64
CA GLN B 752 39.97 -16.33 -8.63
C GLN B 752 40.34 -15.56 -9.91
N MET B 753 41.21 -16.14 -10.73
CA MET B 753 41.77 -15.54 -11.96
C MET B 753 40.76 -15.37 -13.11
N VAL B 754 39.49 -15.73 -12.90
CA VAL B 754 38.40 -15.55 -13.86
C VAL B 754 37.26 -14.75 -13.22
N SER B 755 36.78 -13.72 -13.92
CA SER B 755 35.64 -12.87 -13.53
C SER B 755 34.53 -12.96 -14.58
N ARG B 756 33.26 -12.82 -14.15
CA ARG B 756 32.08 -12.93 -15.03
C ARG B 756 31.18 -11.71 -14.93
N ARG B 757 30.55 -11.33 -16.04
CA ARG B 757 29.54 -10.26 -16.12
C ARG B 757 28.29 -10.78 -16.84
N PRO B 758 27.06 -10.65 -16.31
CA PRO B 758 25.87 -11.03 -17.05
C PRO B 758 25.63 -10.11 -18.27
N LEU B 759 25.10 -10.67 -19.35
CA LEU B 759 24.58 -9.91 -20.50
C LEU B 759 23.46 -8.96 -20.05
N ARG B 760 23.32 -7.79 -20.71
CA ARG B 760 22.36 -6.72 -20.35
C ARG B 760 20.94 -7.24 -20.07
N ASP B 761 20.40 -8.01 -21.02
CA ASP B 761 19.04 -8.54 -20.96
C ASP B 761 18.89 -9.74 -20.00
N PHE B 762 19.98 -10.24 -19.43
CA PHE B 762 20.01 -11.31 -18.43
C PHE B 762 20.40 -10.86 -17.01
N VAL B 763 20.64 -9.56 -16.79
CA VAL B 763 20.69 -9.00 -15.43
C VAL B 763 19.35 -9.28 -14.72
N GLY B 764 19.40 -9.98 -13.59
CA GLY B 764 18.20 -10.43 -12.86
C GLY B 764 17.51 -11.67 -13.46
N LEU B 765 18.08 -12.31 -14.49
CA LEU B 765 17.60 -13.55 -15.12
C LEU B 765 18.72 -14.59 -15.27
N GLU B 766 19.66 -14.60 -14.33
CA GLU B 766 20.86 -15.46 -14.31
C GLU B 766 20.54 -16.98 -14.28
N ASP B 767 19.32 -17.37 -13.88
CA ASP B 767 18.87 -18.75 -13.67
C ASP B 767 17.60 -19.15 -14.45
N CYS B 768 17.11 -18.34 -15.40
CA CYS B 768 15.78 -18.52 -16.01
C CYS B 768 15.64 -19.78 -16.92
N ASP B 769 14.42 -20.35 -16.95
CA ASP B 769 14.11 -21.70 -17.47
C ASP B 769 14.16 -21.82 -19.00
N LYS B 770 14.96 -22.77 -19.52
CA LYS B 770 15.39 -22.85 -20.92
C LYS B 770 14.25 -22.92 -21.96
N ALA B 771 13.22 -23.76 -21.78
CA ALA B 771 12.14 -23.88 -22.78
C ALA B 771 11.32 -22.59 -22.92
N THR B 772 10.91 -22.01 -21.79
CA THR B 772 10.22 -20.71 -21.72
C THR B 772 11.10 -19.59 -22.27
N ARG B 773 12.37 -19.56 -21.87
CA ARG B 773 13.39 -18.60 -22.32
C ARG B 773 13.62 -18.65 -23.83
N ASP B 774 13.71 -19.83 -24.44
CA ASP B 774 13.78 -19.98 -25.90
C ASP B 774 12.52 -19.42 -26.59
N ALA B 775 11.32 -19.76 -26.09
CA ALA B 775 10.08 -19.18 -26.59
C ALA B 775 10.05 -17.64 -26.44
N MET B 776 10.55 -17.09 -25.33
CA MET B 776 10.68 -15.63 -25.15
C MET B 776 11.73 -14.99 -26.07
N LEU B 777 12.84 -15.65 -26.34
CA LEU B 777 13.82 -15.19 -27.32
C LEU B 777 13.22 -15.19 -28.72
N HIS B 778 12.57 -16.28 -29.15
CA HIS B 778 11.84 -16.31 -30.42
C HIS B 778 10.77 -15.22 -30.50
N PHE B 779 9.97 -15.05 -29.45
CA PHE B 779 8.98 -13.98 -29.34
C PHE B 779 9.62 -12.60 -29.52
N SER B 780 10.62 -12.25 -28.72
CA SER B 780 11.27 -10.94 -28.77
C SER B 780 11.92 -10.68 -30.13
N PHE B 781 12.56 -11.68 -30.71
CA PHE B 781 13.09 -11.66 -32.08
C PHE B 781 11.96 -11.34 -33.08
N PHE B 782 10.88 -12.13 -33.11
CA PHE B 782 9.76 -11.87 -34.00
C PHE B 782 9.08 -10.51 -33.76
N VAL B 783 8.93 -10.04 -32.52
CA VAL B 783 8.41 -8.69 -32.20
C VAL B 783 9.33 -7.59 -32.74
N THR B 784 10.65 -7.67 -32.53
CA THR B 784 11.60 -6.68 -33.09
C THR B 784 11.61 -6.69 -34.62
N ILE B 785 11.30 -7.82 -35.25
CA ILE B 785 11.11 -7.96 -36.69
C ILE B 785 9.74 -7.43 -37.16
N GLY B 786 8.77 -7.31 -36.26
CA GLY B 786 7.39 -6.92 -36.54
C GLY B 786 6.47 -8.09 -36.94
N ASP B 787 6.97 -9.33 -36.89
CA ASP B 787 6.24 -10.54 -37.27
C ASP B 787 5.42 -11.10 -36.09
N MET B 788 4.45 -10.31 -35.63
CA MET B 788 3.67 -10.59 -34.42
C MET B 788 2.94 -11.94 -34.46
N ASP B 789 2.59 -12.48 -35.64
CA ASP B 789 1.93 -13.79 -35.74
C ASP B 789 2.86 -14.93 -35.28
N GLU B 790 4.10 -14.97 -35.77
CA GLU B 790 5.09 -15.95 -35.29
C GLU B 790 5.53 -15.65 -33.85
N ALA B 791 5.57 -14.39 -33.43
CA ALA B 791 5.76 -14.05 -32.04
C ALA B 791 4.66 -14.69 -31.16
N PHE B 792 3.39 -14.52 -31.53
CA PHE B 792 2.25 -15.07 -30.81
C PHE B 792 2.28 -16.61 -30.79
N LYS B 793 2.62 -17.24 -31.92
CA LYS B 793 2.81 -18.69 -32.02
C LYS B 793 3.92 -19.20 -31.10
N SER B 794 5.07 -18.51 -31.03
CA SER B 794 6.17 -18.90 -30.16
C SER B 794 5.78 -18.88 -28.66
N ILE B 795 4.86 -18.00 -28.27
CA ILE B 795 4.35 -17.89 -26.89
C ILE B 795 3.27 -18.93 -26.53
N LYS B 796 2.65 -19.64 -27.48
CA LYS B 796 1.45 -20.48 -27.26
C LYS B 796 1.55 -21.47 -26.07
N LEU B 797 2.75 -22.02 -25.83
CA LEU B 797 3.05 -22.94 -24.71
C LEU B 797 3.12 -22.27 -23.31
N ILE B 798 3.34 -20.95 -23.25
CA ILE B 798 3.57 -20.19 -22.02
C ILE B 798 2.22 -19.78 -21.38
N LYS B 799 1.92 -20.33 -20.21
CA LYS B 799 0.76 -19.95 -19.39
C LYS B 799 1.02 -18.79 -18.42
N SER B 800 2.28 -18.34 -18.28
CA SER B 800 2.68 -17.30 -17.31
C SER B 800 2.05 -15.94 -17.58
N GLU B 801 1.25 -15.48 -16.62
CA GLU B 801 0.54 -14.19 -16.65
C GLU B 801 1.48 -13.00 -16.89
N ALA B 802 2.68 -13.03 -16.33
CA ALA B 802 3.69 -11.98 -16.48
C ALA B 802 4.12 -11.78 -17.94
N VAL B 803 4.15 -12.86 -18.75
CA VAL B 803 4.47 -12.77 -20.17
C VAL B 803 3.32 -12.14 -20.95
N TRP B 804 2.08 -12.54 -20.69
CA TRP B 804 0.90 -11.92 -21.30
C TRP B 804 0.77 -10.44 -20.91
N GLU B 805 1.14 -10.05 -19.69
CA GLU B 805 1.26 -8.64 -19.30
C GLU B 805 2.35 -7.91 -20.10
N ASN B 806 3.56 -8.45 -20.21
CA ASN B 806 4.62 -7.84 -21.02
C ASN B 806 4.22 -7.71 -22.49
N MET B 807 3.51 -8.70 -23.04
CA MET B 807 2.96 -8.62 -24.39
C MET B 807 1.87 -7.55 -24.52
N ALA B 808 0.99 -7.39 -23.54
CA ALA B 808 0.00 -6.31 -23.54
C ALA B 808 0.67 -4.93 -23.49
N ARG B 809 1.76 -4.78 -22.74
CA ARG B 809 2.60 -3.56 -22.74
C ARG B 809 3.24 -3.30 -24.10
N MET B 810 3.78 -4.34 -24.76
CA MET B 810 4.26 -4.23 -26.15
C MET B 810 3.15 -3.96 -27.17
N CYS B 811 1.91 -4.40 -26.91
CA CYS B 811 0.77 -4.05 -27.74
C CYS B 811 0.41 -2.57 -27.68
N VAL B 812 0.71 -1.88 -26.58
CA VAL B 812 0.61 -0.42 -26.51
C VAL B 812 1.58 0.23 -27.50
N LYS B 813 2.86 -0.16 -27.47
CA LYS B 813 3.91 0.39 -28.37
C LYS B 813 3.65 0.09 -29.85
N THR B 814 3.15 -1.10 -30.17
CA THR B 814 2.80 -1.52 -31.55
C THR B 814 1.40 -1.12 -32.00
N GLN B 815 0.57 -0.57 -31.10
CA GLN B 815 -0.82 -0.14 -31.33
C GLN B 815 -1.81 -1.26 -31.77
N ARG B 816 -1.44 -2.54 -31.65
CA ARG B 816 -2.24 -3.70 -32.08
C ARG B 816 -3.25 -4.13 -31.00
N LEU B 817 -4.47 -3.61 -31.11
CA LEU B 817 -5.56 -3.85 -30.13
C LEU B 817 -6.21 -5.23 -30.23
N ASP B 818 -6.20 -5.84 -31.40
CA ASP B 818 -6.68 -7.21 -31.63
C ASP B 818 -5.94 -8.24 -30.76
N VAL B 819 -4.61 -8.17 -30.71
CA VAL B 819 -3.79 -9.01 -29.81
C VAL B 819 -3.97 -8.59 -28.34
N ALA B 820 -4.16 -7.30 -28.05
CA ALA B 820 -4.35 -6.83 -26.68
C ALA B 820 -5.61 -7.42 -26.02
N LYS B 821 -6.73 -7.50 -26.75
CA LYS B 821 -7.97 -8.17 -26.27
C LYS B 821 -7.70 -9.61 -25.83
N VAL B 822 -6.95 -10.36 -26.64
CA VAL B 822 -6.55 -11.73 -26.32
C VAL B 822 -5.68 -11.77 -25.07
N CYS B 823 -4.67 -10.89 -24.99
CA CYS B 823 -3.77 -10.84 -23.85
C CYS B 823 -4.51 -10.56 -22.54
N LEU B 824 -5.39 -9.55 -22.53
CA LEU B 824 -6.24 -9.20 -21.39
C LEU B 824 -7.16 -10.37 -20.98
N GLY B 825 -7.71 -11.09 -21.96
CA GLY B 825 -8.49 -12.30 -21.71
C GLY B 825 -7.67 -13.41 -21.03
N ASN B 826 -6.51 -13.76 -21.60
CA ASN B 826 -5.64 -14.82 -21.05
C ASN B 826 -5.07 -14.47 -19.65
N MET B 827 -4.78 -13.20 -19.37
CA MET B 827 -4.38 -12.75 -18.03
C MET B 827 -5.56 -12.62 -17.04
N GLY B 828 -6.80 -12.81 -17.48
CA GLY B 828 -8.00 -12.66 -16.64
C GLY B 828 -8.42 -11.21 -16.35
N HIS B 829 -7.82 -10.22 -17.03
CA HIS B 829 -8.03 -8.79 -16.79
C HIS B 829 -9.32 -8.31 -17.47
N ALA B 830 -10.45 -8.81 -16.95
CA ALA B 830 -11.77 -8.59 -17.52
C ALA B 830 -12.12 -7.11 -17.67
N ARG B 831 -11.75 -6.32 -16.66
CA ARG B 831 -11.89 -4.87 -16.64
C ARG B 831 -11.22 -4.14 -17.80
N GLY B 832 -10.01 -4.56 -18.18
CA GLY B 832 -9.27 -3.95 -19.29
C GLY B 832 -9.90 -4.29 -20.62
N ALA B 833 -10.37 -5.53 -20.78
CA ALA B 833 -11.12 -5.94 -21.96
C ALA B 833 -12.45 -5.17 -22.09
N ARG B 834 -13.20 -5.01 -21.00
CA ARG B 834 -14.39 -4.16 -20.95
C ARG B 834 -14.07 -2.71 -21.34
N ALA B 835 -13.03 -2.12 -20.75
CA ALA B 835 -12.62 -0.74 -21.07
C ALA B 835 -12.27 -0.58 -22.56
N LEU B 836 -11.58 -1.55 -23.16
CA LEU B 836 -11.33 -1.56 -24.59
C LEU B 836 -12.60 -1.64 -25.43
N ARG B 837 -13.55 -2.53 -25.08
CA ARG B 837 -14.84 -2.59 -25.78
C ARG B 837 -15.60 -1.28 -25.72
N GLU B 838 -15.62 -0.62 -24.56
CA GLU B 838 -16.22 0.70 -24.42
C GLU B 838 -15.48 1.76 -25.24
N ALA B 839 -14.14 1.69 -25.29
CA ALA B 839 -13.31 2.58 -26.10
C ALA B 839 -13.52 2.40 -27.61
N GLU B 840 -14.07 1.28 -28.10
CA GLU B 840 -14.40 1.13 -29.53
C GLU B 840 -15.45 2.13 -30.03
N GLN B 841 -16.20 2.79 -29.13
CA GLN B 841 -17.07 3.92 -29.48
C GLN B 841 -16.29 5.18 -29.85
N GLU B 842 -15.05 5.29 -29.42
CA GLU B 842 -14.15 6.36 -29.85
C GLU B 842 -13.54 6.02 -31.23
N PRO B 843 -13.53 6.96 -32.19
CA PRO B 843 -12.98 6.73 -33.53
C PRO B 843 -11.45 6.64 -33.58
N GLU B 844 -10.74 7.16 -32.57
CA GLU B 844 -9.28 7.33 -32.65
C GLU B 844 -8.53 6.16 -32.01
N LEU B 845 -7.72 5.48 -32.80
CA LEU B 845 -6.92 4.33 -32.37
C LEU B 845 -5.98 4.70 -31.22
N GLU B 846 -5.32 5.84 -31.29
CA GLU B 846 -4.46 6.33 -30.21
C GLU B 846 -5.20 6.53 -28.88
N ALA B 847 -6.47 6.97 -28.91
CA ALA B 847 -7.28 7.09 -27.69
C ALA B 847 -7.63 5.70 -27.13
N ARG B 848 -7.98 4.74 -28.00
CA ARG B 848 -8.19 3.34 -27.61
C ARG B 848 -6.94 2.71 -26.99
N VAL B 849 -5.77 2.93 -27.60
CA VAL B 849 -4.48 2.49 -27.06
C VAL B 849 -4.14 3.19 -25.75
N ALA B 850 -4.48 4.48 -25.60
CA ALA B 850 -4.28 5.18 -24.33
C ALA B 850 -5.14 4.59 -23.20
N VAL B 851 -6.36 4.13 -23.51
CA VAL B 851 -7.18 3.38 -22.54
C VAL B 851 -6.47 2.08 -22.13
N LEU B 852 -5.95 1.29 -23.08
CA LEU B 852 -5.15 0.11 -22.77
C LEU B 852 -3.94 0.44 -21.89
N ALA B 853 -3.17 1.48 -22.25
CA ALA B 853 -2.02 1.93 -21.48
C ALA B 853 -2.40 2.34 -20.05
N THR B 854 -3.57 2.97 -19.89
CA THR B 854 -4.12 3.32 -18.58
C THR B 854 -4.49 2.09 -17.75
N GLN B 855 -5.06 1.06 -18.38
CA GLN B 855 -5.41 -0.20 -17.71
C GLN B 855 -4.18 -1.04 -17.32
N LEU B 856 -3.09 -0.94 -18.07
CA LEU B 856 -1.81 -1.60 -17.78
C LEU B 856 -0.89 -0.80 -16.82
N GLY B 857 -1.24 0.45 -16.49
CA GLY B 857 -0.42 1.29 -15.61
C GLY B 857 0.74 2.05 -16.30
N MET B 858 0.79 2.07 -17.63
CA MET B 858 1.78 2.83 -18.42
C MET B 858 1.35 4.30 -18.53
N LEU B 859 1.38 5.04 -17.42
CA LEU B 859 0.81 6.38 -17.34
C LEU B 859 1.52 7.40 -18.25
N GLU B 860 2.84 7.29 -18.42
CA GLU B 860 3.60 8.19 -19.31
C GLU B 860 3.23 7.99 -20.78
N ASP B 861 3.12 6.74 -21.23
CA ASP B 861 2.67 6.43 -22.59
C ASP B 861 1.20 6.81 -22.82
N ALA B 862 0.34 6.57 -21.83
CA ALA B 862 -1.04 7.00 -21.89
C ALA B 862 -1.16 8.53 -22.03
N GLU B 863 -0.42 9.29 -21.21
CA GLU B 863 -0.37 10.74 -21.29
C GLU B 863 0.12 11.23 -22.67
N GLN B 864 1.24 10.67 -23.16
CA GLN B 864 1.77 11.00 -24.48
C GLN B 864 0.77 10.69 -25.60
N LEU B 865 0.09 9.54 -25.54
CA LEU B 865 -0.94 9.18 -26.52
C LEU B 865 -2.11 10.17 -26.46
N TYR B 866 -2.68 10.47 -25.29
CA TYR B 866 -3.76 11.45 -25.19
C TYR B 866 -3.37 12.83 -25.74
N ARG B 867 -2.15 13.30 -25.42
CA ARG B 867 -1.59 14.53 -26.00
C ARG B 867 -1.49 14.46 -27.53
N LYS B 868 -1.02 13.34 -28.09
CA LYS B 868 -0.95 13.10 -29.54
C LYS B 868 -2.33 13.10 -30.21
N CYS B 869 -3.37 12.55 -29.56
CA CYS B 869 -4.75 12.62 -30.07
C CYS B 869 -5.38 14.04 -29.99
N LYS B 870 -4.79 14.98 -29.22
CA LYS B 870 -5.36 16.31 -28.88
C LYS B 870 -6.72 16.27 -28.14
N ARG B 871 -7.09 15.12 -27.58
CA ARG B 871 -8.31 14.92 -26.79
C ARG B 871 -8.09 15.30 -25.32
N HIS B 872 -8.06 16.60 -25.08
CA HIS B 872 -7.82 17.17 -23.75
C HIS B 872 -8.91 16.81 -22.72
N ASP B 873 -10.10 16.42 -23.18
CA ASP B 873 -11.17 15.87 -22.34
C ASP B 873 -10.77 14.53 -21.68
N LEU B 874 -10.30 13.55 -22.46
CA LEU B 874 -9.83 12.28 -21.89
C LEU B 874 -8.55 12.47 -21.07
N LEU B 875 -7.66 13.39 -21.46
CA LEU B 875 -6.49 13.75 -20.67
C LEU B 875 -6.87 14.34 -19.30
N ASN B 876 -7.90 15.20 -19.26
CA ASN B 876 -8.42 15.77 -18.03
C ASN B 876 -8.99 14.68 -17.12
N LYS B 877 -9.87 13.80 -17.64
CA LYS B 877 -10.39 12.63 -16.91
C LYS B 877 -9.26 11.74 -16.38
N PHE B 878 -8.25 11.50 -17.20
CA PHE B 878 -7.05 10.78 -16.81
C PHE B 878 -6.29 11.45 -15.65
N TYR B 879 -6.02 12.76 -15.72
CA TYR B 879 -5.37 13.50 -14.64
C TYR B 879 -6.18 13.52 -13.34
N GLN B 880 -7.51 13.64 -13.41
CA GLN B 880 -8.37 13.48 -12.23
C GLN B 880 -8.22 12.07 -11.64
N ALA B 881 -8.28 11.03 -12.47
CA ALA B 881 -8.13 9.65 -12.04
C ALA B 881 -6.74 9.32 -11.47
N ALA B 882 -5.70 10.00 -11.97
CA ALA B 882 -4.34 9.96 -11.43
C ALA B 882 -4.15 10.79 -10.14
N GLY B 883 -5.14 11.58 -9.73
CA GLY B 883 -5.05 12.48 -8.57
C GLY B 883 -4.23 13.76 -8.81
N ARG B 884 -3.84 14.04 -10.06
CA ARG B 884 -3.03 15.21 -10.46
C ARG B 884 -3.92 16.43 -10.72
N TRP B 885 -4.73 16.81 -9.74
CA TRP B 885 -5.77 17.84 -9.90
C TRP B 885 -5.23 19.16 -10.44
N GLN B 886 -4.04 19.62 -10.02
CA GLN B 886 -3.45 20.86 -10.52
C GLN B 886 -3.23 20.83 -12.05
N GLU B 887 -2.70 19.72 -12.58
CA GLU B 887 -2.55 19.56 -14.03
C GLU B 887 -3.90 19.40 -14.73
N ALA B 888 -4.86 18.72 -14.10
CA ALA B 888 -6.22 18.63 -14.61
C ALA B 888 -6.86 20.02 -14.76
N LEU B 889 -6.73 20.88 -13.74
CA LEU B 889 -7.19 22.27 -13.79
C LEU B 889 -6.45 23.09 -14.84
N GLN B 890 -5.12 22.96 -14.95
CA GLN B 890 -4.36 23.66 -15.98
C GLN B 890 -4.82 23.29 -17.39
N VAL B 891 -5.00 22.00 -17.68
CA VAL B 891 -5.54 21.54 -18.96
C VAL B 891 -6.97 22.06 -19.19
N ALA B 892 -7.82 22.02 -18.17
CA ALA B 892 -9.17 22.56 -18.25
C ALA B 892 -9.19 24.08 -18.51
N GLU B 893 -8.31 24.86 -17.89
CA GLU B 893 -8.26 26.31 -18.08
C GLU B 893 -7.74 26.73 -19.46
N HIS B 894 -6.84 25.95 -20.06
CA HIS B 894 -6.20 26.31 -21.34
C HIS B 894 -6.82 25.62 -22.57
N HIS B 895 -7.32 24.38 -22.46
CA HIS B 895 -7.75 23.56 -23.60
C HIS B 895 -9.15 22.94 -23.47
N ASP B 896 -9.66 22.76 -22.25
CA ASP B 896 -10.95 22.08 -22.00
C ASP B 896 -11.87 22.91 -21.10
N ARG B 897 -12.12 24.16 -21.51
CA ARG B 897 -12.87 25.17 -20.75
C ARG B 897 -14.29 24.71 -20.43
N VAL B 898 -14.89 23.89 -21.29
CA VAL B 898 -16.24 23.31 -21.12
C VAL B 898 -16.37 22.48 -19.84
N HIS B 899 -15.33 21.73 -19.46
CA HIS B 899 -15.33 20.91 -18.25
C HIS B 899 -14.81 21.63 -17.00
N LEU B 900 -14.31 22.86 -17.10
CA LEU B 900 -13.63 23.54 -15.99
C LEU B 900 -14.45 23.61 -14.69
N ARG B 901 -15.75 23.88 -14.81
CA ARG B 901 -16.63 23.88 -13.64
C ARG B 901 -16.81 22.49 -13.03
N SER B 902 -17.03 21.48 -13.86
CA SER B 902 -17.12 20.09 -13.42
C SER B 902 -15.85 19.61 -12.72
N THR B 903 -14.67 20.00 -13.24
CA THR B 903 -13.40 19.69 -12.59
C THR B 903 -13.24 20.39 -11.26
N TYR B 904 -13.61 21.68 -11.17
CA TYR B 904 -13.61 22.37 -9.89
C TYR B 904 -14.55 21.71 -8.88
N HIS B 905 -15.73 21.28 -9.31
CA HIS B 905 -16.69 20.56 -8.47
C HIS B 905 -16.14 19.22 -7.96
N ARG B 906 -15.59 18.39 -8.86
CA ARG B 906 -14.97 17.10 -8.51
C ARG B 906 -13.78 17.30 -7.55
N TYR B 907 -12.92 18.29 -7.82
CA TYR B 907 -11.81 18.61 -6.93
C TYR B 907 -12.30 19.10 -5.56
N ALA B 908 -13.35 19.93 -5.53
CA ALA B 908 -13.96 20.34 -4.27
C ALA B 908 -14.53 19.15 -3.47
N GLY B 909 -15.15 18.18 -4.15
CA GLY B 909 -15.59 16.92 -3.54
C GLY B 909 -14.42 16.11 -2.97
N HIS B 910 -13.31 16.01 -3.71
CA HIS B 910 -12.07 15.36 -3.26
C HIS B 910 -11.43 16.08 -2.04
N LEU B 911 -11.41 17.41 -2.04
CA LEU B 911 -10.95 18.23 -0.92
C LEU B 911 -11.86 18.08 0.31
N GLU B 912 -13.19 18.06 0.11
CA GLU B 912 -14.16 17.78 1.17
C GLU B 912 -13.93 16.40 1.79
N ALA B 913 -13.72 15.37 0.96
CA ALA B 913 -13.38 14.03 1.43
C ALA B 913 -12.03 13.97 2.18
N SER B 914 -11.08 14.84 1.80
CA SER B 914 -9.80 15.04 2.51
C SER B 914 -9.91 15.96 3.75
N ALA B 915 -11.12 16.30 4.20
CA ALA B 915 -11.42 17.19 5.33
C ALA B 915 -10.90 18.63 5.22
N ASP B 916 -10.48 19.09 4.03
CA ASP B 916 -9.99 20.46 3.82
C ASP B 916 -11.13 21.38 3.33
N CYS B 917 -12.06 21.68 4.24
CA CYS B 917 -13.25 22.47 3.94
C CYS B 917 -12.91 23.85 3.39
N SER B 918 -11.88 24.53 3.92
CA SER B 918 -11.52 25.90 3.52
C SER B 918 -11.17 26.03 2.03
N ARG B 919 -10.37 25.09 1.49
CA ARG B 919 -10.11 25.02 0.05
C ARG B 919 -11.34 24.52 -0.71
N ALA B 920 -12.06 23.52 -0.18
CA ALA B 920 -13.28 23.03 -0.83
C ALA B 920 -14.31 24.15 -1.08
N LEU B 921 -14.50 25.06 -0.11
CA LEU B 921 -15.35 26.25 -0.27
C LEU B 921 -14.95 27.07 -1.49
N SER B 922 -13.66 27.42 -1.60
CA SER B 922 -13.15 28.24 -2.71
C SER B 922 -13.42 27.59 -4.08
N TYR B 923 -13.25 26.27 -4.20
CA TYR B 923 -13.49 25.59 -5.46
C TYR B 923 -14.97 25.32 -5.74
N TYR B 924 -15.80 25.10 -4.71
CA TYR B 924 -17.25 25.10 -4.89
C TYR B 924 -17.74 26.47 -5.39
N GLU B 925 -17.18 27.57 -4.88
CA GLU B 925 -17.45 28.92 -5.38
C GLU B 925 -17.02 29.10 -6.84
N LYS B 926 -15.79 28.71 -7.20
CA LYS B 926 -15.31 28.76 -8.59
C LYS B 926 -16.16 27.92 -9.55
N SER B 927 -16.69 26.80 -9.08
CA SER B 927 -17.63 25.97 -9.83
C SER B 927 -19.08 26.49 -9.87
N ASP B 928 -19.40 27.54 -9.11
CA ASP B 928 -20.74 28.11 -8.96
C ASP B 928 -21.79 27.15 -8.35
N THR B 929 -21.34 26.12 -7.63
CA THR B 929 -22.21 25.10 -6.98
C THR B 929 -22.37 25.31 -5.46
N HIS B 930 -21.75 26.35 -4.91
CA HIS B 930 -21.78 26.68 -3.47
C HIS B 930 -23.20 26.84 -2.93
N ARG B 931 -24.13 27.33 -3.75
CA ARG B 931 -25.55 27.55 -3.44
C ARG B 931 -26.31 26.32 -2.91
N PHE B 932 -25.77 25.13 -3.10
CA PHE B 932 -26.32 23.88 -2.55
C PHE B 932 -25.24 22.99 -1.91
N GLU B 933 -24.04 22.90 -2.48
CA GLU B 933 -22.97 22.08 -1.91
C GLU B 933 -22.44 22.60 -0.57
N VAL B 934 -22.39 23.91 -0.35
CA VAL B 934 -21.89 24.49 0.90
C VAL B 934 -22.87 24.30 2.06
N PRO B 935 -24.18 24.64 1.93
CA PRO B 935 -25.16 24.34 2.97
C PRO B 935 -25.26 22.86 3.32
N ARG B 936 -25.04 21.97 2.34
CA ARG B 936 -24.90 20.53 2.57
C ARG B 936 -23.67 20.22 3.43
N MET B 937 -22.47 20.61 2.98
CA MET B 937 -21.19 20.31 3.64
C MET B 937 -21.13 20.86 5.08
N LEU B 938 -21.63 22.08 5.31
CA LEU B 938 -21.65 22.74 6.61
C LEU B 938 -22.96 22.53 7.41
N SER B 939 -23.85 21.62 6.98
CA SER B 939 -25.08 21.32 7.73
C SER B 939 -24.84 20.79 9.15
N GLU B 940 -23.67 20.21 9.42
CA GLU B 940 -23.20 19.76 10.74
C GLU B 940 -22.52 20.88 11.57
N ASP B 941 -22.28 22.06 11.01
CA ASP B 941 -21.58 23.18 11.65
C ASP B 941 -22.28 24.52 11.37
N LEU B 942 -23.50 24.67 11.92
CA LEU B 942 -24.37 25.81 11.68
C LEU B 942 -23.72 27.20 11.97
N PRO B 943 -22.84 27.38 12.99
CA PRO B 943 -22.14 28.65 13.16
C PRO B 943 -21.26 29.04 11.96
N SER B 944 -20.51 28.09 11.39
CA SER B 944 -19.71 28.35 10.19
C SER B 944 -20.58 28.64 8.98
N LEU B 945 -21.73 27.96 8.84
CA LEU B 945 -22.68 28.25 7.77
C LEU B 945 -23.29 29.65 7.90
N GLU B 946 -23.68 30.07 9.10
CA GLU B 946 -24.17 31.43 9.35
C GLU B 946 -23.13 32.50 9.00
N LEU B 947 -21.87 32.31 9.44
CA LEU B 947 -20.75 33.18 9.08
C LEU B 947 -20.55 33.22 7.56
N TYR B 948 -20.61 32.08 6.88
CA TYR B 948 -20.46 32.01 5.44
C TYR B 948 -21.59 32.73 4.68
N VAL B 949 -22.84 32.50 5.08
CA VAL B 949 -24.01 33.18 4.49
C VAL B 949 -23.88 34.70 4.65
N ASN B 950 -23.51 35.17 5.83
CA ASN B 950 -23.26 36.59 6.08
C ASN B 950 -22.05 37.15 5.32
N LYS B 951 -21.04 36.33 5.02
CA LYS B 951 -19.86 36.72 4.22
C LYS B 951 -20.19 36.88 2.72
N MET B 952 -20.92 35.92 2.14
CA MET B 952 -21.24 35.92 0.70
C MET B 952 -22.32 36.94 0.31
N LYS B 953 -23.27 37.25 1.22
CA LYS B 953 -24.37 38.21 1.00
C LYS B 953 -25.21 37.92 -0.26
N ASP B 954 -25.40 36.64 -0.56
CA ASP B 954 -26.10 36.18 -1.76
C ASP B 954 -27.59 35.94 -1.46
N LYS B 955 -28.49 36.52 -2.28
CA LYS B 955 -29.94 36.42 -2.13
C LYS B 955 -30.43 34.98 -1.97
N THR B 956 -29.90 34.05 -2.74
CA THR B 956 -30.30 32.62 -2.70
C THR B 956 -29.84 31.93 -1.41
N LEU B 957 -28.66 32.27 -0.89
CA LEU B 957 -28.19 31.74 0.39
C LEU B 957 -28.96 32.37 1.56
N TRP B 958 -29.26 33.66 1.51
CA TRP B 958 -30.14 34.30 2.48
C TRP B 958 -31.54 33.69 2.48
N ARG B 959 -32.10 33.40 1.30
CA ARG B 959 -33.35 32.66 1.18
C ARG B 959 -33.26 31.26 1.78
N TRP B 960 -32.20 30.50 1.48
CA TRP B 960 -31.98 29.16 2.04
C TRP B 960 -31.87 29.18 3.57
N TRP B 961 -31.08 30.12 4.11
CA TRP B 961 -30.92 30.28 5.55
C TRP B 961 -32.21 30.77 6.23
N ALA B 962 -32.96 31.67 5.60
CA ALA B 962 -34.27 32.06 6.06
C ALA B 962 -35.25 30.87 6.09
N GLN B 963 -35.26 30.03 5.06
CA GLN B 963 -36.07 28.80 5.01
C GLN B 963 -35.65 27.80 6.09
N TYR B 964 -34.34 27.66 6.37
CA TYR B 964 -33.87 26.88 7.51
C TYR B 964 -34.41 27.46 8.82
N LEU B 965 -34.21 28.75 9.10
CA LEU B 965 -34.75 29.37 10.31
C LEU B 965 -36.27 29.22 10.44
N GLU B 966 -37.01 29.37 9.34
CA GLU B 966 -38.45 29.13 9.28
C GLU B 966 -38.82 27.70 9.70
N SER B 967 -38.06 26.70 9.25
CA SER B 967 -38.28 25.30 9.64
C SER B 967 -38.02 25.06 11.14
N GLN B 968 -37.09 25.79 11.73
CA GLN B 968 -36.78 25.75 13.17
C GLN B 968 -37.74 26.61 14.03
N GLY B 969 -38.68 27.33 13.42
CA GLY B 969 -39.65 28.18 14.10
C GLY B 969 -39.14 29.58 14.49
N GLU B 970 -37.93 29.98 14.09
CA GLU B 970 -37.34 31.29 14.44
C GLU B 970 -37.77 32.40 13.45
N MET B 971 -39.07 32.74 13.47
CA MET B 971 -39.71 33.58 12.46
C MET B 971 -39.12 35.01 12.36
N ASP B 972 -38.75 35.64 13.48
CA ASP B 972 -38.21 37.00 13.46
C ASP B 972 -36.86 37.10 12.74
N ALA B 973 -35.95 36.15 12.99
CA ALA B 973 -34.71 36.02 12.25
C ALA B 973 -34.96 35.64 10.78
N ALA B 974 -35.91 34.75 10.50
CA ALA B 974 -36.29 34.43 9.14
C ALA B 974 -36.74 35.67 8.36
N LEU B 975 -37.64 36.49 8.94
CA LEU B 975 -38.08 37.76 8.36
C LEU B 975 -36.90 38.70 8.07
N HIS B 976 -35.96 38.85 9.01
CA HIS B 976 -34.76 39.66 8.78
C HIS B 976 -33.96 39.20 7.54
N TYR B 977 -33.70 37.90 7.41
CA TYR B 977 -32.98 37.39 6.25
C TYR B 977 -33.80 37.42 4.95
N TYR B 978 -35.12 37.21 5.00
CA TYR B 978 -36.00 37.42 3.85
C TYR B 978 -36.03 38.89 3.40
N GLU B 979 -35.95 39.85 4.33
CA GLU B 979 -35.78 41.27 4.01
C GLU B 979 -34.43 41.55 3.33
N LEU B 980 -33.33 41.00 3.84
CA LEU B 980 -32.02 41.09 3.17
C LEU B 980 -32.06 40.50 1.76
N ALA B 981 -32.72 39.35 1.60
CA ALA B 981 -32.94 38.70 0.31
C ALA B 981 -34.00 39.36 -0.61
N ARG B 982 -34.65 40.44 -0.15
CA ARG B 982 -35.73 41.16 -0.84
C ARG B 982 -36.90 40.27 -1.27
N ASP B 983 -37.14 39.16 -0.56
CA ASP B 983 -38.16 38.17 -0.92
C ASP B 983 -39.53 38.52 -0.32
N HIS B 984 -40.16 39.55 -0.88
CA HIS B 984 -41.40 40.13 -0.35
C HIS B 984 -42.57 39.16 -0.29
N PHE B 985 -42.60 38.17 -1.19
CA PHE B 985 -43.54 37.07 -1.13
C PHE B 985 -43.40 36.27 0.17
N SER B 986 -42.20 35.79 0.51
CA SER B 986 -41.98 35.02 1.73
C SER B 986 -42.24 35.85 2.99
N LEU B 987 -41.92 37.15 2.97
CA LEU B 987 -42.29 38.06 4.04
C LEU B 987 -43.81 38.10 4.25
N VAL B 988 -44.58 38.34 3.18
CA VAL B 988 -46.04 38.36 3.26
C VAL B 988 -46.61 37.00 3.67
N ARG B 989 -46.06 35.89 3.16
CA ARG B 989 -46.48 34.53 3.56
C ARG B 989 -46.34 34.32 5.06
N ILE B 990 -45.19 34.71 5.63
CA ILE B 990 -44.93 34.58 7.08
C ILE B 990 -45.84 35.50 7.89
N HIS B 991 -45.98 36.76 7.50
CA HIS B 991 -46.88 37.68 8.20
C HIS B 991 -48.34 37.22 8.17
N CYS B 992 -48.80 36.67 7.04
CA CYS B 992 -50.12 36.04 6.94
C CYS B 992 -50.25 34.80 7.84
N PHE B 993 -49.23 33.95 7.91
CA PHE B 993 -49.21 32.78 8.80
C PHE B 993 -49.25 33.17 10.29
N GLN B 994 -48.58 34.26 10.68
CA GLN B 994 -48.64 34.84 12.02
C GLN B 994 -49.95 35.62 12.31
N GLY B 995 -50.79 35.88 11.31
CA GLY B 995 -52.04 36.64 11.45
C GLY B 995 -51.92 38.17 11.33
N ASN B 996 -50.73 38.70 11.03
CA ASN B 996 -50.47 40.14 10.87
C ASN B 996 -50.80 40.64 9.45
N VAL B 997 -52.04 40.46 9.01
CA VAL B 997 -52.47 40.75 7.63
C VAL B 997 -52.28 42.23 7.25
N GLN B 998 -52.45 43.16 8.19
CA GLN B 998 -52.24 44.59 7.94
C GLN B 998 -50.79 44.92 7.59
N LYS B 999 -49.81 44.33 8.30
CA LYS B 999 -48.39 44.50 7.97
C LYS B 999 -48.02 43.85 6.63
N ALA B 1000 -48.60 42.69 6.34
CA ALA B 1000 -48.51 42.08 5.00
C ALA B 1000 -49.05 43.01 3.90
N ALA B 1001 -50.21 43.63 4.10
CA ALA B 1001 -50.78 44.60 3.18
C ALA B 1001 -49.90 45.85 3.00
N GLN B 1002 -49.31 46.37 4.08
CA GLN B 1002 -48.36 47.47 3.99
C GLN B 1002 -47.13 47.11 3.14
N ILE B 1003 -46.55 45.93 3.36
CA ILE B 1003 -45.42 45.43 2.54
C ILE B 1003 -45.83 45.30 1.07
N ALA B 1004 -46.98 44.68 0.78
CA ALA B 1004 -47.47 44.50 -0.58
C ALA B 1004 -47.75 45.84 -1.29
N ASN B 1005 -48.35 46.81 -0.58
CA ASN B 1005 -48.57 48.16 -1.09
C ASN B 1005 -47.24 48.88 -1.38
N GLU B 1006 -46.31 48.91 -0.44
CA GLU B 1006 -45.05 49.65 -0.56
C GLU B 1006 -44.08 49.06 -1.60
N THR B 1007 -44.02 47.73 -1.72
CA THR B 1007 -43.10 47.05 -2.64
C THR B 1007 -43.66 46.89 -4.05
N GLY B 1008 -44.99 46.82 -4.20
CA GLY B 1008 -45.65 46.60 -5.49
C GLY B 1008 -45.47 45.19 -6.08
N ASN B 1009 -44.91 44.24 -5.31
CA ASN B 1009 -44.60 42.90 -5.79
C ASN B 1009 -45.88 42.12 -6.17
N LEU B 1010 -45.96 41.63 -7.41
CA LEU B 1010 -47.15 40.98 -7.95
C LEU B 1010 -47.46 39.65 -7.22
N ALA B 1011 -46.44 38.84 -6.92
CA ALA B 1011 -46.61 37.57 -6.21
C ALA B 1011 -47.08 37.75 -4.77
N ALA B 1012 -46.49 38.69 -4.03
CA ALA B 1012 -46.94 39.03 -2.69
C ALA B 1012 -48.39 39.54 -2.68
N SER B 1013 -48.73 40.40 -3.64
CA SER B 1013 -50.11 40.90 -3.83
C SER B 1013 -51.10 39.78 -4.13
N TYR B 1014 -50.72 38.85 -5.00
CA TYR B 1014 -51.54 37.68 -5.34
C TYR B 1014 -51.78 36.77 -4.13
N HIS B 1015 -50.74 36.47 -3.34
CA HIS B 1015 -50.87 35.64 -2.13
C HIS B 1015 -51.78 36.30 -1.09
N LEU B 1016 -51.57 37.59 -0.84
CA LEU B 1016 -52.42 38.37 0.04
C LEU B 1016 -53.88 38.41 -0.44
N ALA B 1017 -54.10 38.53 -1.75
CA ALA B 1017 -55.43 38.46 -2.34
C ALA B 1017 -56.10 37.11 -2.07
N ARG B 1018 -55.37 35.99 -2.19
CA ARG B 1018 -55.87 34.65 -1.87
C ARG B 1018 -56.24 34.50 -0.40
N GLN B 1019 -55.44 35.06 0.49
CA GLN B 1019 -55.77 35.08 1.91
C GLN B 1019 -57.04 35.88 2.18
N TYR B 1020 -57.15 37.09 1.63
CA TYR B 1020 -58.37 37.87 1.73
C TYR B 1020 -59.59 37.16 1.13
N GLU B 1021 -59.43 36.45 0.01
CA GLU B 1021 -60.47 35.61 -0.58
C GLU B 1021 -60.92 34.49 0.36
N SER B 1022 -59.96 33.80 0.99
CA SER B 1022 -60.25 32.75 1.98
C SER B 1022 -60.96 33.31 3.23
N GLN B 1023 -60.70 34.57 3.57
CA GLN B 1023 -61.36 35.33 4.65
C GLN B 1023 -62.68 35.99 4.21
N GLU B 1024 -63.09 35.84 2.95
CA GLU B 1024 -64.29 36.46 2.35
C GLU B 1024 -64.30 38.02 2.34
N GLU B 1025 -63.15 38.68 2.47
CA GLU B 1025 -63.03 40.14 2.34
C GLU B 1025 -62.84 40.55 0.87
N VAL B 1026 -63.98 40.62 0.16
CA VAL B 1026 -64.04 40.72 -1.31
C VAL B 1026 -63.32 41.97 -1.85
N GLY B 1027 -63.61 43.16 -1.31
CA GLY B 1027 -63.08 44.42 -1.84
C GLY B 1027 -61.55 44.49 -1.82
N GLN B 1028 -60.95 44.05 -0.71
CA GLN B 1028 -59.50 43.96 -0.57
C GLN B 1028 -58.90 42.87 -1.48
N ALA B 1029 -59.56 41.71 -1.58
CA ALA B 1029 -59.14 40.67 -2.52
C ALA B 1029 -59.13 41.17 -3.98
N VAL B 1030 -60.18 41.85 -4.44
CA VAL B 1030 -60.24 42.45 -5.78
C VAL B 1030 -59.14 43.49 -6.00
N HIS B 1031 -58.93 44.39 -5.03
CA HIS B 1031 -57.85 45.39 -5.09
C HIS B 1031 -56.48 44.72 -5.29
N PHE B 1032 -56.13 43.74 -4.44
CA PHE B 1032 -54.85 43.07 -4.55
C PHE B 1032 -54.72 42.16 -5.77
N TYR B 1033 -55.78 41.50 -6.23
CA TYR B 1033 -55.76 40.78 -7.53
C TYR B 1033 -55.53 41.72 -8.70
N THR B 1034 -56.15 42.90 -8.70
CA THR B 1034 -55.98 43.90 -9.75
C THR B 1034 -54.55 44.43 -9.77
N ARG B 1035 -53.97 44.68 -8.59
CA ARG B 1035 -52.56 45.07 -8.44
C ARG B 1035 -51.59 43.99 -8.91
N ALA B 1036 -51.91 42.73 -8.65
CA ALA B 1036 -51.20 41.57 -9.20
C ALA B 1036 -51.44 41.33 -10.71
N GLN B 1037 -52.26 42.15 -11.38
CA GLN B 1037 -52.68 42.02 -12.79
C GLN B 1037 -53.38 40.69 -13.12
N ALA B 1038 -53.92 40.01 -12.12
CA ALA B 1038 -54.59 38.71 -12.25
C ALA B 1038 -56.11 38.90 -12.50
N PHE B 1039 -56.45 39.56 -13.61
CA PHE B 1039 -57.82 39.99 -13.91
C PHE B 1039 -58.83 38.85 -13.88
N LYS B 1040 -58.45 37.64 -14.31
CA LYS B 1040 -59.34 36.46 -14.30
C LYS B 1040 -59.87 36.12 -12.91
N ASN B 1041 -59.02 36.16 -11.88
CA ASN B 1041 -59.43 35.90 -10.49
C ASN B 1041 -60.29 37.04 -9.94
N ALA B 1042 -59.94 38.29 -10.27
CA ALA B 1042 -60.75 39.43 -9.89
C ALA B 1042 -62.16 39.40 -10.53
N ILE B 1043 -62.25 39.00 -11.80
CA ILE B 1043 -63.51 38.80 -12.54
C ILE B 1043 -64.33 37.69 -11.90
N ARG B 1044 -63.76 36.51 -11.66
CA ARG B 1044 -64.40 35.39 -10.96
C ARG B 1044 -65.01 35.85 -9.63
N LEU B 1045 -64.23 36.57 -8.84
CA LEU B 1045 -64.65 37.06 -7.54
C LEU B 1045 -65.74 38.14 -7.63
N CYS B 1046 -65.64 39.05 -8.59
CA CYS B 1046 -66.68 40.05 -8.85
C CYS B 1046 -68.01 39.41 -9.28
N LYS B 1047 -67.95 38.37 -10.12
CA LYS B 1047 -69.13 37.60 -10.57
C LYS B 1047 -69.85 36.91 -9.41
N GLU B 1048 -69.11 36.23 -8.53
CA GLU B 1048 -69.66 35.48 -7.39
C GLU B 1048 -70.28 36.40 -6.31
N ASN B 1049 -69.87 37.68 -6.25
CA ASN B 1049 -70.37 38.65 -5.25
C ASN B 1049 -71.25 39.77 -5.81
N GLY B 1050 -71.42 39.86 -7.14
CA GLY B 1050 -72.30 40.84 -7.79
C GLY B 1050 -71.71 42.27 -7.92
N LEU B 1051 -70.39 42.41 -7.96
CA LEU B 1051 -69.70 43.70 -8.08
C LEU B 1051 -69.62 44.18 -9.54
N ASP B 1052 -70.76 44.49 -10.14
CA ASP B 1052 -70.91 44.72 -11.58
C ASP B 1052 -70.07 45.88 -12.15
N ASP B 1053 -69.86 46.95 -11.37
CA ASP B 1053 -69.10 48.12 -11.81
C ASP B 1053 -67.59 47.82 -11.84
N GLN B 1054 -67.07 47.16 -10.80
CA GLN B 1054 -65.68 46.70 -10.80
C GLN B 1054 -65.46 45.63 -11.89
N LEU B 1055 -66.40 44.69 -12.06
CA LEU B 1055 -66.36 43.69 -13.13
C LEU B 1055 -66.16 44.34 -14.51
N MET B 1056 -66.87 45.44 -14.81
CA MET B 1056 -66.74 46.13 -16.09
C MET B 1056 -65.34 46.71 -16.30
N ASN B 1057 -64.84 47.47 -15.31
CA ASN B 1057 -63.50 48.06 -15.37
C ASN B 1057 -62.41 46.99 -15.51
N LEU B 1058 -62.51 45.90 -14.73
CA LEU B 1058 -61.57 44.78 -14.81
C LEU B 1058 -61.62 44.07 -16.17
N ALA B 1059 -62.82 43.81 -16.69
CA ALA B 1059 -63.00 43.19 -18.00
C ALA B 1059 -62.32 44.03 -19.09
N LEU B 1060 -62.53 45.35 -19.11
CA LEU B 1060 -61.91 46.24 -20.10
C LEU B 1060 -60.37 46.27 -20.04
N LEU B 1061 -59.76 45.95 -18.89
CA LEU B 1061 -58.30 45.84 -18.73
C LEU B 1061 -57.76 44.45 -19.14
N SER B 1062 -58.61 43.43 -19.13
CA SER B 1062 -58.26 42.02 -19.32
C SER B 1062 -58.20 41.56 -20.79
N SER B 1063 -58.07 40.25 -21.03
CA SER B 1063 -58.03 39.65 -22.38
C SER B 1063 -59.42 39.62 -23.05
N PRO B 1064 -59.52 39.53 -24.40
CA PRO B 1064 -60.81 39.45 -25.10
C PRO B 1064 -61.70 38.28 -24.64
N GLU B 1065 -61.10 37.15 -24.25
CA GLU B 1065 -61.84 35.99 -23.70
C GLU B 1065 -62.50 36.32 -22.35
N ASP B 1066 -61.81 37.03 -21.47
CA ASP B 1066 -62.38 37.51 -20.21
C ASP B 1066 -63.46 38.58 -20.45
N MET B 1067 -63.31 39.45 -21.47
CA MET B 1067 -64.38 40.36 -21.88
C MET B 1067 -65.64 39.61 -22.33
N ILE B 1068 -65.49 38.57 -23.15
CA ILE B 1068 -66.61 37.72 -23.60
C ILE B 1068 -67.31 37.05 -22.41
N GLU B 1069 -66.56 36.50 -21.46
CA GLU B 1069 -67.12 35.88 -20.27
C GLU B 1069 -67.88 36.89 -19.39
N ALA B 1070 -67.33 38.09 -19.17
CA ALA B 1070 -68.04 39.15 -18.48
C ALA B 1070 -69.29 39.62 -19.26
N ALA B 1071 -69.25 39.66 -20.60
CA ALA B 1071 -70.42 39.94 -21.43
C ALA B 1071 -71.53 38.89 -21.25
N ARG B 1072 -71.18 37.60 -21.19
CA ARG B 1072 -72.12 36.50 -20.89
C ARG B 1072 -72.72 36.62 -19.49
N TYR B 1073 -71.93 37.04 -18.49
CA TYR B 1073 -72.46 37.29 -17.15
C TYR B 1073 -73.52 38.40 -17.14
N TYR B 1074 -73.27 39.51 -17.84
CA TYR B 1074 -74.26 40.58 -18.02
C TYR B 1074 -75.49 40.14 -18.84
N GLU B 1075 -75.34 39.29 -19.85
CA GLU B 1075 -76.48 38.65 -20.52
C GLU B 1075 -77.32 37.81 -19.55
N GLU B 1076 -76.68 37.00 -18.70
CA GLU B 1076 -77.36 36.11 -17.76
C GLU B 1076 -78.14 36.88 -16.69
N LYS B 1077 -77.63 38.04 -16.25
CA LYS B 1077 -78.38 38.98 -15.39
C LYS B 1077 -79.50 39.71 -16.11
N GLY B 1078 -79.25 40.20 -17.32
CA GLY B 1078 -80.24 40.92 -18.15
C GLY B 1078 -80.39 42.44 -17.85
N VAL B 1079 -79.84 42.94 -16.75
CA VAL B 1079 -80.03 44.35 -16.29
C VAL B 1079 -79.17 45.36 -17.06
N GLN B 1080 -77.94 44.98 -17.46
CA GLN B 1080 -76.92 45.89 -18.03
C GLN B 1080 -76.52 45.43 -19.44
N MET B 1081 -77.48 45.37 -20.37
CA MET B 1081 -77.27 44.65 -21.64
C MET B 1081 -76.41 45.50 -22.61
N ASP B 1082 -76.31 46.81 -22.35
CA ASP B 1082 -75.33 47.74 -22.92
C ASP B 1082 -73.88 47.35 -22.59
N ARG B 1083 -73.58 46.97 -21.35
CA ARG B 1083 -72.25 46.47 -20.97
C ARG B 1083 -71.90 45.18 -21.71
N ALA B 1084 -72.86 44.27 -21.89
CA ALA B 1084 -72.66 43.09 -22.72
C ALA B 1084 -72.33 43.45 -24.18
N VAL B 1085 -73.10 44.34 -24.82
CA VAL B 1085 -72.80 44.84 -26.18
C VAL B 1085 -71.41 45.46 -26.25
N MET B 1086 -71.06 46.35 -25.32
CA MET B 1086 -69.76 47.02 -25.30
C MET B 1086 -68.60 46.03 -25.13
N LEU B 1087 -68.72 45.04 -24.25
CA LEU B 1087 -67.68 44.03 -24.08
C LEU B 1087 -67.57 43.08 -25.28
N TYR B 1088 -68.67 42.64 -25.89
CA TYR B 1088 -68.61 41.89 -27.15
C TYR B 1088 -68.00 42.70 -28.30
N HIS B 1089 -68.34 43.99 -28.39
CA HIS B 1089 -67.75 44.92 -29.36
C HIS B 1089 -66.24 45.07 -29.17
N LYS B 1090 -65.78 45.34 -27.94
CA LYS B 1090 -64.35 45.50 -27.62
C LYS B 1090 -63.55 44.19 -27.67
N ALA B 1091 -64.20 43.05 -27.48
CA ALA B 1091 -63.64 41.72 -27.77
C ALA B 1091 -63.57 41.38 -29.28
N GLY B 1092 -64.23 42.16 -30.15
CA GLY B 1092 -64.24 41.96 -31.60
C GLY B 1092 -65.27 40.94 -32.12
N HIS B 1093 -66.18 40.45 -31.27
CA HIS B 1093 -67.27 39.55 -31.68
C HIS B 1093 -68.47 40.38 -32.20
N PHE B 1094 -68.31 40.97 -33.39
CA PHE B 1094 -69.28 41.90 -33.95
C PHE B 1094 -70.67 41.28 -34.18
N SER B 1095 -70.75 40.01 -34.61
CA SER B 1095 -72.02 39.31 -34.86
C SER B 1095 -72.92 39.31 -33.61
N LYS B 1096 -72.42 38.80 -32.48
CA LYS B 1096 -73.15 38.75 -31.21
C LYS B 1096 -73.42 40.14 -30.63
N ALA B 1097 -72.47 41.07 -30.78
CA ALA B 1097 -72.68 42.47 -30.40
C ALA B 1097 -73.85 43.12 -31.16
N LEU B 1098 -73.91 42.95 -32.49
CA LEU B 1098 -75.00 43.44 -33.34
C LEU B 1098 -76.34 42.77 -32.97
N GLU B 1099 -76.36 41.45 -32.79
CA GLU B 1099 -77.60 40.72 -32.43
C GLU B 1099 -78.19 41.23 -31.11
N LEU B 1100 -77.35 41.40 -30.08
CA LEU B 1100 -77.74 42.02 -28.82
C LEU B 1100 -78.17 43.48 -29.00
N ALA B 1101 -77.46 44.26 -29.81
CA ALA B 1101 -77.77 45.66 -30.06
C ALA B 1101 -79.12 45.83 -30.81
N PHE B 1102 -79.46 44.94 -31.75
CA PHE B 1102 -80.78 44.84 -32.36
C PHE B 1102 -81.85 44.43 -31.33
N ALA B 1103 -81.61 43.37 -30.56
CA ALA B 1103 -82.57 42.88 -29.56
C ALA B 1103 -82.89 43.92 -28.46
N THR B 1104 -81.93 44.78 -28.11
CA THR B 1104 -82.08 45.85 -27.11
C THR B 1104 -82.39 47.23 -27.70
N GLN B 1105 -82.48 47.36 -29.03
CA GLN B 1105 -82.75 48.61 -29.76
C GLN B 1105 -81.74 49.76 -29.47
N GLN B 1106 -80.49 49.43 -29.14
CA GLN B 1106 -79.45 50.42 -28.81
C GLN B 1106 -78.80 51.05 -30.05
N PHE B 1107 -79.41 52.10 -30.60
CA PHE B 1107 -78.98 52.72 -31.88
C PHE B 1107 -77.55 53.27 -31.87
N VAL B 1108 -77.11 53.87 -30.77
CA VAL B 1108 -75.77 54.46 -30.62
C VAL B 1108 -74.68 53.39 -30.70
N ALA B 1109 -74.89 52.25 -30.03
CA ALA B 1109 -73.96 51.11 -30.07
C ALA B 1109 -73.86 50.51 -31.47
N LEU B 1110 -74.98 50.37 -32.20
CA LEU B 1110 -74.98 49.90 -33.59
C LEU B 1110 -74.12 50.79 -34.49
N GLN B 1111 -74.25 52.12 -34.35
CA GLN B 1111 -73.46 53.06 -35.14
C GLN B 1111 -71.95 52.93 -34.87
N LEU B 1112 -71.54 52.81 -33.60
CA LEU B 1112 -70.13 52.57 -33.24
C LEU B 1112 -69.61 51.22 -33.74
N ILE B 1113 -70.39 50.14 -33.64
CA ILE B 1113 -69.99 48.83 -34.18
C ILE B 1113 -69.80 48.92 -35.70
N ALA B 1114 -70.77 49.52 -36.40
CA ALA B 1114 -70.73 49.66 -37.85
C ALA B 1114 -69.50 50.43 -38.35
N GLU B 1115 -69.06 51.47 -37.63
CA GLU B 1115 -67.84 52.22 -37.95
C GLU B 1115 -66.56 51.36 -37.90
N ASP B 1116 -66.57 50.23 -37.20
CA ASP B 1116 -65.44 49.29 -37.11
C ASP B 1116 -65.56 48.07 -38.04
N LEU B 1117 -66.65 47.93 -38.81
CA LEU B 1117 -66.80 46.85 -39.78
C LEU B 1117 -66.01 47.14 -41.09
N ASP B 1118 -64.90 46.42 -41.28
CA ASP B 1118 -64.05 46.47 -42.49
C ASP B 1118 -64.36 45.32 -43.47
N GLU B 1119 -63.73 45.31 -44.65
CA GLU B 1119 -63.94 44.29 -45.70
C GLU B 1119 -63.60 42.85 -45.27
N THR B 1120 -62.86 42.65 -44.17
CA THR B 1120 -62.63 41.31 -43.58
C THR B 1120 -63.85 40.75 -42.84
N SER B 1121 -64.87 41.57 -42.55
CA SER B 1121 -66.10 41.20 -41.83
C SER B 1121 -67.07 40.41 -42.72
N ASP B 1122 -67.97 39.63 -42.12
CA ASP B 1122 -68.88 38.76 -42.87
C ASP B 1122 -69.87 39.56 -43.75
N PRO B 1123 -70.04 39.21 -45.05
CA PRO B 1123 -70.95 39.91 -45.97
C PRO B 1123 -72.40 40.00 -45.48
N ALA B 1124 -72.91 38.96 -44.81
CA ALA B 1124 -74.26 38.95 -44.24
C ALA B 1124 -74.47 40.01 -43.14
N LEU B 1125 -73.47 40.20 -42.25
CA LEU B 1125 -73.51 41.24 -41.21
C LEU B 1125 -73.50 42.64 -41.83
N LEU B 1126 -72.64 42.87 -42.83
CA LEU B 1126 -72.58 44.13 -43.58
C LEU B 1126 -73.92 44.44 -44.27
N ALA B 1127 -74.57 43.44 -44.88
CA ALA B 1127 -75.89 43.60 -45.48
C ALA B 1127 -76.96 43.97 -44.44
N ARG B 1128 -77.02 43.27 -43.30
CA ARG B 1128 -77.96 43.60 -42.22
C ARG B 1128 -77.76 45.02 -41.69
N CYS B 1129 -76.51 45.43 -41.49
CA CYS B 1129 -76.19 46.81 -41.10
C CYS B 1129 -76.61 47.80 -42.19
N SER B 1130 -76.38 47.51 -43.46
CA SER B 1130 -76.79 48.41 -44.55
C SER B 1130 -78.32 48.60 -44.59
N ASP B 1131 -79.12 47.54 -44.40
CA ASP B 1131 -80.57 47.63 -44.32
C ASP B 1131 -81.02 48.50 -43.14
N PHE B 1132 -80.36 48.37 -41.98
CA PHE B 1132 -80.59 49.24 -40.83
C PHE B 1132 -80.28 50.72 -41.16
N PHE B 1133 -79.15 51.03 -41.80
CA PHE B 1133 -78.85 52.41 -42.21
C PHE B 1133 -79.76 52.94 -43.33
N ILE B 1134 -80.27 52.07 -44.21
CA ILE B 1134 -81.31 52.43 -45.18
C ILE B 1134 -82.61 52.81 -44.46
N GLU B 1135 -83.03 52.04 -43.46
CA GLU B 1135 -84.22 52.36 -42.65
C GLU B 1135 -84.08 53.66 -41.85
N HIS B 1136 -82.87 54.04 -41.42
CA HIS B 1136 -82.59 55.29 -40.71
C HIS B 1136 -81.98 56.43 -41.59
N SER B 1137 -82.17 56.38 -42.90
CA SER B 1137 -81.83 57.47 -43.85
C SER B 1137 -80.33 57.82 -43.96
N GLN B 1138 -79.41 56.99 -43.46
CA GLN B 1138 -77.95 57.22 -43.53
C GLN B 1138 -77.34 56.54 -44.77
N TYR B 1139 -77.75 57.00 -45.95
CA TYR B 1139 -77.45 56.34 -47.22
C TYR B 1139 -75.95 56.23 -47.54
N GLU B 1140 -75.14 57.22 -47.19
CA GLU B 1140 -73.69 57.21 -47.45
C GLU B 1140 -72.99 56.02 -46.74
N ARG B 1141 -73.29 55.83 -45.45
CA ARG B 1141 -72.80 54.69 -44.67
C ARG B 1141 -73.37 53.35 -45.16
N ALA B 1142 -74.64 53.33 -45.56
CA ALA B 1142 -75.23 52.13 -46.15
C ALA B 1142 -74.50 51.71 -47.44
N VAL B 1143 -74.14 52.67 -48.32
CA VAL B 1143 -73.33 52.39 -49.52
C VAL B 1143 -71.96 51.84 -49.14
N GLU B 1144 -71.21 52.47 -48.23
CA GLU B 1144 -69.91 51.97 -47.80
C GLU B 1144 -69.95 50.51 -47.30
N LEU B 1145 -70.96 50.16 -46.50
CA LEU B 1145 -71.16 48.78 -46.03
C LEU B 1145 -71.57 47.83 -47.15
N LEU B 1146 -72.40 48.25 -48.11
CA LEU B 1146 -72.74 47.44 -49.29
C LEU B 1146 -71.51 47.17 -50.17
N LEU B 1147 -70.63 48.16 -50.35
CA LEU B 1147 -69.36 48.00 -51.05
C LEU B 1147 -68.42 47.02 -50.32
N ALA B 1148 -68.30 47.14 -49.00
CA ALA B 1148 -67.57 46.16 -48.19
C ALA B 1148 -68.21 44.75 -48.27
N LYS C 802 -10.59 56.75 -62.31
CA LYS C 802 -10.39 55.33 -61.91
C LYS C 802 -8.93 54.85 -61.99
N ALA C 803 -8.10 55.56 -62.75
CA ALA C 803 -6.64 55.36 -62.83
C ALA C 803 -5.88 55.83 -61.58
N GLU C 804 -6.45 56.72 -60.76
CA GLU C 804 -5.83 57.35 -59.60
C GLU C 804 -5.97 56.47 -58.33
N ARG C 805 -5.48 55.23 -58.40
CA ARG C 805 -5.62 54.21 -57.35
C ARG C 805 -5.12 54.65 -55.98
N GLU C 806 -3.97 55.32 -55.89
CA GLU C 806 -3.43 55.77 -54.60
C GLU C 806 -4.34 56.81 -53.91
N PRO C 807 -4.75 57.91 -54.58
CA PRO C 807 -5.79 58.80 -54.06
C PRO C 807 -7.12 58.10 -53.72
N LEU C 808 -7.62 57.19 -54.56
CA LEU C 808 -8.88 56.47 -54.31
C LEU C 808 -8.80 55.53 -53.10
N LEU C 809 -7.72 54.77 -52.97
CA LEU C 809 -7.47 53.92 -51.80
C LEU C 809 -7.26 54.75 -50.53
N LEU C 810 -6.61 55.92 -50.64
CA LEU C 810 -6.49 56.84 -49.52
C LEU C 810 -7.87 57.40 -49.09
N CYS C 811 -8.74 57.74 -50.05
CA CYS C 811 -10.14 58.08 -49.75
C CYS C 811 -10.87 56.90 -49.10
N ALA C 812 -10.79 55.68 -49.64
CA ALA C 812 -11.42 54.50 -49.07
C ALA C 812 -10.97 54.22 -47.62
N THR C 813 -9.66 54.28 -47.36
CA THR C 813 -9.09 54.08 -46.02
C THR C 813 -9.45 55.23 -45.06
N TYR C 814 -9.50 56.49 -45.49
CA TYR C 814 -10.06 57.55 -44.65
C TYR C 814 -11.56 57.37 -44.39
N LEU C 815 -12.37 56.95 -45.37
CA LEU C 815 -13.80 56.67 -45.16
C LEU C 815 -14.01 55.52 -44.15
N LYS C 816 -13.16 54.50 -44.18
CA LYS C 816 -13.10 53.43 -43.16
C LYS C 816 -12.71 54.00 -41.78
N LYS C 817 -11.64 54.80 -41.70
CA LYS C 817 -11.13 55.42 -40.46
C LYS C 817 -12.13 56.41 -39.82
N LEU C 818 -12.94 57.07 -40.65
CA LEU C 818 -14.05 57.96 -40.29
C LEU C 818 -15.40 57.24 -40.13
N ASP C 819 -15.38 55.93 -39.83
CA ASP C 819 -16.57 55.11 -39.53
C ASP C 819 -17.72 55.28 -40.54
N SER C 820 -17.37 55.34 -41.83
CA SER C 820 -18.29 55.53 -42.96
C SER C 820 -18.25 54.32 -43.91
N PRO C 821 -18.51 53.09 -43.42
CA PRO C 821 -18.29 51.87 -44.19
C PRO C 821 -19.13 51.78 -45.46
N GLY C 822 -20.31 52.39 -45.54
CA GLY C 822 -21.11 52.38 -46.78
C GLY C 822 -20.43 53.06 -47.98
N TYR C 823 -19.73 54.17 -47.75
CA TYR C 823 -18.99 54.90 -48.79
C TYR C 823 -17.59 54.33 -49.04
N ALA C 824 -16.93 53.79 -48.00
CA ALA C 824 -15.75 52.96 -48.19
C ALA C 824 -16.10 51.73 -49.07
N ALA C 825 -17.19 51.04 -48.76
CA ALA C 825 -17.73 49.92 -49.54
C ALA C 825 -18.04 50.30 -50.99
N GLU C 826 -18.72 51.43 -51.25
CA GLU C 826 -18.94 51.92 -52.61
C GLU C 826 -17.61 52.13 -53.35
N THR C 827 -16.59 52.67 -52.67
CA THR C 827 -15.26 52.86 -53.27
C THR C 827 -14.59 51.52 -53.56
N TYR C 828 -14.57 50.58 -52.61
CA TYR C 828 -14.05 49.22 -52.84
C TYR C 828 -14.81 48.47 -53.94
N LEU C 829 -16.13 48.67 -54.06
CA LEU C 829 -16.96 48.07 -55.11
C LEU C 829 -16.65 48.66 -56.49
N LYS C 830 -16.40 49.98 -56.58
CA LYS C 830 -15.90 50.64 -57.80
C LYS C 830 -14.53 50.08 -58.22
N MET C 831 -13.67 49.74 -57.25
CA MET C 831 -12.37 49.06 -57.46
C MET C 831 -12.47 47.53 -57.63
N GLY C 832 -13.64 46.92 -57.38
CA GLY C 832 -13.90 45.48 -57.55
C GLY C 832 -13.46 44.56 -56.39
N ASP C 833 -13.14 45.09 -55.21
CA ASP C 833 -12.52 44.34 -54.10
C ASP C 833 -13.53 43.79 -53.06
N LEU C 834 -14.11 42.62 -53.34
CA LEU C 834 -15.04 41.95 -52.42
C LEU C 834 -14.37 41.43 -51.13
N LYS C 835 -13.08 41.06 -51.18
CA LYS C 835 -12.36 40.58 -49.99
C LYS C 835 -12.21 41.70 -48.94
N SER C 836 -11.79 42.90 -49.36
CA SER C 836 -11.76 44.06 -48.46
C SER C 836 -13.17 44.47 -47.99
N LEU C 837 -14.19 44.32 -48.83
CA LEU C 837 -15.59 44.61 -48.46
C LEU C 837 -16.07 43.73 -47.30
N VAL C 838 -15.85 42.41 -47.37
CA VAL C 838 -16.24 41.51 -46.27
C VAL C 838 -15.48 41.80 -44.99
N GLN C 839 -14.16 42.00 -45.07
CA GLN C 839 -13.37 42.41 -43.89
C GLN C 839 -13.87 43.73 -43.30
N LEU C 840 -14.19 44.73 -44.14
CA LEU C 840 -14.76 46.01 -43.70
C LEU C 840 -16.07 45.82 -42.92
N HIS C 841 -17.00 44.97 -43.38
CA HIS C 841 -18.25 44.72 -42.66
C HIS C 841 -18.03 43.94 -41.35
N VAL C 842 -17.14 42.94 -41.33
CA VAL C 842 -16.81 42.19 -40.10
C VAL C 842 -16.10 43.08 -39.08
N GLU C 843 -15.15 43.92 -39.49
CA GLU C 843 -14.41 44.84 -38.61
C GLU C 843 -15.30 45.98 -38.08
N THR C 844 -16.15 46.58 -38.93
CA THR C 844 -17.16 47.56 -38.49
C THR C 844 -18.39 46.92 -37.82
N GLN C 845 -18.38 45.59 -37.65
CA GLN C 845 -19.39 44.79 -36.94
C GLN C 845 -20.82 44.99 -37.51
N ARG C 846 -20.92 45.28 -38.81
CA ARG C 846 -22.19 45.38 -39.55
C ARG C 846 -22.68 43.99 -39.95
N TRP C 847 -23.06 43.22 -38.94
CA TRP C 847 -23.43 41.81 -39.11
C TRP C 847 -24.57 41.60 -40.10
N ASP C 848 -25.59 42.46 -40.15
CA ASP C 848 -26.68 42.36 -41.12
C ASP C 848 -26.18 42.45 -42.58
N GLU C 849 -25.25 43.37 -42.86
CA GLU C 849 -24.64 43.51 -44.19
C GLU C 849 -23.67 42.35 -44.50
N ALA C 850 -22.93 41.87 -43.49
CA ALA C 850 -22.10 40.68 -43.62
C ALA C 850 -22.96 39.44 -43.94
N PHE C 851 -24.05 39.21 -43.21
CA PHE C 851 -24.99 38.12 -43.47
C PHE C 851 -25.64 38.24 -44.86
N ALA C 852 -26.02 39.44 -45.29
CA ALA C 852 -26.53 39.66 -46.65
C ALA C 852 -25.47 39.30 -47.71
N LEU C 853 -24.20 39.68 -47.53
CA LEU C 853 -23.11 39.24 -48.41
C LEU C 853 -22.88 37.73 -48.35
N GLY C 854 -22.96 37.12 -47.17
CA GLY C 854 -22.84 35.67 -46.98
C GLY C 854 -23.98 34.88 -47.62
N GLU C 855 -25.19 35.43 -47.69
CA GLU C 855 -26.30 34.83 -48.44
C GLU C 855 -26.13 34.97 -49.97
N LYS C 856 -25.58 36.09 -50.44
CA LYS C 856 -25.24 36.31 -51.86
C LYS C 856 -24.02 35.50 -52.32
N HIS C 857 -23.05 35.28 -51.42
CA HIS C 857 -21.79 34.57 -51.65
C HIS C 857 -21.53 33.56 -50.52
N PRO C 858 -22.04 32.31 -50.63
CA PRO C 858 -21.97 31.29 -49.57
C PRO C 858 -20.57 30.99 -49.05
N GLU C 859 -19.53 31.20 -49.87
CA GLU C 859 -18.12 30.99 -49.50
C GLU C 859 -17.66 31.79 -48.26
N PHE C 860 -18.34 32.89 -47.90
CA PHE C 860 -18.02 33.68 -46.70
C PHE C 860 -18.83 33.31 -45.45
N LYS C 861 -19.84 32.42 -45.50
CA LYS C 861 -20.67 32.10 -44.33
C LYS C 861 -19.82 31.69 -43.12
N ASP C 862 -18.87 30.78 -43.31
CA ASP C 862 -17.98 30.31 -42.25
C ASP C 862 -17.15 31.47 -41.65
N ASP C 863 -16.66 32.38 -42.49
CA ASP C 863 -15.87 33.55 -42.09
C ASP C 863 -16.65 34.59 -41.28
N ILE C 864 -17.98 34.61 -41.41
CA ILE C 864 -18.86 35.52 -40.65
C ILE C 864 -19.37 34.82 -39.38
N TYR C 865 -19.96 33.63 -39.54
CA TYR C 865 -20.67 32.96 -38.45
C TYR C 865 -19.75 32.22 -37.46
N MET C 866 -18.57 31.70 -37.83
CA MET C 866 -17.67 31.10 -36.83
C MET C 866 -17.13 32.11 -35.81
N PRO C 867 -16.61 33.30 -36.21
CA PRO C 867 -16.25 34.35 -35.26
C PRO C 867 -17.43 34.75 -34.36
N TYR C 868 -18.63 34.86 -34.94
CA TYR C 868 -19.85 35.20 -34.22
C TYR C 868 -20.24 34.14 -33.17
N ALA C 869 -20.29 32.86 -33.55
CA ALA C 869 -20.62 31.75 -32.65
C ALA C 869 -19.60 31.62 -31.52
N GLN C 870 -18.30 31.72 -31.81
CA GLN C 870 -17.24 31.71 -30.80
C GLN C 870 -17.38 32.89 -29.83
N TRP C 871 -17.63 34.10 -30.33
CA TRP C 871 -17.83 35.28 -29.50
C TRP C 871 -19.02 35.12 -28.56
N LEU C 872 -20.15 34.59 -29.07
CA LEU C 872 -21.33 34.24 -28.29
C LEU C 872 -21.05 33.15 -27.25
N ALA C 873 -20.23 32.14 -27.56
CA ALA C 873 -19.84 31.11 -26.59
C ALA C 873 -18.92 31.64 -25.47
N GLU C 874 -17.93 32.46 -25.81
CA GLU C 874 -17.03 33.09 -24.84
C GLU C 874 -17.78 34.10 -23.95
N ASN C 875 -18.75 34.84 -24.51
CA ASN C 875 -19.71 35.65 -23.75
C ASN C 875 -20.93 34.80 -23.38
N PHE C 878 -22.80 29.75 -23.80
CA PHE C 878 -23.07 28.54 -24.57
C PHE C 878 -24.46 28.53 -25.22
N GLU C 879 -25.44 29.22 -24.63
CA GLU C 879 -26.78 29.36 -25.21
C GLU C 879 -26.72 30.13 -26.53
N GLU C 880 -25.96 31.23 -26.55
CA GLU C 880 -25.71 32.00 -27.77
C GLU C 880 -24.85 31.21 -28.76
N ALA C 881 -23.91 30.40 -28.27
CA ALA C 881 -23.13 29.52 -29.12
C ALA C 881 -24.03 28.51 -29.84
N GLN C 882 -24.98 27.90 -29.12
CA GLN C 882 -25.96 26.99 -29.68
C GLN C 882 -26.83 27.66 -30.74
N LYS C 883 -27.36 28.86 -30.48
CA LYS C 883 -28.12 29.63 -31.49
C LYS C 883 -27.25 29.90 -32.72
N ALA C 884 -25.98 30.17 -32.53
CA ALA C 884 -25.05 30.38 -33.63
C ALA C 884 -24.70 29.10 -34.42
N PHE C 885 -24.51 27.95 -33.75
CA PHE C 885 -24.39 26.65 -34.44
C PHE C 885 -25.65 26.28 -35.21
N HIS C 886 -26.82 26.62 -34.66
CA HIS C 886 -28.10 26.45 -35.33
C HIS C 886 -28.19 27.30 -36.62
N LYS C 887 -27.86 28.59 -36.52
CA LYS C 887 -27.79 29.51 -37.66
C LYS C 887 -26.72 29.10 -38.71
N ALA C 888 -25.65 28.42 -38.30
CA ALA C 888 -24.64 27.87 -39.20
C ALA C 888 -25.10 26.62 -39.97
N GLY C 889 -26.25 26.03 -39.63
CA GLY C 889 -26.75 24.80 -40.24
C GLY C 889 -26.13 23.52 -39.67
N ARG C 890 -25.10 23.60 -38.81
CA ARG C 890 -24.40 22.45 -38.20
C ARG C 890 -25.12 21.93 -36.95
N GLN C 891 -26.32 21.41 -37.16
CA GLN C 891 -27.23 20.94 -36.10
C GLN C 891 -26.59 19.86 -35.21
N ARG C 892 -25.79 18.95 -35.78
CA ARG C 892 -25.13 17.85 -35.05
C ARG C 892 -24.11 18.35 -34.02
N GLU C 893 -23.29 19.33 -34.38
CA GLU C 893 -22.37 19.97 -33.43
C GLU C 893 -23.11 20.76 -32.34
N ALA C 894 -24.20 21.45 -32.69
CA ALA C 894 -25.04 22.14 -31.72
C ALA C 894 -25.60 21.18 -30.65
N VAL C 895 -26.12 20.03 -31.09
CA VAL C 895 -26.59 18.95 -30.22
C VAL C 895 -25.45 18.41 -29.36
N GLN C 896 -24.27 18.12 -29.93
CA GLN C 896 -23.11 17.60 -29.19
C GLN C 896 -22.66 18.54 -28.07
N VAL C 897 -22.58 19.85 -28.33
CA VAL C 897 -22.22 20.84 -27.30
C VAL C 897 -23.26 20.85 -26.18
N LEU C 898 -24.54 20.84 -26.52
CA LEU C 898 -25.60 20.80 -25.51
C LEU C 898 -25.64 19.48 -24.72
N GLU C 899 -25.35 18.34 -25.36
CA GLU C 899 -25.18 17.06 -24.67
C GLU C 899 -24.01 17.06 -23.68
N GLN C 900 -22.89 17.69 -24.03
CA GLN C 900 -21.78 17.85 -23.09
C GLN C 900 -22.20 18.70 -21.88
N LEU C 901 -22.87 19.83 -22.12
CA LEU C 901 -23.38 20.69 -21.04
C LEU C 901 -24.42 20.00 -20.16
N THR C 902 -25.33 19.22 -20.74
CA THR C 902 -26.24 18.40 -19.93
C THR C 902 -25.47 17.42 -19.05
N ASN C 903 -24.48 16.70 -19.59
CA ASN C 903 -23.72 15.73 -18.81
C ASN C 903 -22.98 16.43 -17.66
N ASN C 904 -22.39 17.59 -17.93
CA ASN C 904 -21.74 18.40 -16.92
C ASN C 904 -22.72 18.89 -15.83
N ALA C 905 -23.90 19.37 -16.22
CA ALA C 905 -24.93 19.76 -15.26
C ALA C 905 -25.38 18.60 -14.36
N VAL C 906 -25.56 17.40 -14.92
CA VAL C 906 -25.89 16.19 -14.15
C VAL C 906 -24.75 15.80 -13.20
N ALA C 907 -23.51 15.79 -13.68
CA ALA C 907 -22.33 15.50 -12.85
C ALA C 907 -22.16 16.51 -11.69
N GLU C 908 -22.56 17.76 -11.92
CA GLU C 908 -22.58 18.83 -10.92
C GLU C 908 -23.85 18.85 -10.05
N SER C 909 -24.76 17.88 -10.19
CA SER C 909 -26.04 17.81 -9.47
C SER C 909 -26.98 19.01 -9.72
N ARG C 910 -26.81 19.75 -10.83
CA ARG C 910 -27.68 20.85 -11.28
C ARG C 910 -28.87 20.32 -12.09
N PHE C 911 -29.69 19.46 -11.49
CA PHE C 911 -30.73 18.71 -12.23
C PHE C 911 -31.81 19.60 -12.87
N ASN C 912 -32.10 20.77 -12.30
CA ASN C 912 -33.00 21.74 -12.94
C ASN C 912 -32.41 22.32 -14.24
N ASP C 913 -31.11 22.67 -14.25
CA ASP C 913 -30.44 23.10 -15.49
C ASP C 913 -30.36 21.94 -16.50
N ALA C 914 -30.07 20.72 -16.03
CA ALA C 914 -30.10 19.54 -16.90
C ALA C 914 -31.48 19.36 -17.54
N ALA C 915 -32.57 19.48 -16.79
CA ALA C 915 -33.92 19.40 -17.32
C ALA C 915 -34.16 20.44 -18.43
N TYR C 916 -33.78 21.71 -18.19
CA TYR C 916 -33.90 22.79 -19.17
C TYR C 916 -33.10 22.48 -20.45
N TYR C 917 -31.85 22.03 -20.32
CA TYR C 917 -31.03 21.66 -21.47
C TYR C 917 -31.56 20.43 -22.21
N TYR C 918 -32.10 19.42 -21.52
CA TYR C 918 -32.79 18.31 -22.18
C TYR C 918 -34.05 18.74 -22.92
N TRP C 919 -34.82 19.69 -22.37
CA TRP C 919 -35.91 20.29 -23.14
C TRP C 919 -35.38 21.01 -24.39
N MET C 920 -34.31 21.80 -24.28
CA MET C 920 -33.74 22.44 -25.46
C MET C 920 -33.24 21.43 -26.51
N LEU C 921 -32.56 20.36 -26.08
CA LEU C 921 -32.18 19.25 -26.96
C LEU C 921 -33.40 18.63 -27.66
N SER C 922 -34.50 18.43 -26.94
CA SER C 922 -35.73 17.92 -27.53
C SER C 922 -36.26 18.83 -28.64
N MET C 923 -36.32 20.15 -28.40
CA MET C 923 -36.79 21.11 -29.40
C MET C 923 -35.88 21.17 -30.62
N GLN C 924 -34.56 21.06 -30.43
CA GLN C 924 -33.63 20.93 -31.54
C GLN C 924 -33.89 19.66 -32.35
N CYS C 925 -34.11 18.53 -31.70
CA CYS C 925 -34.44 17.31 -32.41
C CYS C 925 -35.72 17.44 -33.22
N LEU C 926 -36.73 18.14 -32.69
CA LEU C 926 -37.95 18.43 -33.43
C LEU C 926 -37.71 19.33 -34.64
N ASP C 927 -36.85 20.35 -34.52
CA ASP C 927 -36.45 21.19 -35.65
C ASP C 927 -35.67 20.40 -36.72
N ILE C 928 -34.80 19.49 -36.32
CA ILE C 928 -34.05 18.61 -37.23
C ILE C 928 -35.00 17.60 -37.91
N ALA C 929 -36.01 17.08 -37.19
CA ALA C 929 -37.00 16.13 -37.71
C ALA C 929 -37.86 16.69 -38.87
N GLN C 930 -37.82 17.99 -39.14
CA GLN C 930 -38.43 18.58 -40.34
C GLN C 930 -37.83 18.05 -41.65
N ASP C 931 -36.59 17.55 -41.62
CA ASP C 931 -35.98 16.85 -42.76
C ASP C 931 -36.49 15.40 -42.87
N PRO C 932 -37.12 14.99 -43.99
CA PRO C 932 -37.77 13.67 -44.11
C PRO C 932 -36.84 12.48 -43.85
N ALA C 933 -35.56 12.62 -44.23
CA ALA C 933 -34.54 11.58 -44.12
C ALA C 933 -34.16 11.19 -42.67
N GLN C 934 -34.47 12.03 -41.68
CA GLN C 934 -34.16 11.79 -40.26
C GLN C 934 -35.39 11.84 -39.35
N LYS C 935 -36.61 11.93 -39.91
CA LYS C 935 -37.85 12.16 -39.14
C LYS C 935 -38.06 11.12 -38.03
N ASP C 936 -38.11 9.84 -38.36
CA ASP C 936 -38.44 8.79 -37.39
C ASP C 936 -37.41 8.67 -36.24
N THR C 937 -36.11 8.68 -36.57
CA THR C 937 -35.03 8.60 -35.58
C THR C 937 -35.02 9.83 -34.66
N MET C 938 -35.15 11.03 -35.23
CA MET C 938 -35.16 12.27 -34.46
C MET C 938 -36.43 12.49 -33.65
N LEU C 939 -37.60 11.99 -34.10
CA LEU C 939 -38.81 11.93 -33.28
C LEU C 939 -38.62 10.99 -32.08
N GLY C 940 -37.99 9.82 -32.26
CA GLY C 940 -37.64 8.94 -31.13
C GLY C 940 -36.73 9.64 -30.10
N LYS C 941 -35.68 10.33 -30.56
CA LYS C 941 -34.82 11.16 -29.69
C LYS C 941 -35.58 12.32 -29.04
N PHE C 942 -36.53 12.95 -29.73
CA PHE C 942 -37.40 13.99 -29.15
C PHE C 942 -38.16 13.47 -27.94
N TYR C 943 -38.90 12.36 -28.07
CA TYR C 943 -39.61 11.77 -26.94
C TYR C 943 -38.65 11.36 -25.81
N HIS C 944 -37.50 10.78 -26.16
CA HIS C 944 -36.46 10.42 -25.18
C HIS C 944 -35.98 11.63 -24.36
N PHE C 945 -35.57 12.72 -25.02
CA PHE C 945 -35.12 13.92 -24.33
C PHE C 945 -36.24 14.67 -23.62
N GLN C 946 -37.47 14.69 -24.13
CA GLN C 946 -38.62 15.24 -23.42
C GLN C 946 -38.88 14.50 -22.11
N ARG C 947 -38.83 13.17 -22.16
CA ARG C 947 -38.97 12.31 -20.98
C ARG C 947 -37.85 12.56 -19.98
N LEU C 948 -36.59 12.62 -20.41
CA LEU C 948 -35.46 12.99 -19.56
C LEU C 948 -35.64 14.38 -18.92
N ALA C 949 -36.10 15.39 -19.67
CA ALA C 949 -36.36 16.70 -19.10
C ALA C 949 -37.37 16.65 -17.95
N GLU C 950 -38.47 15.91 -18.12
CA GLU C 950 -39.48 15.68 -17.07
C GLU C 950 -38.94 14.87 -15.88
N LEU C 951 -38.14 13.83 -16.12
CA LEU C 951 -37.49 13.05 -15.06
C LEU C 951 -36.56 13.92 -14.21
N TYR C 952 -35.67 14.71 -14.82
CA TYR C 952 -34.77 15.58 -14.07
C TYR C 952 -35.50 16.73 -13.36
N HIS C 953 -36.57 17.28 -13.95
CA HIS C 953 -37.42 18.28 -13.30
C HIS C 953 -38.08 17.73 -12.03
N GLY C 954 -38.58 16.48 -12.05
CA GLY C 954 -39.12 15.83 -10.85
C GLY C 954 -38.03 15.46 -9.82
N TYR C 955 -36.94 14.83 -10.27
CA TYR C 955 -35.86 14.38 -9.41
C TYR C 955 -35.19 15.54 -8.65
N HIS C 956 -35.09 16.74 -9.23
CA HIS C 956 -34.54 17.92 -8.58
C HIS C 956 -35.20 18.25 -7.23
N ALA C 957 -36.53 18.14 -7.15
CA ALA C 957 -37.28 18.38 -5.91
C ALA C 957 -36.95 17.34 -4.84
N ILE C 958 -36.85 16.08 -5.23
CA ILE C 958 -36.48 14.97 -4.35
C ILE C 958 -35.04 15.13 -3.85
N HIS C 959 -34.11 15.43 -4.76
CA HIS C 959 -32.72 15.68 -4.41
C HIS C 959 -32.60 16.82 -3.40
N ARG C 960 -33.24 17.97 -3.67
CA ARG C 960 -33.31 19.08 -2.72
C ARG C 960 -33.88 18.64 -1.36
N HIS C 961 -34.99 17.91 -1.31
CA HIS C 961 -35.52 17.38 -0.05
C HIS C 961 -34.51 16.49 0.70
N THR C 962 -33.81 15.58 0.02
CA THR C 962 -32.85 14.69 0.68
C THR C 962 -31.59 15.39 1.16
N GLU C 963 -31.11 16.42 0.44
CA GLU C 963 -29.89 17.14 0.81
C GLU C 963 -30.12 18.29 1.80
N ASP C 964 -31.25 18.99 1.71
CA ASP C 964 -31.64 20.02 2.67
C ASP C 964 -32.15 19.40 4.00
N PRO C 965 -31.95 20.07 5.15
CA PRO C 965 -32.54 19.66 6.43
C PRO C 965 -34.04 20.02 6.58
N PHE C 966 -34.67 20.58 5.53
CA PHE C 966 -36.07 20.99 5.49
C PHE C 966 -36.68 20.78 4.10
N SER C 967 -38.00 20.75 4.01
CA SER C 967 -38.72 20.72 2.74
C SER C 967 -39.42 22.05 2.44
N VAL C 968 -39.18 22.61 1.26
CA VAL C 968 -40.05 23.68 0.70
C VAL C 968 -41.35 23.07 0.17
N HIS C 969 -41.26 21.92 -0.51
CA HIS C 969 -42.38 21.26 -1.17
C HIS C 969 -43.33 20.58 -0.18
N ARG C 970 -44.62 20.57 -0.50
CA ARG C 970 -45.63 19.86 0.30
C ARG C 970 -45.40 18.34 0.26
N PRO C 971 -45.69 17.60 1.35
CA PRO C 971 -45.59 16.14 1.40
C PRO C 971 -46.29 15.43 0.24
N GLU C 972 -47.51 15.83 -0.11
CA GLU C 972 -48.27 15.27 -1.24
C GLU C 972 -47.57 15.49 -2.58
N THR C 973 -46.91 16.64 -2.76
CA THR C 973 -46.15 16.93 -3.98
C THR C 973 -44.97 15.98 -4.09
N LEU C 974 -44.21 15.80 -3.01
CA LEU C 974 -43.08 14.86 -3.01
C LEU C 974 -43.52 13.41 -3.18
N PHE C 975 -44.65 13.01 -2.59
CA PHE C 975 -45.27 11.70 -2.76
C PHE C 975 -45.63 11.45 -4.23
N ASN C 976 -46.35 12.39 -4.86
CA ASN C 976 -46.71 12.34 -6.27
C ASN C 976 -45.49 12.28 -7.20
N ILE C 977 -44.50 13.15 -6.98
CA ILE C 977 -43.25 13.16 -7.76
C ILE C 977 -42.55 11.81 -7.65
N SER C 978 -42.43 11.26 -6.44
CA SER C 978 -41.77 9.97 -6.24
C SER C 978 -42.49 8.85 -7.00
N ARG C 979 -43.83 8.80 -6.94
CA ARG C 979 -44.65 7.85 -7.70
C ARG C 979 -44.48 8.03 -9.21
N PHE C 980 -44.56 9.27 -9.70
CA PHE C 980 -44.35 9.61 -11.11
C PHE C 980 -42.98 9.13 -11.62
N LEU C 981 -41.91 9.36 -10.84
CA LEU C 981 -40.57 8.94 -11.21
C LEU C 981 -40.48 7.41 -11.24
N LEU C 982 -40.95 6.69 -10.22
CA LEU C 982 -40.92 5.21 -10.22
C LEU C 982 -41.73 4.60 -11.37
N HIS C 983 -42.88 5.18 -11.73
CA HIS C 983 -43.62 4.78 -12.93
C HIS C 983 -42.84 5.05 -14.23
N SER C 984 -42.13 6.17 -14.31
CA SER C 984 -41.46 6.64 -15.51
C SER C 984 -40.05 6.10 -15.71
N LEU C 985 -39.38 5.59 -14.67
CA LEU C 985 -38.01 5.10 -14.75
C LEU C 985 -37.92 3.81 -15.59
N PRO C 986 -37.11 3.77 -16.67
CA PRO C 986 -36.79 2.54 -17.39
C PRO C 986 -35.98 1.55 -16.52
N LYS C 987 -35.80 0.32 -16.99
CA LYS C 987 -34.93 -0.68 -16.35
C LYS C 987 -33.48 -0.17 -16.21
N ASP C 988 -33.02 0.65 -17.16
CA ASP C 988 -31.73 1.35 -17.13
C ASP C 988 -31.83 2.78 -16.59
N THR C 989 -31.60 3.00 -15.30
CA THR C 989 -31.68 4.31 -14.65
C THR C 989 -30.77 5.35 -15.34
N PRO C 990 -31.30 6.53 -15.74
CA PRO C 990 -30.49 7.58 -16.32
C PRO C 990 -29.45 8.10 -15.33
N SER C 991 -28.30 8.56 -15.83
CA SER C 991 -27.17 9.01 -15.03
C SER C 991 -27.56 10.09 -14.01
N GLY C 992 -27.01 10.01 -12.80
CA GLY C 992 -27.25 10.95 -11.69
C GLY C 992 -28.56 10.75 -10.93
N ILE C 993 -29.58 10.11 -11.51
CA ILE C 993 -30.84 9.81 -10.81
C ILE C 993 -30.65 8.64 -9.84
N SER C 994 -31.11 8.78 -8.60
CA SER C 994 -31.05 7.74 -7.56
C SER C 994 -32.43 7.16 -7.27
N LYS C 995 -32.60 5.85 -7.51
CA LYS C 995 -33.75 5.07 -7.07
C LYS C 995 -33.84 5.03 -5.55
N VAL C 996 -32.70 4.92 -4.85
CA VAL C 996 -32.66 4.90 -3.38
C VAL C 996 -33.26 6.18 -2.80
N LYS C 997 -32.88 7.36 -3.30
CA LYS C 997 -33.44 8.64 -2.81
C LYS C 997 -34.94 8.72 -3.07
N ILE C 998 -35.40 8.35 -4.27
CA ILE C 998 -36.83 8.37 -4.64
C ILE C 998 -37.67 7.41 -3.77
N LEU C 999 -37.18 6.19 -3.53
CA LEU C 999 -37.86 5.23 -2.66
C LEU C 999 -37.83 5.65 -1.19
N PHE C 1000 -36.74 6.27 -0.71
CA PHE C 1000 -36.63 6.81 0.65
C PHE C 1000 -37.64 7.95 0.88
N THR C 1001 -37.71 8.93 -0.04
CA THR C 1001 -38.74 9.98 0.05
C THR C 1001 -40.13 9.41 -0.07
N LEU C 1002 -40.37 8.44 -0.97
CA LEU C 1002 -41.67 7.80 -1.05
C LEU C 1002 -42.03 7.11 0.27
N ALA C 1003 -41.12 6.34 0.88
CA ALA C 1003 -41.38 5.67 2.15
C ALA C 1003 -41.72 6.68 3.26
N LYS C 1004 -40.90 7.72 3.44
CA LYS C 1004 -41.11 8.78 4.44
C LYS C 1004 -42.45 9.51 4.25
N GLN C 1005 -42.72 10.01 3.04
CA GLN C 1005 -43.98 10.71 2.76
C GLN C 1005 -45.19 9.77 2.78
N SER C 1006 -45.06 8.50 2.37
CA SER C 1006 -46.14 7.52 2.48
C SER C 1006 -46.51 7.27 3.94
N LYS C 1007 -45.53 7.17 4.84
CA LYS C 1007 -45.78 7.11 6.29
C LYS C 1007 -46.51 8.36 6.80
N ALA C 1008 -46.02 9.56 6.45
CA ALA C 1008 -46.66 10.82 6.89
C ALA C 1008 -48.11 10.97 6.41
N LEU C 1009 -48.41 10.52 5.19
CA LEU C 1009 -49.74 10.60 4.57
C LEU C 1009 -50.67 9.40 4.90
N GLY C 1010 -50.19 8.37 5.59
CA GLY C 1010 -51.01 7.20 5.95
C GLY C 1010 -51.18 6.16 4.84
N ALA C 1011 -50.20 5.99 3.95
CA ALA C 1011 -50.09 4.92 2.94
C ALA C 1011 -49.12 3.81 3.39
N TYR C 1012 -49.49 3.07 4.43
CA TYR C 1012 -48.56 2.18 5.12
C TYR C 1012 -48.22 0.89 4.36
N ARG C 1013 -49.07 0.37 3.46
CA ARG C 1013 -48.69 -0.76 2.58
C ARG C 1013 -47.68 -0.29 1.54
N LEU C 1014 -47.91 0.89 0.93
CA LEU C 1014 -46.95 1.47 -0.01
C LEU C 1014 -45.61 1.77 0.67
N ALA C 1015 -45.62 2.25 1.90
CA ALA C 1015 -44.40 2.46 2.67
C ALA C 1015 -43.62 1.14 2.89
N ARG C 1016 -44.29 0.05 3.31
CA ARG C 1016 -43.67 -1.28 3.42
C ARG C 1016 -43.08 -1.75 2.10
N HIS C 1017 -43.83 -1.64 1.00
CA HIS C 1017 -43.36 -1.97 -0.34
C HIS C 1017 -42.09 -1.17 -0.72
N ALA C 1018 -42.06 0.14 -0.46
CA ALA C 1018 -40.88 0.96 -0.71
C ALA C 1018 -39.66 0.51 0.13
N TYR C 1019 -39.83 0.17 1.41
CA TYR C 1019 -38.75 -0.40 2.22
C TYR C 1019 -38.28 -1.77 1.69
N ASP C 1020 -39.19 -2.65 1.27
CA ASP C 1020 -38.83 -3.94 0.67
C ASP C 1020 -38.06 -3.78 -0.66
N LYS C 1021 -38.44 -2.79 -1.49
CA LYS C 1021 -37.69 -2.43 -2.69
C LYS C 1021 -36.30 -1.85 -2.37
N LEU C 1022 -36.19 -1.00 -1.34
CA LEU C 1022 -34.91 -0.49 -0.84
C LEU C 1022 -33.94 -1.61 -0.42
N ARG C 1023 -34.43 -2.70 0.18
CA ARG C 1023 -33.59 -3.87 0.54
C ARG C 1023 -32.92 -4.57 -0.65
N GLY C 1024 -33.43 -4.39 -1.87
CA GLY C 1024 -32.80 -4.90 -3.10
C GLY C 1024 -31.74 -3.98 -3.72
N LEU C 1025 -31.48 -2.81 -3.12
CA LEU C 1025 -30.57 -1.78 -3.62
C LEU C 1025 -29.39 -1.56 -2.66
N TYR C 1026 -28.25 -1.13 -3.17
CA TYR C 1026 -27.13 -0.69 -2.35
C TYR C 1026 -27.46 0.64 -1.67
N ILE C 1027 -27.46 0.68 -0.33
CA ILE C 1027 -27.86 1.86 0.45
C ILE C 1027 -26.59 2.58 0.95
N PRO C 1028 -26.42 3.88 0.65
CA PRO C 1028 -25.35 4.70 1.22
C PRO C 1028 -25.44 4.79 2.75
N ALA C 1029 -24.29 4.77 3.42
CA ALA C 1029 -24.17 4.66 4.87
C ALA C 1029 -24.95 5.75 5.64
N ARG C 1030 -25.03 6.98 5.09
CA ARG C 1030 -25.80 8.10 5.68
C ARG C 1030 -27.30 7.85 5.80
N PHE C 1031 -27.90 7.08 4.88
CA PHE C 1031 -29.33 6.77 4.90
C PHE C 1031 -29.67 5.52 5.71
N GLN C 1032 -28.73 4.59 5.90
CA GLN C 1032 -28.95 3.26 6.47
C GLN C 1032 -29.70 3.29 7.81
N LYS C 1033 -29.25 4.08 8.79
CA LYS C 1033 -29.87 4.19 10.13
C LYS C 1033 -31.33 4.63 10.06
N SER C 1034 -31.62 5.62 9.21
CA SER C 1034 -32.98 6.14 8.98
C SER C 1034 -33.88 5.11 8.31
N ILE C 1035 -33.37 4.37 7.32
CA ILE C 1035 -34.11 3.33 6.61
C ILE C 1035 -34.41 2.13 7.52
N GLU C 1036 -33.46 1.69 8.35
CA GLU C 1036 -33.67 0.64 9.35
C GLU C 1036 -34.71 1.06 10.39
N LEU C 1037 -34.56 2.25 10.98
CA LEU C 1037 -35.52 2.80 11.93
C LEU C 1037 -36.92 2.93 11.31
N GLY C 1038 -37.00 3.38 10.06
CA GLY C 1038 -38.24 3.46 9.31
C GLY C 1038 -38.88 2.09 9.09
N THR C 1039 -38.08 1.08 8.76
CA THR C 1039 -38.55 -0.31 8.58
C THR C 1039 -39.07 -0.90 9.90
N LEU C 1040 -38.41 -0.63 11.03
CA LEU C 1040 -38.89 -1.04 12.35
C LEU C 1040 -40.15 -0.27 12.78
N THR C 1041 -40.27 1.01 12.39
CA THR C 1041 -41.42 1.86 12.70
C THR C 1041 -42.66 1.44 11.90
N ILE C 1042 -42.52 1.17 10.60
CA ILE C 1042 -43.67 0.84 9.75
C ILE C 1042 -44.35 -0.46 10.15
N ARG C 1043 -43.61 -1.43 10.72
CA ARG C 1043 -44.16 -2.68 11.26
C ARG C 1043 -45.19 -2.48 12.38
N ALA C 1044 -45.10 -1.37 13.13
CA ALA C 1044 -46.07 -1.03 14.16
C ALA C 1044 -47.37 -0.40 13.60
N LYS C 1045 -47.36 0.10 12.36
CA LYS C 1045 -48.51 0.74 11.72
C LYS C 1045 -49.49 -0.28 11.12
N PRO C 1046 -50.77 0.06 10.93
CA PRO C 1046 -51.75 -0.82 10.27
C PRO C 1046 -51.33 -1.24 8.86
N PHE C 1047 -51.90 -2.34 8.34
CA PHE C 1047 -51.69 -2.80 6.96
C PHE C 1047 -52.84 -2.35 6.04
N HIS C 1048 -53.00 -1.03 5.89
CA HIS C 1048 -53.93 -0.38 4.94
C HIS C 1048 -53.32 0.92 4.39
N ASP C 1049 -53.86 1.43 3.28
CA ASP C 1049 -53.50 2.74 2.70
C ASP C 1049 -54.70 3.70 2.69
N SER C 1050 -54.45 5.00 2.90
CA SER C 1050 -55.49 6.03 2.86
C SER C 1050 -56.19 6.14 1.50
N GLU C 1051 -57.52 6.02 1.48
CA GLU C 1051 -58.34 6.07 0.28
C GLU C 1051 -58.25 7.41 -0.47
N GLU C 1052 -57.96 8.50 0.24
CA GLU C 1052 -57.85 9.85 -0.33
C GLU C 1052 -56.64 10.02 -1.26
N LEU C 1053 -55.63 9.15 -1.16
CA LEU C 1053 -54.42 9.18 -1.98
C LEU C 1053 -54.58 8.43 -3.32
N VAL C 1054 -55.58 7.56 -3.43
CA VAL C 1054 -55.74 6.61 -4.55
C VAL C 1054 -56.10 7.33 -5.86
N PRO C 1055 -55.30 7.23 -6.93
CA PRO C 1055 -55.57 7.93 -8.19
C PRO C 1055 -56.79 7.38 -8.93
N LEU C 1056 -57.83 8.19 -9.00
CA LEU C 1056 -59.00 7.98 -9.85
C LEU C 1056 -58.63 8.25 -11.33
N CYS C 1057 -58.98 7.34 -12.23
CA CYS C 1057 -58.99 7.66 -13.66
C CYS C 1057 -60.26 8.46 -13.98
N TYR C 1058 -60.13 9.69 -14.46
CA TYR C 1058 -61.27 10.54 -14.76
C TYR C 1058 -62.08 10.06 -15.99
N ARG C 1059 -61.47 9.28 -16.89
CA ARG C 1059 -62.13 8.72 -18.09
C ARG C 1059 -63.13 7.62 -17.73
N CYS C 1060 -62.71 6.61 -16.95
CA CYS C 1060 -63.51 5.43 -16.65
C CYS C 1060 -64.01 5.35 -15.19
N SER C 1061 -63.62 6.31 -14.35
CA SER C 1061 -63.91 6.40 -12.91
C SER C 1061 -63.43 5.19 -12.09
N THR C 1062 -62.41 4.48 -12.58
CA THR C 1062 -61.73 3.39 -11.87
C THR C 1062 -60.69 3.93 -10.89
N ASN C 1063 -60.68 3.43 -9.65
CA ASN C 1063 -59.59 3.64 -8.70
C ASN C 1063 -58.39 2.74 -9.04
N ASN C 1064 -57.20 3.32 -9.16
CA ASN C 1064 -55.98 2.61 -9.59
C ASN C 1064 -55.01 2.39 -8.41
N PRO C 1065 -54.29 1.26 -8.34
CA PRO C 1065 -53.26 1.04 -7.31
C PRO C 1065 -52.24 2.17 -7.21
N LEU C 1066 -51.71 2.45 -6.01
CA LEU C 1066 -50.77 3.56 -5.80
C LEU C 1066 -49.47 3.43 -6.61
N LEU C 1067 -48.99 2.19 -6.82
CA LEU C 1067 -47.99 1.87 -7.85
C LEU C 1067 -48.56 0.88 -8.86
N ASN C 1068 -48.48 1.22 -10.15
CA ASN C 1068 -48.88 0.39 -11.28
C ASN C 1068 -47.64 -0.10 -12.07
N ASN C 1069 -47.58 -1.40 -12.41
CA ASN C 1069 -46.53 -1.95 -13.26
C ASN C 1069 -46.64 -1.50 -14.72
N LEU C 1070 -47.85 -1.17 -15.22
CA LEU C 1070 -48.04 -0.46 -16.49
C LEU C 1070 -47.71 1.03 -16.28
N GLY C 1071 -46.69 1.55 -16.97
CA GLY C 1071 -46.14 2.89 -16.69
C GLY C 1071 -47.08 4.05 -17.07
N ASN C 1072 -47.43 4.89 -16.09
CA ASN C 1072 -48.22 6.14 -16.24
C ASN C 1072 -49.61 5.99 -16.88
N VAL C 1073 -50.26 4.83 -16.77
CA VAL C 1073 -51.61 4.57 -17.34
C VAL C 1073 -52.59 4.01 -16.32
N CYS C 1074 -53.88 4.21 -16.57
CA CYS C 1074 -54.95 3.48 -15.88
C CYS C 1074 -54.85 1.96 -16.09
N ILE C 1075 -55.08 1.16 -15.05
CA ILE C 1075 -55.07 -0.31 -15.15
C ILE C 1075 -56.24 -0.87 -15.98
N ASN C 1076 -57.36 -0.14 -16.06
CA ASN C 1076 -58.56 -0.52 -16.81
C ASN C 1076 -58.54 0.01 -18.26
N CYS C 1077 -58.75 1.32 -18.46
CA CYS C 1077 -58.89 1.90 -19.81
C CYS C 1077 -57.56 2.18 -20.53
N ARG C 1078 -56.42 2.04 -19.83
CA ARG C 1078 -55.06 2.38 -20.31
C ARG C 1078 -54.89 3.83 -20.78
N GLN C 1079 -55.79 4.73 -20.42
CA GLN C 1079 -55.60 6.17 -20.59
C GLN C 1079 -54.32 6.62 -19.85
N PRO C 1080 -53.41 7.35 -20.51
CA PRO C 1080 -52.26 7.94 -19.83
C PRO C 1080 -52.68 9.02 -18.83
N PHE C 1081 -52.13 8.98 -17.61
CA PHE C 1081 -52.31 10.05 -16.63
C PHE C 1081 -51.55 11.31 -17.07
N ILE C 1082 -52.19 12.47 -16.93
CA ILE C 1082 -51.59 13.78 -17.21
C ILE C 1082 -51.37 14.47 -15.87
N PHE C 1083 -50.16 14.95 -15.60
CA PHE C 1083 -49.75 15.43 -14.28
C PHE C 1083 -49.44 16.92 -14.28
N SER C 1084 -49.83 17.63 -13.22
CA SER C 1084 -49.49 19.03 -13.02
C SER C 1084 -47.98 19.24 -12.89
N ALA C 1085 -47.37 20.05 -13.72
CA ALA C 1085 -45.91 20.25 -13.71
C ALA C 1085 -45.37 20.96 -12.45
N SER C 1086 -46.24 21.51 -11.61
CA SER C 1086 -45.90 21.98 -10.25
C SER C 1086 -46.03 20.87 -9.19
N SER C 1087 -47.23 20.31 -9.03
CA SER C 1087 -47.62 19.46 -7.89
C SER C 1087 -47.63 17.95 -8.19
N TYR C 1088 -47.52 17.60 -9.47
CA TYR C 1088 -47.63 16.26 -10.03
C TYR C 1088 -48.94 15.52 -9.65
N ASP C 1089 -49.99 16.23 -9.24
CA ASP C 1089 -51.34 15.65 -9.17
C ASP C 1089 -51.86 15.29 -10.57
N VAL C 1090 -52.63 14.20 -10.68
CA VAL C 1090 -53.34 13.83 -11.92
C VAL C 1090 -54.47 14.85 -12.21
N LEU C 1091 -54.59 15.34 -13.46
CA LEU C 1091 -55.23 16.62 -13.78
C LEU C 1091 -56.70 16.64 -14.25
N HIS C 1092 -57.53 15.60 -14.13
CA HIS C 1092 -58.89 15.58 -14.74
C HIS C 1092 -58.98 15.89 -16.25
N LEU C 1093 -57.85 15.85 -16.96
CA LEU C 1093 -57.78 15.96 -18.42
C LEU C 1093 -57.88 14.58 -19.07
N VAL C 1094 -58.58 14.50 -20.20
CA VAL C 1094 -58.55 13.36 -21.13
C VAL C 1094 -58.10 13.83 -22.51
N GLU C 1095 -57.07 13.20 -23.07
CA GLU C 1095 -56.62 13.47 -24.44
C GLU C 1095 -57.62 12.92 -25.47
N PHE C 1096 -57.93 13.71 -26.51
CA PHE C 1096 -58.84 13.34 -27.58
C PHE C 1096 -58.28 13.70 -28.96
N TYR C 1097 -58.86 13.12 -30.00
CA TYR C 1097 -58.40 13.18 -31.38
C TYR C 1097 -59.53 13.67 -32.30
N LEU C 1098 -59.19 14.44 -33.33
CA LEU C 1098 -60.16 14.91 -34.32
C LEU C 1098 -60.57 13.77 -35.27
N GLU C 1099 -61.83 13.77 -35.71
CA GLU C 1099 -62.27 12.90 -36.81
C GLU C 1099 -61.54 13.21 -38.14
N GLU C 1100 -61.30 12.19 -38.97
CA GLU C 1100 -60.58 12.37 -40.24
C GLU C 1100 -61.33 13.33 -41.20
N GLY C 1101 -60.59 14.29 -41.77
CA GLY C 1101 -61.14 15.35 -42.64
C GLY C 1101 -61.49 16.68 -41.94
N ILE C 1102 -61.14 16.86 -40.65
CA ILE C 1102 -61.18 18.15 -39.95
C ILE C 1102 -59.74 18.68 -39.83
N THR C 1103 -59.46 19.90 -40.29
CA THR C 1103 -58.15 20.55 -40.07
C THR C 1103 -58.06 21.16 -38.67
N ASP C 1104 -56.85 21.37 -38.15
CA ASP C 1104 -56.70 22.03 -36.83
C ASP C 1104 -57.27 23.45 -36.81
N GLU C 1105 -57.10 24.19 -37.90
CA GLU C 1105 -57.72 25.52 -38.04
C GLU C 1105 -59.26 25.44 -38.05
N GLU C 1106 -59.83 24.44 -38.72
CA GLU C 1106 -61.27 24.19 -38.68
C GLU C 1106 -61.74 23.80 -37.27
N ALA C 1107 -61.03 22.90 -36.58
CA ALA C 1107 -61.37 22.51 -35.21
C ALA C 1107 -61.42 23.73 -34.27
N ILE C 1108 -60.43 24.63 -34.33
CA ILE C 1108 -60.44 25.87 -33.54
C ILE C 1108 -61.66 26.72 -33.87
N SER C 1109 -61.99 26.90 -35.16
CA SER C 1109 -63.14 27.72 -35.56
C SER C 1109 -64.48 27.15 -35.04
N LEU C 1110 -64.63 25.83 -34.99
CA LEU C 1110 -65.80 25.16 -34.41
C LEU C 1110 -65.85 25.31 -32.88
N ILE C 1111 -64.71 25.20 -32.20
CA ILE C 1111 -64.62 25.40 -30.74
C ILE C 1111 -64.94 26.86 -30.37
N ASP C 1112 -64.46 27.83 -31.16
CA ASP C 1112 -64.74 29.26 -30.95
C ASP C 1112 -66.21 29.66 -31.26
N LEU C 1113 -66.85 29.08 -32.27
CA LEU C 1113 -68.30 29.28 -32.56
C LEU C 1113 -69.20 28.47 -31.60
N GLU C 1114 -69.29 28.90 -30.34
CA GLU C 1114 -70.17 28.29 -29.33
C GLU C 1114 -71.66 28.63 -29.59
N VAL C 1115 -72.47 27.64 -30.02
CA VAL C 1115 -73.94 27.77 -30.18
C VAL C 1115 -74.60 27.91 -28.80
N LEU C 1116 -75.60 28.79 -28.67
CA LEU C 1116 -76.33 28.94 -27.40
C LEU C 1116 -77.08 27.64 -27.06
N PHE C 1163 -55.19 0.15 -25.79
CA PHE C 1163 -55.76 1.49 -25.63
C PHE C 1163 -56.68 1.87 -26.80
N VAL C 1164 -57.85 2.45 -26.49
CA VAL C 1164 -58.81 2.96 -27.48
C VAL C 1164 -58.88 4.49 -27.38
N PRO C 1165 -58.59 5.25 -28.46
CA PRO C 1165 -58.60 6.71 -28.42
C PRO C 1165 -60.02 7.31 -28.48
N VAL C 1166 -60.25 8.44 -27.79
CA VAL C 1166 -61.50 9.22 -27.91
C VAL C 1166 -61.45 10.08 -29.18
N VAL C 1167 -62.33 9.82 -30.15
CA VAL C 1167 -62.41 10.56 -31.42
C VAL C 1167 -63.65 11.47 -31.45
N VAL C 1168 -63.47 12.74 -31.78
CA VAL C 1168 -64.49 13.79 -31.64
C VAL C 1168 -64.95 14.34 -33.00
N SER C 1169 -66.26 14.34 -33.25
CA SER C 1169 -66.89 14.86 -34.48
C SER C 1169 -67.12 16.38 -34.45
N ARG C 1170 -67.43 16.98 -35.62
CA ARG C 1170 -67.77 18.41 -35.77
C ARG C 1170 -68.88 18.88 -34.81
N LEU C 1171 -69.97 18.12 -34.68
CA LEU C 1171 -71.09 18.51 -33.81
C LEU C 1171 -70.72 18.48 -32.32
N VAL C 1172 -69.83 17.56 -31.90
CA VAL C 1172 -69.34 17.54 -30.52
C VAL C 1172 -68.38 18.72 -30.28
N LEU C 1173 -67.44 19.01 -31.20
CA LEU C 1173 -66.60 20.21 -31.13
C LEU C 1173 -67.41 21.50 -30.98
N ARG C 1174 -68.53 21.64 -31.71
CA ARG C 1174 -69.44 22.78 -31.57
C ARG C 1174 -70.11 22.87 -30.19
N SER C 1175 -70.43 21.73 -29.57
CA SER C 1175 -71.03 21.69 -28.23
C SER C 1175 -70.03 21.98 -27.10
N MET C 1176 -68.73 21.74 -27.34
CA MET C 1176 -67.65 21.96 -26.36
C MET C 1176 -67.36 23.45 -26.12
N SER C 1177 -67.18 23.83 -24.85
CA SER C 1177 -66.72 25.18 -24.47
C SER C 1177 -65.20 25.33 -24.63
N ARG C 1178 -64.73 26.51 -25.11
CA ARG C 1178 -63.31 26.84 -25.21
C ARG C 1178 -62.57 26.78 -23.86
N ARG C 1179 -63.29 26.96 -22.75
CA ARG C 1179 -62.73 26.85 -21.39
C ARG C 1179 -62.29 25.42 -21.05
N ASP C 1180 -63.00 24.43 -21.57
CA ASP C 1180 -62.78 23.02 -21.24
C ASP C 1180 -61.70 22.37 -22.11
N VAL C 1181 -61.43 22.90 -23.30
CA VAL C 1181 -60.46 22.33 -24.24
C VAL C 1181 -59.13 23.07 -24.17
N LEU C 1182 -58.04 22.32 -23.98
CA LEU C 1182 -56.66 22.78 -24.06
C LEU C 1182 -55.98 22.19 -25.31
N ILE C 1183 -55.17 22.99 -26.00
CA ILE C 1183 -54.55 22.65 -27.29
C ILE C 1183 -53.03 22.83 -27.24
N LYS C 1184 -52.27 21.78 -27.53
CA LYS C 1184 -50.81 21.85 -27.69
C LYS C 1184 -50.43 22.07 -29.15
N ARG C 1185 -49.89 23.25 -29.48
CA ARG C 1185 -49.59 23.68 -30.86
C ARG C 1185 -48.15 23.35 -31.29
N TRP C 1186 -47.78 22.07 -31.30
CA TRP C 1186 -46.45 21.62 -31.69
C TRP C 1186 -46.05 22.07 -33.11
N PRO C 1187 -44.75 22.34 -33.36
CA PRO C 1187 -44.20 22.55 -34.71
C PRO C 1187 -44.38 21.35 -35.67
N PRO C 1188 -44.19 21.55 -36.99
CA PRO C 1188 -44.87 20.78 -38.03
C PRO C 1188 -44.98 19.27 -38.14
N PRO C 1189 -43.96 18.39 -38.06
CA PRO C 1189 -44.26 16.99 -38.32
C PRO C 1189 -45.02 16.31 -37.16
N LEU C 1190 -45.32 17.06 -36.09
CA LEU C 1190 -46.26 16.70 -35.05
C LEU C 1190 -47.61 17.41 -35.22
N ARG C 1191 -48.70 16.64 -35.20
CA ARG C 1191 -50.08 17.17 -35.19
C ARG C 1191 -50.40 17.81 -33.83
N TRP C 1192 -51.34 18.76 -33.82
CA TRP C 1192 -51.78 19.43 -32.60
C TRP C 1192 -52.55 18.45 -31.71
N GLN C 1193 -52.31 18.49 -30.39
CA GLN C 1193 -52.91 17.56 -29.42
C GLN C 1193 -53.99 18.28 -28.58
N TYR C 1194 -55.16 17.67 -28.47
CA TYR C 1194 -56.34 18.26 -27.85
C TYR C 1194 -56.70 17.51 -26.54
N PHE C 1195 -57.00 18.27 -25.49
CA PHE C 1195 -57.27 17.73 -24.16
C PHE C 1195 -58.53 18.35 -23.57
N ARG C 1196 -59.42 17.55 -22.99
CA ARG C 1196 -60.67 18.02 -22.36
C ARG C 1196 -60.60 17.91 -20.85
N SER C 1197 -60.81 19.03 -20.14
CA SER C 1197 -61.05 19.05 -18.70
C SER C 1197 -62.46 18.54 -18.38
N LEU C 1198 -62.55 17.50 -17.55
CA LEU C 1198 -63.80 16.93 -17.05
C LEU C 1198 -64.33 17.58 -15.75
N LEU C 1199 -63.62 18.57 -15.19
CA LEU C 1199 -64.03 19.33 -14.00
C LEU C 1199 -63.80 20.84 -14.25
N PRO C 1200 -64.72 21.54 -14.97
CA PRO C 1200 -64.52 22.93 -15.42
C PRO C 1200 -64.23 23.92 -14.28
N ASP C 1201 -64.70 23.63 -13.08
CA ASP C 1201 -64.49 24.45 -11.88
C ASP C 1201 -63.02 24.50 -11.42
N ALA C 1202 -62.24 23.44 -11.66
CA ALA C 1202 -60.84 23.33 -11.27
C ALA C 1202 -59.95 23.86 -12.42
N SER C 1203 -59.73 25.17 -12.48
CA SER C 1203 -59.08 25.83 -13.62
C SER C 1203 -57.67 25.31 -13.90
N ILE C 1204 -57.43 24.82 -15.13
CA ILE C 1204 -56.12 24.38 -15.63
C ILE C 1204 -55.57 25.40 -16.63
N THR C 1205 -54.26 25.62 -16.57
CA THR C 1205 -53.52 26.49 -17.50
C THR C 1205 -52.37 25.72 -18.15
N MET C 1206 -52.03 26.06 -19.39
CA MET C 1206 -50.89 25.52 -20.12
C MET C 1206 -49.89 26.63 -20.46
N CYS C 1207 -48.58 26.37 -20.34
CA CYS C 1207 -47.58 27.30 -20.84
C CYS C 1207 -47.66 27.40 -22.38
N PRO C 1208 -47.77 28.61 -22.96
CA PRO C 1208 -47.87 28.77 -24.41
C PRO C 1208 -46.57 28.38 -25.15
N SER C 1209 -45.45 28.23 -24.43
CA SER C 1209 -44.15 27.90 -25.03
C SER C 1209 -43.74 26.44 -24.90
N CYS C 1210 -43.75 25.87 -23.70
CA CYS C 1210 -43.36 24.46 -23.50
C CYS C 1210 -44.54 23.48 -23.46
N PHE C 1211 -45.77 23.99 -23.50
CA PHE C 1211 -46.99 23.18 -23.50
C PHE C 1211 -47.18 22.24 -22.29
N GLN C 1212 -46.47 22.49 -21.18
CA GLN C 1212 -46.70 21.83 -19.90
C GLN C 1212 -47.98 22.37 -19.25
N MET C 1213 -48.64 21.52 -18.45
CA MET C 1213 -49.96 21.79 -17.88
C MET C 1213 -49.90 21.86 -16.34
N PHE C 1214 -50.68 22.77 -15.79
CA PHE C 1214 -50.61 23.19 -14.39
C PHE C 1214 -52.01 23.53 -13.86
N HIS C 1215 -52.23 23.43 -12.55
CA HIS C 1215 -53.31 24.20 -11.94
C HIS C 1215 -53.06 25.69 -12.16
N SER C 1216 -54.09 26.43 -12.58
CA SER C 1216 -53.95 27.82 -13.01
C SER C 1216 -53.41 28.70 -11.88
N GLU C 1217 -53.91 28.49 -10.66
CA GLU C 1217 -53.44 29.24 -9.50
C GLU C 1217 -51.96 28.99 -9.18
N ASP C 1218 -51.51 27.75 -9.34
CA ASP C 1218 -50.09 27.41 -9.17
C ASP C 1218 -49.24 28.03 -10.28
N TYR C 1219 -49.66 27.94 -11.54
CA TYR C 1219 -48.91 28.52 -12.65
C TYR C 1219 -48.81 30.04 -12.53
N GLU C 1220 -49.94 30.71 -12.24
CA GLU C 1220 -49.97 32.15 -11.99
C GLU C 1220 -48.98 32.50 -10.88
N LEU C 1221 -49.02 31.78 -9.75
CA LEU C 1221 -48.11 32.03 -8.65
C LEU C 1221 -46.64 31.82 -9.06
N LEU C 1222 -46.30 30.69 -9.68
CA LEU C 1222 -44.93 30.36 -10.08
C LEU C 1222 -44.38 31.37 -11.10
N VAL C 1223 -45.19 31.77 -12.08
CA VAL C 1223 -44.82 32.81 -13.05
C VAL C 1223 -44.59 34.15 -12.37
N LEU C 1224 -45.49 34.56 -11.47
CA LEU C 1224 -45.34 35.82 -10.74
C LEU C 1224 -44.12 35.81 -9.79
N GLN C 1225 -43.77 34.66 -9.21
CA GLN C 1225 -42.56 34.50 -8.38
C GLN C 1225 -41.27 34.59 -9.20
N HIS C 1226 -41.14 33.77 -10.24
CA HIS C 1226 -39.88 33.62 -10.99
C HIS C 1226 -39.76 34.55 -12.22
N GLY C 1227 -40.81 35.30 -12.54
CA GLY C 1227 -40.91 36.18 -13.72
C GLY C 1227 -41.05 35.43 -15.05
N CYS C 1228 -41.20 34.11 -15.00
CA CYS C 1228 -41.14 33.22 -16.16
C CYS C 1228 -41.78 31.85 -15.85
N CYS C 1229 -42.05 31.05 -16.88
CA CYS C 1229 -42.43 29.65 -16.73
C CYS C 1229 -41.33 28.88 -15.97
N PRO C 1230 -41.65 28.11 -14.91
CA PRO C 1230 -40.64 27.36 -14.16
C PRO C 1230 -39.95 26.26 -14.99
N TYR C 1231 -40.61 25.74 -16.03
CA TYR C 1231 -40.09 24.65 -16.86
C TYR C 1231 -39.18 25.16 -17.99
N CYS C 1232 -39.62 26.16 -18.78
CA CYS C 1232 -38.86 26.67 -19.93
C CYS C 1232 -38.18 28.03 -19.73
N ARG C 1233 -38.32 28.67 -18.56
CA ARG C 1233 -37.69 29.95 -18.18
C ARG C 1233 -38.04 31.15 -19.09
N ARG C 1234 -39.06 31.02 -19.96
CA ARG C 1234 -39.60 32.11 -20.79
C ARG C 1234 -40.56 33.00 -20.01
N CYS C 1235 -40.47 34.31 -20.22
CA CYS C 1235 -41.41 35.29 -19.66
C CYS C 1235 -42.79 35.21 -20.34
N LYS C 1236 -43.82 35.72 -19.66
CA LYS C 1236 -45.21 35.78 -20.14
C LYS C 1236 -45.39 36.56 -21.46
N ASP C 1237 -44.42 37.42 -21.79
CA ASP C 1237 -44.33 38.15 -23.06
C ASP C 1237 -44.22 37.25 -24.30
N ASP C 1238 -43.87 35.96 -24.17
CA ASP C 1238 -43.75 35.04 -25.29
C ASP C 1238 -44.97 34.09 -25.42
N PRO C 1239 -45.85 34.26 -26.43
CA PRO C 1239 -46.93 33.34 -26.73
C PRO C 1239 -46.52 32.19 -27.68
N GLY C 1240 -45.29 32.19 -28.21
CA GLY C 1240 -44.83 31.23 -29.22
C GLY C 1240 -44.32 29.92 -28.62
N PRO C 1241 -44.36 28.80 -29.40
CA PRO C 1241 -43.94 27.47 -28.96
C PRO C 1241 -42.47 27.41 -28.51
#